data_6CWD
#
_entry.id   6CWD
#
_cell.length_a   219.540
_cell.length_b   65.100
_cell.length_c   148.210
_cell.angle_alpha   90.00
_cell.angle_beta   101.65
_cell.angle_gamma   90.00
#
_symmetry.space_group_name_H-M   'C 1 2 1'
#
loop_
_entity.id
_entity.type
_entity.pdbx_description
1 polymer 'Single chain variable fragment (scFv) e13'
2 polymer 'Capsid protein'
#
loop_
_entity_poly.entity_id
_entity_poly.type
_entity_poly.pdbx_seq_one_letter_code
_entity_poly.pdbx_strand_id
1 'polypeptide(L)'
;AAELVLTQTPSSVSAAVGGTVTINCQASQSISSRLGWYQQKPGQPPKLLIYGASTLTSVGPSRFKGSGSGTEFTLTISGV
QRDDAATYYCLGSDTSTDTAFGGGTEVVVKGGSSRSSSSGGGGSGGGGQEQLVESGGRLVPPGGSLTLTCTVSGIDLSSN
AISWVRQAPGKGLEYIGIIYGGSIPYYSRWAKGRFTISKTSTTVALKMSTLTASDTATYFCARGKSDGDGYAAYRLDPWG
LGTLVTISSLVPRGSHHHHHH
;
B,G,A,E
2 'polypeptide(L)'
;MDIDPYKEFGATVELLSFLPSDFFPSVRDLLDTAAALYRDALESPEHASPHHTALRQAILCWGDLMTLATWVGTNLEDPA
SRDLVVSYVNTNVGLKFRQLLWFHISALTFGRETVLEYLVSFGVWIRTPPAYRPPNAPILSTLPETTVV
;
D,H,C,F
#
# COMPACT_ATOMS: atom_id res chain seq x y z
N GLU A 3 37.36 29.72 2.30
CA GLU A 3 36.91 31.01 2.82
C GLU A 3 36.34 31.92 1.74
N LEU A 4 35.24 32.59 2.07
CA LEU A 4 34.45 33.35 1.11
C LEU A 4 34.36 34.81 1.55
N VAL A 5 34.72 35.72 0.64
CA VAL A 5 34.41 37.13 0.78
C VAL A 5 33.66 37.57 -0.47
N LEU A 6 32.60 38.35 -0.27
CA LEU A 6 31.71 38.76 -1.36
C LEU A 6 31.87 40.27 -1.54
N THR A 7 32.47 40.68 -2.64
CA THR A 7 32.77 42.07 -2.91
C THR A 7 31.72 42.66 -3.85
N GLN A 8 31.02 43.68 -3.38
CA GLN A 8 29.76 44.13 -3.96
C GLN A 8 29.92 45.55 -4.50
N THR A 9 29.70 45.70 -5.79
CA THR A 9 29.85 46.98 -6.48
C THR A 9 28.58 47.27 -7.26
N PRO A 10 28.27 48.54 -7.54
CA PRO A 10 28.86 49.80 -7.06
C PRO A 10 28.42 50.11 -5.64
N SER A 11 29.30 50.74 -4.84
CA SER A 11 29.01 50.91 -3.43
C SER A 11 27.73 51.70 -3.18
N SER A 12 27.36 52.59 -4.09
CA SER A 12 26.10 53.29 -4.00
C SER A 12 25.60 53.68 -5.39
N VAL A 13 24.29 53.62 -5.58
CA VAL A 13 23.63 54.08 -6.79
C VAL A 13 22.69 55.21 -6.43
N SER A 14 22.74 56.29 -7.20
CA SER A 14 21.74 57.34 -7.15
C SER A 14 21.02 57.32 -8.49
N ALA A 15 19.78 56.84 -8.50
CA ALA A 15 19.02 56.71 -9.73
C ALA A 15 17.71 57.46 -9.61
N ALA A 16 16.94 57.48 -10.69
CA ALA A 16 15.69 58.21 -10.73
C ALA A 16 14.53 57.26 -11.00
N VAL A 17 13.32 57.81 -10.93
CA VAL A 17 12.11 57.01 -11.05
C VAL A 17 11.99 56.45 -12.46
N GLY A 18 11.60 55.19 -12.56
CA GLY A 18 11.48 54.54 -13.85
C GLY A 18 12.80 54.14 -14.46
N GLY A 19 13.92 54.60 -13.92
CA GLY A 19 15.21 54.13 -14.37
C GLY A 19 15.57 52.79 -13.76
N THR A 20 16.65 52.20 -14.27
CA THR A 20 17.08 50.86 -13.86
C THR A 20 18.22 50.97 -12.85
N VAL A 21 18.22 50.09 -11.85
CA VAL A 21 19.33 50.04 -10.90
C VAL A 21 19.98 48.67 -11.01
N THR A 22 21.32 48.65 -11.07
CA THR A 22 22.10 47.44 -11.29
C THR A 22 23.12 47.26 -10.19
N ILE A 23 23.19 46.04 -9.65
CA ILE A 23 24.01 45.70 -8.49
C ILE A 23 24.78 44.44 -8.81
N ASN A 24 26.02 44.37 -8.33
CA ASN A 24 26.99 43.34 -8.66
C ASN A 24 27.62 42.78 -7.39
N CYS A 25 27.86 41.47 -7.40
CA CYS A 25 28.45 40.73 -6.29
C CYS A 25 29.45 39.74 -6.90
N GLN A 26 30.71 39.85 -6.52
CA GLN A 26 31.74 38.92 -6.99
C GLN A 26 32.30 38.13 -5.81
N ALA A 27 32.34 36.80 -5.97
CA ALA A 27 32.66 35.92 -4.85
C ALA A 27 34.14 35.55 -4.85
N SER A 28 34.55 34.85 -3.76
CA SER A 28 35.91 34.33 -3.66
C SER A 28 36.06 32.91 -4.18
N GLN A 29 34.96 32.17 -4.29
CA GLN A 29 34.93 30.85 -4.88
C GLN A 29 33.63 30.72 -5.64
N SER A 30 33.51 29.64 -6.41
CA SER A 30 32.20 29.32 -6.96
C SER A 30 31.39 28.72 -5.81
N ILE A 31 30.35 29.44 -5.38
CA ILE A 31 29.45 29.00 -4.33
C ILE A 31 28.18 28.39 -4.89
N SER A 32 28.14 28.16 -6.20
CA SER A 32 26.97 27.66 -6.94
C SER A 32 25.84 28.70 -6.78
N SER A 33 24.60 28.27 -6.58
CA SER A 33 23.44 29.14 -6.52
C SER A 33 23.10 29.57 -5.11
N ARG A 34 24.03 29.40 -4.17
CA ARG A 34 23.84 29.48 -2.72
C ARG A 34 23.83 30.92 -2.23
N LEU A 35 23.50 31.84 -3.13
CA LEU A 35 23.41 33.27 -2.87
C LEU A 35 21.98 33.70 -2.57
N GLY A 36 21.86 34.81 -1.82
CA GLY A 36 20.58 35.47 -1.68
C GLY A 36 20.74 36.98 -1.64
N TRP A 37 19.67 37.65 -2.04
CA TRP A 37 19.59 39.10 -2.20
C TRP A 37 18.60 39.64 -1.18
N TYR A 38 19.06 40.57 -0.35
CA TYR A 38 18.32 41.05 0.82
C TYR A 38 18.21 42.56 0.79
N GLN A 39 17.03 43.07 1.15
CA GLN A 39 16.74 44.49 1.23
C GLN A 39 16.66 44.92 2.68
N GLN A 40 17.49 45.88 3.06
CA GLN A 40 17.40 46.51 4.38
C GLN A 40 17.02 47.98 4.20
N LYS A 41 15.85 48.33 4.67
CA LYS A 41 15.48 49.73 4.79
C LYS A 41 15.95 50.26 6.13
N PRO A 42 16.14 51.58 6.26
CA PRO A 42 16.82 52.11 7.45
C PRO A 42 16.05 51.82 8.73
N GLY A 43 16.77 51.35 9.76
CA GLY A 43 16.20 51.16 11.07
C GLY A 43 15.36 49.91 11.22
N GLN A 44 14.89 49.34 10.11
CA GLN A 44 14.15 48.10 10.13
C GLN A 44 15.12 46.92 10.21
N PRO A 45 14.61 45.70 10.33
CA PRO A 45 15.45 44.53 10.05
C PRO A 45 15.56 44.30 8.55
N PRO A 46 16.58 43.56 8.12
CA PRO A 46 16.68 43.18 6.70
C PRO A 46 15.52 42.29 6.28
N LYS A 47 15.37 42.15 4.97
CA LYS A 47 14.29 41.38 4.37
C LYS A 47 14.86 40.50 3.28
N LEU A 48 14.27 39.32 3.11
CA LEU A 48 14.69 38.41 2.04
C LEU A 48 13.92 38.76 0.78
N LEU A 49 14.65 39.02 -0.30
CA LEU A 49 14.06 39.29 -1.60
C LEU A 49 14.21 38.11 -2.54
N ILE A 50 15.45 37.74 -2.84
CA ILE A 50 15.69 36.64 -3.77
C ILE A 50 16.59 35.63 -3.07
N TYR A 51 16.40 34.35 -3.40
CA TYR A 51 17.28 33.31 -2.91
C TYR A 51 17.61 32.38 -4.06
N GLY A 52 18.77 31.72 -3.97
CA GLY A 52 19.15 30.81 -5.03
C GLY A 52 19.38 31.50 -6.36
N ALA A 53 19.88 32.74 -6.32
CA ALA A 53 20.41 33.45 -7.48
C ALA A 53 19.33 33.88 -8.46
N SER A 54 18.17 33.24 -8.40
CA SER A 54 17.08 33.51 -9.32
C SER A 54 15.75 33.63 -8.58
N THR A 55 15.37 32.56 -7.88
CA THR A 55 14.02 32.37 -7.39
C THR A 55 13.54 33.54 -6.54
N LEU A 56 12.44 34.14 -6.95
CA LEU A 56 11.86 35.27 -6.26
C LEU A 56 10.95 34.80 -5.14
N THR A 57 10.93 35.57 -4.05
CA THR A 57 10.16 35.22 -2.86
C THR A 57 8.72 35.68 -3.01
N SER A 58 8.00 35.65 -1.88
CA SER A 58 6.58 35.93 -1.81
C SER A 58 6.19 37.27 -2.41
N VAL A 59 6.51 38.36 -1.71
CA VAL A 59 5.96 39.66 -2.08
C VAL A 59 6.71 40.33 -3.23
N GLY A 60 7.98 40.00 -3.44
CA GLY A 60 8.86 40.72 -4.36
C GLY A 60 8.24 40.91 -5.74
N PRO A 61 8.11 42.16 -6.20
CA PRO A 61 7.54 42.45 -7.52
C PRO A 61 8.51 42.14 -8.64
N SER A 62 7.95 41.69 -9.75
CA SER A 62 8.73 41.16 -10.85
C SER A 62 9.73 42.17 -11.41
N ARG A 63 9.63 43.45 -11.03
CA ARG A 63 10.67 44.40 -11.38
C ARG A 63 11.98 44.10 -10.67
N PHE A 64 11.94 43.30 -9.59
CA PHE A 64 13.14 42.79 -8.93
C PHE A 64 13.56 41.47 -9.57
N LYS A 65 14.84 41.36 -9.95
CA LYS A 65 15.31 40.09 -10.48
C LYS A 65 16.80 39.88 -10.20
N GLY A 66 17.16 38.65 -9.84
CA GLY A 66 18.55 38.25 -9.69
C GLY A 66 19.02 37.37 -10.83
N SER A 67 20.34 37.22 -10.92
CA SER A 67 20.95 36.44 -12.00
C SER A 67 22.37 36.05 -11.61
N GLY A 68 22.90 35.08 -12.34
CA GLY A 68 24.25 34.60 -12.13
C GLY A 68 24.29 33.35 -11.26
N SER A 69 25.42 32.66 -11.32
CA SER A 69 25.71 31.50 -10.48
C SER A 69 27.23 31.34 -10.43
N GLY A 70 27.70 30.52 -9.51
CA GLY A 70 29.15 30.45 -9.35
C GLY A 70 29.71 31.69 -8.68
N THR A 71 30.52 32.45 -9.42
CA THR A 71 31.20 33.63 -8.89
C THR A 71 30.42 34.92 -9.14
N GLU A 72 30.12 35.24 -10.40
CA GLU A 72 29.47 36.50 -10.75
C GLU A 72 27.96 36.45 -10.47
N PHE A 73 27.49 37.34 -9.59
CA PHE A 73 26.08 37.45 -9.24
C PHE A 73 25.61 38.87 -9.48
N THR A 74 24.44 39.03 -10.07
CA THR A 74 23.96 40.36 -10.47
C THR A 74 22.49 40.53 -10.15
N LEU A 75 22.17 41.56 -9.37
CA LEU A 75 20.81 41.95 -9.04
C LEU A 75 20.41 43.17 -9.87
N THR A 76 19.19 43.17 -10.38
CA THR A 76 18.71 44.28 -11.19
C THR A 76 17.26 44.61 -10.87
N ILE A 77 17.01 45.88 -10.59
CA ILE A 77 15.66 46.43 -10.44
C ILE A 77 15.31 47.12 -11.75
N SER A 78 14.35 46.55 -12.47
CA SER A 78 14.13 46.87 -13.87
C SER A 78 13.74 48.34 -14.06
N GLY A 79 12.79 48.82 -13.26
CA GLY A 79 12.65 50.24 -13.10
C GLY A 79 12.15 50.50 -11.70
N VAL A 80 12.63 51.57 -11.09
CA VAL A 80 12.74 51.64 -9.64
C VAL A 80 11.77 52.68 -9.12
N GLN A 81 11.04 52.32 -8.06
CA GLN A 81 10.08 53.23 -7.45
C GLN A 81 10.69 53.80 -6.17
N ARG A 82 9.95 54.73 -5.57
CA ARG A 82 10.38 55.25 -4.27
C ARG A 82 10.47 54.12 -3.25
N ASP A 83 9.59 53.13 -3.38
CA ASP A 83 9.55 51.99 -2.48
C ASP A 83 10.90 51.31 -2.37
N ASP A 84 11.61 51.18 -3.48
CA ASP A 84 12.77 50.30 -3.54
C ASP A 84 14.03 50.93 -3.00
N ALA A 85 13.97 52.15 -2.46
CA ALA A 85 15.18 52.85 -2.03
C ALA A 85 15.58 52.33 -0.66
N ALA A 86 16.70 51.64 -0.60
CA ALA A 86 17.19 50.96 0.59
C ALA A 86 18.60 50.49 0.30
N THR A 87 19.24 49.88 1.30
CA THR A 87 20.56 49.31 1.10
C THR A 87 20.43 47.82 0.86
N TYR A 88 21.09 47.34 -0.18
CA TYR A 88 20.90 45.99 -0.69
C TYR A 88 22.16 45.16 -0.48
N TYR A 89 21.97 43.93 -0.02
CA TYR A 89 23.06 43.02 0.30
C TYR A 89 22.92 41.72 -0.48
N CYS A 90 24.07 41.08 -0.73
CA CYS A 90 24.14 39.69 -1.18
C CYS A 90 24.78 38.87 -0.06
N LEU A 91 24.07 37.84 0.38
CA LEU A 91 24.59 36.91 1.39
C LEU A 91 24.81 35.57 0.70
N GLY A 92 26.09 35.22 0.49
CA GLY A 92 26.45 33.92 -0.04
C GLY A 92 26.97 32.98 1.02
N SER A 93 26.85 31.67 0.74
CA SER A 93 27.28 30.64 1.68
C SER A 93 28.05 29.57 0.92
N ASP A 94 29.33 29.43 1.22
CA ASP A 94 30.13 28.33 0.67
C ASP A 94 29.78 27.05 1.39
N THR A 95 30.13 26.98 2.68
CA THR A 95 29.53 26.08 3.64
C THR A 95 28.75 26.92 4.64
N SER A 96 28.10 26.27 5.58
CA SER A 96 27.49 27.06 6.65
C SER A 96 28.54 27.67 7.57
N THR A 97 29.82 27.34 7.37
CA THR A 97 30.94 28.00 8.02
C THR A 97 31.35 29.25 7.25
N ASP A 98 31.73 29.10 5.99
CA ASP A 98 32.15 30.26 5.19
C ASP A 98 30.89 30.84 4.53
N THR A 99 30.41 31.92 5.10
CA THR A 99 29.19 32.59 4.65
C THR A 99 29.37 34.07 4.94
N ALA A 100 29.06 34.93 3.98
CA ALA A 100 29.25 36.35 4.23
C ALA A 100 28.32 37.17 3.35
N PHE A 101 27.98 38.36 3.87
CA PHE A 101 27.31 39.42 3.13
C PHE A 101 28.32 40.23 2.33
N GLY A 102 27.83 40.89 1.28
CA GLY A 102 28.59 41.93 0.63
C GLY A 102 28.72 43.14 1.53
N GLY A 103 29.36 44.18 1.00
CA GLY A 103 29.56 45.40 1.77
C GLY A 103 28.34 46.29 1.86
N GLY A 104 27.35 46.08 1.00
CA GLY A 104 26.15 46.90 0.94
C GLY A 104 26.22 47.93 -0.16
N THR A 105 25.09 48.17 -0.83
CA THR A 105 24.98 49.20 -1.86
C THR A 105 23.64 49.90 -1.72
N GLU A 106 23.67 51.20 -1.42
CA GLU A 106 22.43 51.89 -1.09
C GLU A 106 21.87 52.53 -2.35
N VAL A 107 20.68 52.10 -2.75
CA VAL A 107 19.96 52.70 -3.85
C VAL A 107 19.26 53.95 -3.33
N VAL A 108 19.61 55.10 -3.90
CA VAL A 108 18.95 56.37 -3.58
C VAL A 108 18.08 56.73 -4.77
N VAL A 109 16.78 56.89 -4.54
CA VAL A 109 15.83 57.12 -5.62
C VAL A 109 15.19 58.49 -5.45
N LYS A 110 14.99 59.17 -6.58
CA LYS A 110 14.52 60.55 -6.61
C LYS A 110 13.20 60.63 -7.36
N GLY A 111 12.17 61.13 -6.68
CA GLY A 111 10.87 61.29 -7.30
C GLY A 111 9.71 61.16 -6.34
N GLU A 130 4.41 32.63 13.42
CA GLU A 130 5.79 32.43 13.01
C GLU A 130 6.56 33.72 13.20
N GLN A 131 7.45 33.76 14.18
CA GLN A 131 7.97 35.05 14.63
C GLN A 131 9.03 34.83 15.70
N LEU A 132 9.91 35.82 15.87
CA LEU A 132 11.13 35.67 16.66
C LEU A 132 11.38 36.91 17.51
N VAL A 133 11.58 36.71 18.81
CA VAL A 133 11.88 37.82 19.73
C VAL A 133 13.30 37.63 20.26
N GLU A 134 14.21 38.49 19.82
CA GLU A 134 15.51 38.57 20.47
C GLU A 134 15.37 39.22 21.84
N SER A 135 16.36 39.00 22.70
CA SER A 135 16.34 39.56 24.03
C SER A 135 17.76 39.56 24.59
N GLY A 136 17.91 40.13 25.78
CA GLY A 136 19.17 40.12 26.49
C GLY A 136 20.16 41.21 26.12
N GLY A 137 19.90 41.96 25.05
CA GLY A 137 20.84 43.00 24.62
C GLY A 137 20.88 44.16 25.60
N ARG A 138 22.08 44.52 26.04
CA ARG A 138 22.24 45.51 27.09
C ARG A 138 23.65 46.10 26.99
N LEU A 139 24.06 46.81 28.05
CA LEU A 139 25.37 47.45 28.13
C LEU A 139 26.32 46.55 28.93
N VAL A 140 27.39 46.10 28.29
CA VAL A 140 28.32 45.14 28.88
C VAL A 140 29.74 45.69 28.84
N PRO A 141 30.57 45.49 29.85
CA PRO A 141 31.94 46.02 29.83
C PRO A 141 32.82 45.23 28.88
N PRO A 142 33.96 45.79 28.47
CA PRO A 142 34.88 45.03 27.62
C PRO A 142 35.38 43.78 28.34
N GLY A 143 35.63 42.73 27.55
CA GLY A 143 36.09 41.47 28.08
C GLY A 143 35.06 40.66 28.83
N GLY A 144 33.87 41.22 29.08
CA GLY A 144 32.81 40.47 29.72
C GLY A 144 32.14 39.52 28.76
N SER A 145 31.14 38.81 29.28
CA SER A 145 30.36 37.88 28.48
C SER A 145 28.93 38.37 28.35
N LEU A 146 28.16 37.67 27.52
CA LEU A 146 26.77 38.01 27.31
C LEU A 146 26.05 36.81 26.74
N THR A 147 24.73 36.79 26.93
CA THR A 147 23.89 35.72 26.40
C THR A 147 22.63 36.34 25.82
N LEU A 148 22.38 36.08 24.55
CA LEU A 148 21.18 36.50 23.87
C LEU A 148 20.22 35.33 23.75
N THR A 149 18.93 35.62 23.82
CA THR A 149 17.90 34.60 23.67
C THR A 149 17.06 34.94 22.45
N CYS A 150 17.03 34.02 21.49
CA CYS A 150 16.15 34.14 20.34
C CYS A 150 14.95 33.26 20.65
N THR A 151 13.82 33.89 20.97
CA THR A 151 12.62 33.19 21.38
C THR A 151 11.82 32.96 20.11
N VAL A 152 11.76 31.73 19.67
CA VAL A 152 11.22 31.38 18.37
C VAL A 152 9.81 30.86 18.58
N SER A 153 8.91 31.24 17.70
CA SER A 153 7.51 30.88 17.79
C SER A 153 7.01 30.56 16.40
N GLY A 154 6.01 29.67 16.34
CA GLY A 154 5.45 29.28 15.08
C GLY A 154 6.37 28.53 14.16
N ILE A 155 7.57 28.18 14.61
CA ILE A 155 8.57 27.50 13.79
C ILE A 155 8.92 26.17 14.44
N ASP A 156 9.24 25.18 13.61
CA ASP A 156 9.66 23.87 14.09
C ASP A 156 11.18 23.88 14.18
N LEU A 157 11.70 23.88 15.41
CA LEU A 157 13.15 23.93 15.60
C LEU A 157 13.83 22.63 15.20
N SER A 158 13.08 21.56 14.94
CA SER A 158 13.65 20.34 14.40
C SER A 158 13.72 20.32 12.87
N SER A 159 12.91 21.14 12.18
CA SER A 159 13.00 21.21 10.72
C SER A 159 13.64 22.47 10.17
N ASN A 160 13.93 23.48 10.99
CA ASN A 160 14.39 24.76 10.50
C ASN A 160 15.61 25.21 11.27
N ALA A 161 16.38 26.10 10.66
CA ALA A 161 17.63 26.55 11.28
C ALA A 161 17.44 27.96 11.84
N ILE A 162 18.16 28.26 12.90
CA ILE A 162 18.19 29.61 13.45
C ILE A 162 19.60 30.14 13.30
N SER A 163 19.73 31.26 12.60
CA SER A 163 21.01 31.88 12.31
C SER A 163 21.14 33.19 13.07
N TRP A 164 22.37 33.53 13.40
CA TRP A 164 22.71 34.76 14.09
C TRP A 164 23.52 35.65 13.18
N VAL A 165 22.98 36.86 12.93
CA VAL A 165 23.58 37.89 12.10
C VAL A 165 23.70 39.13 12.97
N ARG A 166 24.70 39.98 12.69
CA ARG A 166 24.87 41.20 13.45
C ARG A 166 25.19 42.35 12.51
N GLN A 167 24.87 43.57 12.96
CA GLN A 167 25.19 44.77 12.21
C GLN A 167 25.60 45.89 13.16
N ALA A 168 26.78 46.45 12.94
CA ALA A 168 27.25 47.56 13.76
C ALA A 168 26.45 48.81 13.41
N PRO A 169 26.49 49.85 14.25
CA PRO A 169 25.73 51.07 13.91
C PRO A 169 26.24 51.67 12.61
N GLY A 170 25.32 51.85 11.67
CA GLY A 170 25.64 52.39 10.36
C GLY A 170 26.58 51.54 9.51
N LYS A 171 26.70 50.25 9.79
CA LYS A 171 27.60 49.37 9.06
C LYS A 171 26.81 48.30 8.30
N GLY A 172 27.55 47.39 7.67
CA GLY A 172 26.95 46.31 6.91
C GLY A 172 26.56 45.13 7.78
N LEU A 173 26.03 44.10 7.12
CA LEU A 173 25.62 42.88 7.79
C LEU A 173 26.77 41.89 7.83
N GLU A 174 26.93 41.22 8.97
CA GLU A 174 28.02 40.28 9.19
C GLU A 174 27.46 38.97 9.73
N TYR A 175 27.66 37.88 8.99
CA TYR A 175 27.15 36.59 9.39
C TYR A 175 27.95 36.04 10.57
N ILE A 176 27.26 35.69 11.65
CA ILE A 176 27.90 35.07 12.80
C ILE A 176 27.81 33.55 12.69
N GLY A 177 26.61 33.01 12.90
CA GLY A 177 26.52 31.57 12.99
C GLY A 177 25.17 31.02 12.62
N ILE A 178 24.99 29.72 12.79
CA ILE A 178 23.71 29.08 12.49
C ILE A 178 23.63 27.80 13.30
N ILE A 179 22.42 27.32 13.52
CA ILE A 179 22.18 26.05 14.21
C ILE A 179 21.02 25.37 13.53
N TYR A 180 21.19 24.08 13.21
CA TYR A 180 20.23 23.35 12.41
C TYR A 180 19.19 22.68 13.30
N GLY A 181 18.31 21.91 12.68
CA GLY A 181 17.42 21.04 13.44
C GLY A 181 18.15 19.91 14.13
N GLY A 182 19.22 19.41 13.52
CA GLY A 182 20.05 18.39 14.11
C GLY A 182 20.91 18.88 15.25
N SER A 183 20.72 20.14 15.64
CA SER A 183 21.37 20.73 16.81
C SER A 183 22.88 20.79 16.67
N ILE A 184 23.36 20.96 15.44
CA ILE A 184 24.79 21.09 15.16
C ILE A 184 25.08 22.55 14.83
N PRO A 185 25.80 23.27 15.67
CA PRO A 185 26.10 24.68 15.40
C PRO A 185 27.22 24.84 14.38
N TYR A 186 27.24 26.01 13.75
CA TYR A 186 28.27 26.37 12.80
C TYR A 186 28.59 27.86 12.95
N TYR A 187 29.88 28.18 12.92
CA TYR A 187 30.33 29.54 13.13
C TYR A 187 31.21 29.98 11.97
N SER A 188 31.27 31.30 11.77
CA SER A 188 32.19 31.90 10.81
C SER A 188 33.59 31.91 11.39
N ARG A 189 34.58 31.97 10.49
CA ARG A 189 35.97 31.89 10.93
C ARG A 189 36.36 33.11 11.76
N TRP A 190 35.76 34.27 11.49
CA TRP A 190 36.06 35.43 12.33
C TRP A 190 35.51 35.25 13.74
N ALA A 191 34.39 34.55 13.87
CA ALA A 191 33.71 34.43 15.15
C ALA A 191 34.31 33.34 16.03
N LYS A 192 34.80 32.24 15.42
CA LYS A 192 35.02 31.00 16.15
C LYS A 192 35.85 31.21 17.40
N GLY A 193 35.49 30.48 18.45
CA GLY A 193 36.19 30.56 19.72
C GLY A 193 35.76 31.69 20.60
N ARG A 194 34.66 32.36 20.27
CA ARG A 194 34.09 33.37 21.14
C ARG A 194 32.58 33.13 21.25
N PHE A 195 31.91 33.15 20.11
CA PHE A 195 30.47 32.97 20.02
C PHE A 195 30.12 31.49 19.92
N THR A 196 29.22 31.03 20.80
CA THR A 196 28.71 29.66 20.75
C THR A 196 27.19 29.68 20.75
N ILE A 197 26.59 28.85 19.91
CA ILE A 197 25.14 28.79 19.75
C ILE A 197 24.61 27.56 20.49
N SER A 198 23.53 27.76 21.23
CA SER A 198 22.88 26.70 21.98
C SER A 198 21.39 26.74 21.69
N LYS A 199 20.70 25.66 22.07
CA LYS A 199 19.29 25.50 21.73
C LYS A 199 18.54 24.87 22.89
N THR A 200 17.36 25.39 23.19
CA THR A 200 16.39 24.73 24.06
C THR A 200 15.16 24.39 23.24
N SER A 201 14.15 23.86 23.94
CA SER A 201 12.92 23.47 23.29
C SER A 201 12.32 24.64 22.52
N THR A 202 12.15 25.77 23.19
CA THR A 202 11.50 26.93 22.60
C THR A 202 12.45 28.05 22.12
N THR A 203 13.77 27.97 22.36
CA THR A 203 14.63 29.12 22.09
C THR A 203 15.98 28.68 21.52
N VAL A 204 16.69 29.67 20.96
CA VAL A 204 18.05 29.52 20.47
C VAL A 204 18.88 30.66 21.05
N ALA A 205 19.86 30.32 21.89
CA ALA A 205 20.62 31.32 22.64
C ALA A 205 22.03 31.46 22.09
N LEU A 206 22.52 32.70 22.05
CA LEU A 206 23.85 33.03 21.55
C LEU A 206 24.71 33.49 22.72
N LYS A 207 25.73 32.71 23.06
CA LYS A 207 26.68 33.07 24.11
C LYS A 207 27.89 33.74 23.48
N MET A 208 28.32 34.85 24.09
CA MET A 208 29.37 35.70 23.56
C MET A 208 30.42 35.89 24.66
N SER A 209 31.68 35.56 24.36
CA SER A 209 32.73 35.71 25.36
C SER A 209 33.58 36.94 25.07
N THR A 210 34.40 37.32 26.06
CA THR A 210 35.43 38.36 25.99
C THR A 210 35.06 39.45 24.99
N LEU A 211 33.96 40.15 25.26
CA LEU A 211 33.40 41.07 24.26
C LEU A 211 34.27 42.30 24.14
N THR A 212 34.70 42.59 22.93
CA THR A 212 35.51 43.77 22.62
C THR A 212 34.63 44.80 21.92
N ALA A 213 34.99 46.08 22.11
CA ALA A 213 34.17 47.18 21.58
C ALA A 213 33.90 47.06 20.09
N SER A 214 34.70 46.27 19.36
CA SER A 214 34.44 46.02 17.95
C SER A 214 33.10 45.34 17.72
N ASP A 215 32.51 44.74 18.77
CA ASP A 215 31.27 43.97 18.64
C ASP A 215 30.02 44.71 19.05
N THR A 216 30.09 45.98 19.45
CA THR A 216 28.87 46.72 19.74
C THR A 216 28.04 46.77 18.47
N ALA A 217 26.83 46.24 18.52
CA ALA A 217 26.08 46.04 17.28
C ALA A 217 24.66 45.62 17.63
N THR A 218 23.86 45.41 16.58
CA THR A 218 22.51 44.91 16.68
C THR A 218 22.51 43.47 16.22
N TYR A 219 22.13 42.57 17.13
CA TYR A 219 22.10 41.14 16.83
C TYR A 219 20.69 40.75 16.45
N PHE A 220 20.55 40.17 15.27
CA PHE A 220 19.34 39.56 14.76
C PHE A 220 19.52 38.05 14.73
N CYS A 221 18.42 37.33 14.89
CA CYS A 221 18.34 35.94 14.53
C CYS A 221 17.29 35.79 13.44
N ALA A 222 17.55 34.93 12.47
CA ALA A 222 16.62 34.71 11.38
C ALA A 222 16.55 33.23 11.07
N ARG A 223 15.37 32.78 10.66
CA ARG A 223 15.19 31.37 10.35
C ARG A 223 15.76 31.08 8.96
N GLY A 224 16.76 30.21 8.91
CA GLY A 224 17.21 29.68 7.65
C GLY A 224 16.34 28.50 7.22
N LYS A 225 16.04 28.48 5.92
CA LYS A 225 15.31 27.41 5.25
C LYS A 225 16.31 26.63 4.42
N SER A 226 16.40 25.33 4.65
CA SER A 226 17.37 24.51 3.97
C SER A 226 16.89 24.12 2.57
N ASP A 227 17.85 24.02 1.65
CA ASP A 227 17.60 23.48 0.32
C ASP A 227 17.55 21.97 0.42
N GLY A 228 17.49 21.29 -0.73
CA GLY A 228 17.51 19.83 -0.71
C GLY A 228 18.80 19.27 -0.12
N ASP A 229 19.89 20.02 -0.22
CA ASP A 229 21.19 19.58 0.28
C ASP A 229 21.52 20.12 1.66
N GLY A 230 20.61 20.85 2.29
CA GLY A 230 20.82 21.29 3.66
C GLY A 230 21.74 22.47 3.85
N TYR A 231 21.65 23.49 3.00
CA TYR A 231 22.33 24.77 3.20
C TYR A 231 21.27 25.80 3.58
N ALA A 232 21.25 26.19 4.84
CA ALA A 232 20.28 27.20 5.29
C ALA A 232 20.86 28.59 5.41
N ALA A 233 22.18 28.77 5.26
CA ALA A 233 22.79 30.03 5.66
C ALA A 233 22.55 31.17 4.68
N TYR A 234 22.11 30.88 3.45
CA TYR A 234 21.86 31.95 2.50
C TYR A 234 20.41 32.44 2.49
N ARG A 235 19.48 31.68 3.03
CA ARG A 235 18.06 32.02 2.94
C ARG A 235 17.57 32.31 4.35
N LEU A 236 17.47 33.59 4.69
CA LEU A 236 17.14 33.99 6.06
C LEU A 236 15.88 34.84 6.00
N ASP A 237 14.79 34.29 6.52
CA ASP A 237 13.48 34.93 6.54
C ASP A 237 12.60 33.94 7.25
N PRO A 238 11.77 34.39 8.21
CA PRO A 238 11.66 35.77 8.69
C PRO A 238 12.85 36.25 9.53
N TRP A 239 12.77 37.50 9.98
CA TRP A 239 13.82 38.15 10.74
C TRP A 239 13.26 38.73 12.02
N GLY A 240 14.09 38.71 13.06
CA GLY A 240 13.76 39.40 14.29
C GLY A 240 13.94 40.90 14.14
N LEU A 241 13.63 41.60 15.22
CA LEU A 241 13.83 43.04 15.27
C LEU A 241 15.27 43.41 15.57
N GLY A 242 16.02 42.52 16.20
CA GLY A 242 17.38 42.79 16.63
C GLY A 242 17.42 43.39 18.03
N THR A 243 18.59 43.30 18.66
CA THR A 243 18.78 43.91 19.96
C THR A 243 20.18 44.51 20.04
N LEU A 244 20.28 45.64 20.73
CA LEU A 244 21.51 46.43 20.76
C LEU A 244 22.40 45.99 21.91
N VAL A 245 23.62 45.58 21.58
CA VAL A 245 24.67 45.30 22.55
C VAL A 245 25.69 46.43 22.47
N THR A 246 25.83 47.18 23.55
CA THR A 246 26.73 48.32 23.65
C THR A 246 27.85 47.97 24.61
N ILE A 247 29.09 48.03 24.13
CA ILE A 247 30.25 47.66 24.94
C ILE A 247 30.99 48.94 25.30
N SER A 248 31.00 49.28 26.59
CA SER A 248 31.75 50.42 27.07
C SER A 248 32.22 50.14 28.49
N SER A 249 33.43 50.63 28.81
CA SER A 249 33.98 50.54 30.15
C SER A 249 33.17 51.35 31.17
N LEU A 250 32.13 52.06 30.71
CA LEU A 250 31.18 52.74 31.57
C LEU A 250 30.16 51.78 32.17
N VAL A 251 30.29 50.48 31.87
CA VAL A 251 29.59 49.43 32.59
C VAL A 251 30.47 48.90 33.72
N PRO B 5 23.90 -1.65 9.53
CA PRO B 5 24.68 -0.47 9.14
C PRO B 5 24.65 0.62 10.20
N TYR B 6 23.80 0.42 11.18
CA TYR B 6 23.65 1.22 12.39
C TYR B 6 23.71 0.34 13.64
N LYS B 7 23.06 -0.83 13.59
CA LYS B 7 22.72 -1.72 14.71
C LYS B 7 23.72 -1.84 15.84
N GLU B 8 25.02 -1.95 15.54
CA GLU B 8 25.98 -2.11 16.63
C GLU B 8 25.90 -0.97 17.64
N PHE B 9 25.36 0.18 17.23
CA PHE B 9 25.21 1.34 18.09
C PHE B 9 23.81 1.47 18.70
N GLY B 10 22.89 0.57 18.36
CA GLY B 10 21.63 0.44 19.08
C GLY B 10 20.40 0.89 18.33
N ALA B 11 20.53 1.59 17.22
CA ALA B 11 19.38 1.99 16.42
C ALA B 11 19.29 1.13 15.16
N THR B 12 18.27 1.38 14.37
CA THR B 12 18.07 0.74 13.07
C THR B 12 17.94 1.82 12.00
N VAL B 13 17.67 1.38 10.77
CA VAL B 13 17.47 2.33 9.67
C VAL B 13 16.23 3.18 9.93
N GLU B 14 15.17 2.55 10.43
CA GLU B 14 13.89 3.22 10.67
C GLU B 14 14.07 4.53 11.46
N LEU B 15 14.76 4.44 12.59
CA LEU B 15 14.82 5.57 13.53
C LEU B 15 15.50 6.78 12.90
N LEU B 16 16.52 6.56 12.07
CA LEU B 16 17.14 7.69 11.37
C LEU B 16 16.33 8.13 10.17
N SER B 17 15.66 7.20 9.51
CA SER B 17 14.93 7.48 8.28
C SER B 17 13.56 8.11 8.55
N PHE B 18 13.22 8.37 9.81
CA PHE B 18 12.07 9.22 10.06
C PHE B 18 12.39 10.71 9.94
N LEU B 19 13.56 11.14 10.40
CA LEU B 19 13.85 12.57 10.49
C LEU B 19 13.76 13.22 9.12
N PRO B 20 13.18 14.42 9.03
CA PRO B 20 13.01 15.05 7.72
C PRO B 20 14.34 15.48 7.13
N SER B 21 14.34 15.64 5.81
CA SER B 21 15.58 15.89 5.07
C SER B 21 16.30 17.12 5.62
N ASP B 22 15.56 18.17 5.97
CA ASP B 22 16.17 19.42 6.42
C ASP B 22 16.56 19.39 7.89
N PHE B 23 16.36 18.26 8.57
CA PHE B 23 16.91 18.09 9.91
C PHE B 23 18.43 18.00 9.90
N PHE B 24 19.04 17.74 8.73
CA PHE B 24 20.48 17.48 8.71
C PHE B 24 21.22 18.59 7.98
N PRO B 25 22.43 18.91 8.41
CA PRO B 25 23.29 19.80 7.65
C PRO B 25 23.68 19.18 6.31
N SER B 26 24.46 19.92 5.52
CA SER B 26 24.98 19.39 4.27
C SER B 26 26.11 18.41 4.55
N VAL B 27 26.39 17.56 3.55
CA VAL B 27 27.50 16.61 3.65
C VAL B 27 28.78 17.35 4.02
N ARG B 28 29.07 18.45 3.31
CA ARG B 28 30.33 19.16 3.52
C ARG B 28 30.41 19.77 4.91
N ASP B 29 29.28 20.29 5.43
CA ASP B 29 29.26 20.78 6.80
C ASP B 29 29.61 19.68 7.78
N LEU B 30 28.96 18.52 7.64
CA LEU B 30 29.19 17.42 8.56
C LEU B 30 30.61 16.89 8.46
N LEU B 31 31.21 16.92 7.27
CA LEU B 31 32.61 16.56 7.13
C LEU B 31 33.51 17.56 7.83
N ASP B 32 33.12 18.85 7.84
CA ASP B 32 33.84 19.84 8.62
C ASP B 32 33.80 19.52 10.11
N THR B 33 32.59 19.27 10.63
CA THR B 33 32.44 18.95 12.06
C THR B 33 33.24 17.71 12.44
N ALA B 34 33.11 16.64 11.65
CA ALA B 34 33.82 15.40 11.94
C ALA B 34 35.33 15.61 11.89
N ALA B 35 35.82 16.17 10.79
CA ALA B 35 37.25 16.46 10.66
C ALA B 35 37.76 17.33 11.79
N ALA B 36 36.90 18.13 12.43
CA ALA B 36 37.30 18.84 13.63
C ALA B 36 37.20 18.00 14.91
N LEU B 37 36.39 16.92 14.90
CA LEU B 37 36.28 16.08 16.10
C LEU B 37 37.47 15.14 16.22
N TYR B 38 37.81 14.43 15.14
CA TYR B 38 39.01 13.61 15.10
C TYR B 38 40.26 14.44 15.27
N ARG B 39 40.15 15.76 15.12
CA ARG B 39 41.28 16.65 15.33
C ARG B 39 41.59 16.82 16.81
N ASP B 40 40.58 16.77 17.68
CA ASP B 40 40.78 17.08 19.09
C ASP B 40 40.81 15.87 20.03
N ALA B 41 40.60 14.64 19.56
CA ALA B 41 40.61 13.52 20.51
C ALA B 41 41.46 12.35 20.03
N LEU B 42 41.00 11.63 19.00
CA LEU B 42 41.81 10.57 18.43
C LEU B 42 43.08 11.12 17.76
N GLU B 43 43.23 12.45 17.72
CA GLU B 43 44.51 13.02 17.33
C GLU B 43 45.48 13.03 18.50
N SER B 44 45.40 14.01 19.42
CA SER B 44 46.38 14.03 20.50
C SER B 44 46.07 13.05 21.64
N PRO B 45 44.76 13.20 22.43
CA PRO B 45 44.49 12.29 23.57
C PRO B 45 43.75 11.04 23.09
N GLU B 46 44.51 10.07 22.60
CA GLU B 46 44.01 9.12 21.61
C GLU B 46 42.70 8.44 22.01
N HIS B 47 42.73 7.32 22.75
CA HIS B 47 41.60 6.69 23.43
C HIS B 47 40.26 7.07 22.81
N ALA B 48 39.95 6.64 21.59
CA ALA B 48 39.04 7.47 20.81
C ALA B 48 37.57 7.30 21.16
N SER B 49 36.90 6.34 20.53
CA SER B 49 35.54 5.89 20.76
C SER B 49 35.15 5.04 19.55
N PRO B 50 34.10 4.23 19.64
CA PRO B 50 33.58 3.62 18.40
C PRO B 50 33.05 4.64 17.40
N HIS B 51 32.47 5.75 17.89
CA HIS B 51 31.92 6.76 17.00
C HIS B 51 33.01 7.60 16.34
N HIS B 52 34.12 7.84 17.05
CA HIS B 52 35.27 8.51 16.44
C HIS B 52 35.72 7.77 15.19
N THR B 53 35.93 6.46 15.31
CA THR B 53 36.47 5.67 14.21
C THR B 53 35.43 5.43 13.12
N ALA B 54 34.17 5.21 13.50
CA ALA B 54 33.11 5.10 12.50
C ALA B 54 32.97 6.39 11.71
N LEU B 55 33.18 7.54 12.36
CA LEU B 55 33.20 8.80 11.63
C LEU B 55 34.15 8.75 10.45
N ARG B 56 35.31 8.12 10.63
CA ARG B 56 36.23 7.97 9.51
C ARG B 56 35.75 6.93 8.52
N GLN B 57 34.94 5.95 8.97
CA GLN B 57 34.26 5.12 7.99
C GLN B 57 33.41 5.96 7.05
N ALA B 58 32.80 7.04 7.55
CA ALA B 58 32.04 7.91 6.64
C ALA B 58 32.94 8.89 5.88
N ILE B 59 33.92 9.48 6.58
CA ILE B 59 34.79 10.49 6.00
C ILE B 59 35.57 9.91 4.81
N LEU B 60 36.33 8.84 5.08
CA LEU B 60 37.16 8.21 4.06
C LEU B 60 36.29 7.68 2.91
N CYS B 61 35.25 6.90 3.24
CA CYS B 61 34.48 6.18 2.24
C CYS B 61 33.79 7.18 1.33
N TRP B 62 33.29 8.26 1.93
CA TRP B 62 32.71 9.38 1.17
C TRP B 62 33.75 9.96 0.19
N GLY B 63 34.97 10.21 0.67
CA GLY B 63 36.04 10.65 -0.20
C GLY B 63 36.23 9.75 -1.40
N ASP B 64 36.20 8.46 -1.13
CA ASP B 64 36.19 7.46 -2.19
C ASP B 64 34.90 7.47 -2.99
N LEU B 65 33.85 8.19 -2.54
CA LEU B 65 32.53 8.16 -3.17
C LEU B 65 32.34 9.34 -4.12
N MET B 66 32.43 10.57 -3.61
CA MET B 66 32.59 11.71 -4.49
C MET B 66 33.84 11.59 -5.35
N THR B 67 34.76 10.68 -5.01
CA THR B 67 35.80 10.27 -5.95
C THR B 67 35.19 9.80 -7.26
N LEU B 68 34.27 8.83 -7.19
CA LEU B 68 33.54 8.41 -8.39
C LEU B 68 32.71 9.56 -8.94
N ALA B 69 32.03 10.29 -8.05
CA ALA B 69 31.06 11.29 -8.51
C ALA B 69 31.72 12.37 -9.36
N THR B 70 32.96 12.76 -9.03
CA THR B 70 33.59 13.85 -9.77
C THR B 70 34.17 13.40 -11.10
N TRP B 71 34.63 12.16 -11.22
CA TRP B 71 35.13 11.74 -12.52
C TRP B 71 34.00 11.38 -13.48
N VAL B 72 32.78 11.21 -12.98
CA VAL B 72 31.61 11.39 -13.81
C VAL B 72 31.36 12.89 -14.00
N GLY B 73 30.66 13.23 -15.09
CA GLY B 73 30.67 14.59 -15.57
C GLY B 73 31.86 14.90 -16.44
N THR B 74 32.92 14.10 -16.37
CA THR B 74 33.87 13.89 -17.44
C THR B 74 33.54 12.50 -17.97
N ASN B 75 32.88 12.45 -19.12
CA ASN B 75 32.41 11.18 -19.67
C ASN B 75 32.98 10.98 -21.06
N LEU B 84 26.56 17.99 -21.57
CA LEU B 84 26.29 16.88 -20.67
C LEU B 84 26.02 15.59 -21.42
N VAL B 85 26.97 14.64 -21.37
CA VAL B 85 26.73 13.35 -22.01
C VAL B 85 25.49 12.73 -21.39
N VAL B 86 24.42 12.59 -22.20
CA VAL B 86 23.25 11.76 -21.92
C VAL B 86 22.83 11.82 -20.44
N SER B 87 22.77 10.67 -19.78
CA SER B 87 22.24 10.59 -18.41
C SER B 87 23.43 10.60 -17.46
N TYR B 88 23.66 11.76 -16.84
CA TYR B 88 24.77 11.99 -15.91
C TYR B 88 24.32 11.90 -14.46
N VAL B 89 23.12 11.36 -14.22
CA VAL B 89 22.58 11.42 -12.87
C VAL B 89 23.57 10.81 -11.90
N ASN B 90 24.19 11.69 -11.14
CA ASN B 90 25.04 11.33 -10.03
C ASN B 90 24.18 11.17 -8.79
N THR B 91 24.67 10.40 -7.85
CA THR B 91 23.95 10.24 -6.61
C THR B 91 24.63 11.12 -5.58
N ASN B 92 24.06 12.29 -5.40
CA ASN B 92 24.10 13.06 -4.17
C ASN B 92 22.86 12.76 -3.35
N VAL B 93 22.13 11.73 -3.77
CA VAL B 93 21.12 11.02 -3.00
C VAL B 93 21.70 10.22 -1.83
N GLY B 94 23.00 9.90 -1.84
CA GLY B 94 23.47 9.38 -0.58
C GLY B 94 23.52 10.58 0.33
N LEU B 95 22.47 10.72 1.13
CA LEU B 95 22.50 11.40 2.40
C LEU B 95 22.54 10.38 3.48
N LYS B 96 22.55 9.10 3.09
CA LYS B 96 22.82 8.08 4.06
C LYS B 96 24.03 8.47 4.88
N PHE B 97 24.91 9.28 4.30
CA PHE B 97 26.05 9.85 4.98
C PHE B 97 25.66 11.05 5.83
N ARG B 98 24.82 11.95 5.28
CA ARG B 98 24.29 13.06 6.07
C ARG B 98 23.73 12.57 7.40
N GLN B 99 22.85 11.57 7.36
CA GLN B 99 22.40 10.95 8.60
C GLN B 99 23.57 10.34 9.36
N LEU B 100 24.37 9.52 8.66
CA LEU B 100 25.46 8.78 9.30
C LEU B 100 26.42 9.70 10.03
N LEU B 101 26.95 10.69 9.30
CA LEU B 101 27.85 11.65 9.91
C LEU B 101 27.18 12.42 11.05
N TRP B 102 25.86 12.58 10.99
CA TRP B 102 25.16 13.15 12.13
C TRP B 102 25.11 12.15 13.28
N PHE B 103 24.75 10.90 12.98
CA PHE B 103 24.49 9.92 14.04
C PHE B 103 25.71 9.68 14.90
N HIS B 104 26.89 9.70 14.30
CA HIS B 104 28.11 9.55 15.11
C HIS B 104 28.54 10.86 15.75
N ILE B 105 28.28 11.99 15.11
CA ILE B 105 28.74 13.26 15.67
C ILE B 105 27.90 13.67 16.87
N SER B 106 26.58 13.66 16.70
CA SER B 106 25.68 13.96 17.81
C SER B 106 25.87 12.97 18.95
N ALA B 107 25.87 11.67 18.65
CA ALA B 107 26.11 10.67 19.70
C ALA B 107 27.49 10.81 20.31
N LEU B 108 28.40 11.53 19.66
CA LEU B 108 29.67 11.83 20.30
C LEU B 108 29.54 13.01 21.25
N THR B 109 28.84 14.06 20.82
CA THR B 109 28.73 15.27 21.63
C THR B 109 27.61 15.17 22.67
N PHE B 110 26.44 14.68 22.28
CA PHE B 110 25.33 14.53 23.22
C PHE B 110 25.40 13.23 24.00
N GLY B 111 26.11 12.24 23.51
CA GLY B 111 26.11 10.92 24.07
C GLY B 111 25.17 9.98 23.32
N ARG B 112 25.57 8.70 23.24
CA ARG B 112 24.76 7.70 22.57
C ARG B 112 23.38 7.59 23.20
N GLU B 113 23.31 7.67 24.54
CA GLU B 113 22.06 7.67 25.27
C GLU B 113 21.09 8.73 24.73
N THR B 114 21.56 9.99 24.71
CA THR B 114 20.69 11.11 24.34
C THR B 114 20.18 10.97 22.91
N VAL B 115 21.06 10.57 21.99
CA VAL B 115 20.66 10.47 20.59
C VAL B 115 19.65 9.35 20.39
N LEU B 116 19.90 8.19 21.01
CA LEU B 116 18.96 7.09 20.86
C LEU B 116 17.58 7.44 21.43
N GLU B 117 17.55 8.06 22.62
CA GLU B 117 16.24 8.42 23.15
C GLU B 117 15.59 9.53 22.33
N TYR B 118 16.39 10.43 21.74
CA TYR B 118 15.80 11.47 20.92
C TYR B 118 15.13 10.87 19.69
N LEU B 119 15.82 9.99 18.96
CA LEU B 119 15.20 9.46 17.75
C LEU B 119 14.09 8.47 18.06
N VAL B 120 14.08 7.87 19.25
CA VAL B 120 12.87 7.13 19.67
C VAL B 120 11.71 8.10 19.88
N SER B 121 11.97 9.24 20.54
CA SER B 121 10.94 10.26 20.72
C SER B 121 10.38 10.70 19.37
N PHE B 122 11.27 11.03 18.45
CA PHE B 122 10.84 11.52 17.13
C PHE B 122 10.04 10.46 16.40
N GLY B 123 10.49 9.21 16.42
CA GLY B 123 9.71 8.16 15.77
C GLY B 123 8.28 8.13 16.30
N VAL B 124 8.13 8.07 17.62
CA VAL B 124 6.81 8.15 18.22
C VAL B 124 6.03 9.34 17.65
N TRP B 125 6.65 10.52 17.67
CA TRP B 125 5.95 11.74 17.29
C TRP B 125 5.47 11.68 15.84
N ILE B 126 6.28 11.10 14.95
CA ILE B 126 5.93 11.14 13.54
C ILE B 126 4.85 10.12 13.22
N ARG B 127 4.81 8.96 13.91
CA ARG B 127 3.66 8.11 13.61
C ARG B 127 2.48 8.32 14.55
N THR B 128 2.53 9.33 15.42
CA THR B 128 1.31 9.79 16.06
C THR B 128 0.49 10.60 15.06
N PRO B 129 -0.79 10.28 14.87
CA PRO B 129 -1.60 11.04 13.91
C PRO B 129 -1.60 12.51 14.23
N PRO B 130 -1.68 13.41 13.21
CA PRO B 130 -1.52 14.85 13.43
C PRO B 130 -2.75 15.47 14.10
N ALA B 131 -3.20 14.82 15.16
CA ALA B 131 -4.35 15.20 15.95
C ALA B 131 -3.92 15.18 17.41
N TYR B 132 -3.43 14.02 17.83
CA TYR B 132 -3.10 13.69 19.19
C TYR B 132 -1.63 13.92 19.54
N ARG B 133 -0.86 14.57 18.67
CA ARG B 133 0.55 14.87 18.92
C ARG B 133 0.74 16.36 19.13
N PRO B 134 1.80 16.77 19.84
CA PRO B 134 2.10 18.20 19.99
C PRO B 134 2.33 18.85 18.64
N PRO B 135 2.22 20.17 18.54
CA PRO B 135 2.34 20.82 17.23
C PRO B 135 3.67 20.55 16.54
N ASN B 136 4.78 20.68 17.27
CA ASN B 136 6.11 20.52 16.71
C ASN B 136 6.78 19.27 17.27
N ALA B 137 7.62 18.64 16.46
CA ALA B 137 8.31 17.43 16.87
C ALA B 137 9.25 17.73 18.04
N PRO B 138 9.57 16.74 18.86
CA PRO B 138 10.53 16.97 19.95
C PRO B 138 11.85 17.46 19.37
N ILE B 139 12.43 18.45 20.02
CA ILE B 139 13.67 19.06 19.56
C ILE B 139 14.81 18.48 20.37
N LEU B 140 15.91 18.17 19.71
CA LEU B 140 17.07 17.62 20.40
C LEU B 140 17.86 18.83 20.89
N SER B 141 17.72 19.13 22.18
CA SER B 141 18.32 20.33 22.73
C SER B 141 19.76 20.03 23.12
N THR B 142 20.60 21.06 23.03
CA THR B 142 22.02 20.85 23.25
C THR B 142 22.28 20.57 24.72
N LEU B 143 23.54 20.28 25.04
CA LEU B 143 23.91 20.01 26.43
C LEU B 143 23.59 21.23 27.28
N PRO B 144 22.92 21.05 28.42
CA PRO B 144 22.46 22.21 29.20
C PRO B 144 23.60 23.06 29.75
N GLU B 145 23.25 24.10 30.52
CA GLU B 145 24.20 25.09 31.04
C GLU B 145 25.49 24.50 31.58
N GLU C 3 27.75 -23.00 -4.78
CA GLU C 3 28.57 -24.12 -5.21
C GLU C 3 28.37 -24.39 -6.70
N LEU C 4 29.46 -24.76 -7.37
CA LEU C 4 29.54 -24.73 -8.83
C LEU C 4 29.65 -26.15 -9.38
N VAL C 5 28.83 -26.44 -10.38
CA VAL C 5 28.99 -27.63 -11.21
C VAL C 5 29.24 -27.17 -12.63
N LEU C 6 30.23 -27.79 -13.28
CA LEU C 6 30.39 -27.66 -14.72
C LEU C 6 29.90 -28.97 -15.31
N THR C 7 28.73 -28.95 -15.93
CA THR C 7 28.13 -30.15 -16.50
C THR C 7 28.60 -30.21 -17.94
N GLN C 8 29.46 -31.17 -18.24
CA GLN C 8 30.14 -31.26 -19.52
C GLN C 8 29.61 -32.45 -20.28
N THR C 9 29.17 -32.20 -21.52
CA THR C 9 28.63 -33.24 -22.37
C THR C 9 29.27 -33.12 -23.75
N PRO C 10 29.35 -34.24 -24.50
CA PRO C 10 28.92 -35.59 -24.10
C PRO C 10 29.95 -36.38 -23.30
N SER C 11 29.63 -37.64 -22.99
CA SER C 11 30.56 -38.47 -22.23
C SER C 11 31.74 -38.90 -23.07
N SER C 12 31.51 -39.18 -24.35
CA SER C 12 32.57 -39.44 -25.30
C SER C 12 32.10 -39.03 -26.69
N VAL C 13 33.03 -38.52 -27.49
CA VAL C 13 32.78 -38.21 -28.89
C VAL C 13 33.49 -39.24 -29.75
N SER C 14 32.77 -39.82 -30.70
CA SER C 14 33.34 -40.70 -31.71
C SER C 14 33.29 -39.93 -33.03
N ALA C 15 34.47 -39.51 -33.50
CA ALA C 15 34.57 -38.64 -34.65
C ALA C 15 35.64 -39.15 -35.60
N ALA C 16 35.59 -38.65 -36.83
CA ALA C 16 36.53 -39.01 -37.88
C ALA C 16 37.40 -37.80 -38.22
N VAL C 17 38.32 -38.00 -39.17
CA VAL C 17 39.26 -36.96 -39.54
C VAL C 17 38.60 -35.99 -40.52
N GLY C 18 38.81 -34.69 -40.27
CA GLY C 18 38.19 -33.65 -41.05
C GLY C 18 36.84 -33.19 -40.53
N GLY C 19 36.17 -34.02 -39.73
CA GLY C 19 34.88 -33.66 -39.17
C GLY C 19 34.99 -32.57 -38.12
N THR C 20 33.83 -32.17 -37.63
CA THR C 20 33.71 -31.07 -36.66
C THR C 20 33.19 -31.63 -35.34
N VAL C 21 33.90 -31.33 -34.25
CA VAL C 21 33.61 -31.89 -32.93
C VAL C 21 33.23 -30.76 -31.98
N THR C 22 32.13 -30.94 -31.25
CA THR C 22 31.64 -29.91 -30.34
C THR C 22 31.48 -30.48 -28.94
N ILE C 23 32.03 -29.77 -27.96
CA ILE C 23 31.95 -30.12 -26.55
C ILE C 23 31.29 -28.97 -25.80
N ASN C 24 30.20 -29.25 -25.09
CA ASN C 24 29.44 -28.23 -24.39
C ASN C 24 29.63 -28.35 -22.89
N CYS C 25 29.72 -27.20 -22.23
CA CYS C 25 29.92 -27.09 -20.78
C CYS C 25 28.92 -26.08 -20.24
N GLN C 26 28.01 -26.55 -19.38
CA GLN C 26 26.99 -25.70 -18.78
C GLN C 26 27.30 -25.55 -17.29
N ALA C 27 27.67 -24.34 -16.88
CA ALA C 27 27.96 -24.14 -15.47
C ALA C 27 26.68 -23.89 -14.71
N SER C 28 26.80 -23.85 -13.37
CA SER C 28 25.66 -23.71 -12.49
C SER C 28 25.40 -22.27 -12.04
N GLN C 29 26.33 -21.35 -12.28
CA GLN C 29 26.17 -19.97 -11.82
C GLN C 29 26.60 -19.05 -12.95
N SER C 30 26.65 -17.75 -12.66
CA SER C 30 27.19 -16.79 -13.59
C SER C 30 28.68 -16.65 -13.28
N ILE C 31 29.51 -17.22 -14.14
CA ILE C 31 30.96 -17.20 -13.99
C ILE C 31 31.61 -16.13 -14.86
N SER C 32 30.82 -15.27 -15.50
CA SER C 32 31.32 -14.27 -16.44
C SER C 32 31.98 -14.94 -17.64
N SER C 33 33.15 -14.43 -18.05
CA SER C 33 33.92 -14.98 -19.17
C SER C 33 35.03 -15.91 -18.72
N ARG C 34 35.00 -16.36 -17.46
CA ARG C 34 36.10 -16.95 -16.73
C ARG C 34 36.24 -18.47 -16.92
N LEU C 35 35.65 -19.06 -17.94
CA LEU C 35 35.90 -20.47 -18.24
C LEU C 35 37.29 -20.69 -18.86
N GLY C 36 37.73 -21.94 -18.84
CA GLY C 36 38.89 -22.35 -19.62
C GLY C 36 38.74 -23.77 -20.12
N TRP C 37 39.47 -24.05 -21.20
CA TRP C 37 39.38 -25.28 -21.97
C TRP C 37 40.75 -25.94 -22.00
N TYR C 38 40.78 -27.23 -21.65
CA TYR C 38 42.01 -27.93 -21.35
C TYR C 38 42.09 -29.25 -22.10
N GLN C 39 43.30 -29.60 -22.54
CA GLN C 39 43.57 -30.85 -23.23
C GLN C 39 44.47 -31.72 -22.36
N GLN C 40 44.06 -32.98 -22.17
CA GLN C 40 44.87 -33.95 -21.45
C GLN C 40 45.03 -35.16 -22.35
N LYS C 41 46.27 -35.45 -22.75
CA LYS C 41 46.69 -36.69 -23.38
C LYS C 41 47.18 -37.68 -22.32
N PRO C 42 47.02 -38.98 -22.57
CA PRO C 42 47.42 -39.98 -21.55
C PRO C 42 48.91 -39.92 -21.25
N GLY C 43 49.22 -39.91 -19.94
CA GLY C 43 50.60 -39.93 -19.48
C GLY C 43 51.24 -38.57 -19.37
N GLN C 44 50.56 -37.51 -19.76
CA GLN C 44 51.08 -36.16 -19.82
C GLN C 44 50.28 -35.27 -18.89
N PRO C 45 50.84 -34.13 -18.48
CA PRO C 45 50.07 -33.19 -17.68
C PRO C 45 48.96 -32.55 -18.50
N PRO C 46 48.10 -31.75 -17.88
CA PRO C 46 47.08 -31.01 -18.64
C PRO C 46 47.66 -29.84 -19.40
N LYS C 47 47.16 -29.64 -20.61
CA LYS C 47 47.57 -28.54 -21.47
C LYS C 47 46.43 -27.54 -21.61
N LEU C 48 46.77 -26.26 -21.50
CA LEU C 48 45.77 -25.22 -21.68
C LEU C 48 45.51 -25.02 -23.17
N LEU C 49 44.26 -25.23 -23.58
CA LEU C 49 43.85 -24.89 -24.94
C LEU C 49 43.40 -23.45 -25.02
N ILE C 50 42.35 -23.11 -24.28
CA ILE C 50 41.73 -21.78 -24.36
C ILE C 50 41.52 -21.24 -22.96
N TYR C 51 41.66 -19.92 -22.80
CA TYR C 51 41.29 -19.27 -21.56
C TYR C 51 40.37 -18.10 -21.87
N GLY C 52 39.70 -17.60 -20.85
CA GLY C 52 38.73 -16.53 -21.06
C GLY C 52 37.62 -16.88 -22.04
N ALA C 53 37.34 -18.17 -22.21
CA ALA C 53 36.20 -18.70 -22.96
C ALA C 53 36.35 -18.58 -24.46
N SER C 54 37.25 -17.70 -24.91
CA SER C 54 37.50 -17.49 -26.34
C SER C 54 38.99 -17.46 -26.63
N THR C 55 39.70 -16.54 -25.99
CA THR C 55 41.10 -16.24 -26.31
C THR C 55 41.99 -17.46 -26.21
N LEU C 56 42.67 -17.78 -27.31
CA LEU C 56 43.58 -18.92 -27.39
C LEU C 56 44.96 -18.58 -26.83
N THR C 57 45.63 -19.60 -26.31
CA THR C 57 47.00 -19.44 -25.85
C THR C 57 47.98 -19.51 -27.03
N SER C 58 49.27 -19.51 -26.71
CA SER C 58 50.34 -19.25 -27.66
C SER C 58 50.69 -20.47 -28.51
N VAL C 59 49.92 -21.54 -28.37
CA VAL C 59 50.11 -22.79 -29.10
C VAL C 59 48.88 -23.17 -29.90
N GLY C 60 47.71 -23.24 -29.25
CA GLY C 60 46.52 -23.84 -29.80
C GLY C 60 46.19 -23.42 -31.21
N PRO C 61 45.98 -24.41 -32.08
CA PRO C 61 45.82 -24.13 -33.51
C PRO C 61 44.47 -23.49 -33.83
N SER C 62 44.46 -22.69 -34.89
CA SER C 62 43.28 -21.91 -35.24
C SER C 62 42.06 -22.75 -35.59
N ARG C 63 42.24 -24.07 -35.74
CA ARG C 63 41.08 -24.94 -35.93
C ARG C 63 40.29 -25.17 -34.64
N PHE C 64 40.92 -24.98 -33.48
CA PHE C 64 40.19 -24.94 -32.22
C PHE C 64 39.57 -23.57 -32.03
N LYS C 65 38.31 -23.54 -31.59
CA LYS C 65 37.67 -22.28 -31.27
C LYS C 65 36.81 -22.43 -30.02
N GLY C 66 36.98 -21.53 -29.05
CA GLY C 66 36.11 -21.46 -27.91
C GLY C 66 35.06 -20.36 -28.04
N SER C 67 33.99 -20.50 -27.28
CA SER C 67 32.94 -19.50 -27.30
C SER C 67 32.03 -19.67 -26.09
N GLY C 68 31.06 -18.75 -25.97
CA GLY C 68 30.10 -18.72 -24.89
C GLY C 68 30.42 -17.66 -23.86
N SER C 69 29.53 -17.55 -22.88
CA SER C 69 29.78 -16.80 -21.65
C SER C 69 28.66 -16.93 -20.63
N GLY C 70 29.03 -16.86 -19.36
CA GLY C 70 28.19 -16.71 -18.20
C GLY C 70 27.49 -17.98 -17.75
N THR C 71 27.04 -18.79 -18.70
CA THR C 71 26.49 -20.11 -18.43
C THR C 71 26.94 -21.11 -19.50
N GLU C 72 26.44 -20.92 -20.72
CA GLU C 72 26.81 -21.78 -21.83
C GLU C 72 28.23 -21.46 -22.28
N PHE C 73 29.05 -22.51 -22.38
CA PHE C 73 30.36 -22.40 -22.99
C PHE C 73 30.52 -23.57 -23.94
N THR C 74 30.95 -23.30 -25.17
CA THR C 74 31.07 -24.36 -26.16
C THR C 74 32.43 -24.29 -26.84
N LEU C 75 33.08 -25.44 -26.95
CA LEU C 75 34.36 -25.58 -27.63
C LEU C 75 34.15 -26.40 -28.89
N THR C 76 34.70 -25.92 -30.00
CA THR C 76 34.52 -26.56 -31.30
C THR C 76 35.87 -26.82 -31.96
N ILE C 77 35.90 -27.88 -32.75
CA ILE C 77 37.05 -28.28 -33.54
C ILE C 77 36.56 -28.38 -34.99
N SER C 78 37.07 -27.49 -35.85
CA SER C 78 36.64 -27.44 -37.24
C SER C 78 37.32 -28.53 -38.08
N GLY C 79 38.65 -28.61 -38.00
CA GLY C 79 39.47 -29.43 -38.86
C GLY C 79 40.07 -30.71 -38.29
N VAL C 80 39.45 -31.30 -37.27
CA VAL C 80 40.13 -32.19 -36.33
C VAL C 80 40.98 -33.23 -37.06
N GLN C 81 42.22 -33.38 -36.62
CA GLN C 81 43.13 -34.43 -37.03
C GLN C 81 43.25 -35.46 -35.92
N ARG C 82 44.09 -36.47 -36.13
CA ARG C 82 44.33 -37.46 -35.09
C ARG C 82 45.06 -36.87 -33.88
N ASP C 83 45.78 -35.76 -34.06
CA ASP C 83 46.52 -35.17 -32.95
C ASP C 83 45.60 -34.68 -31.84
N ASP C 84 44.38 -34.30 -32.19
CA ASP C 84 43.45 -33.66 -31.26
C ASP C 84 42.60 -34.67 -30.50
N ALA C 85 42.87 -35.96 -30.63
CA ALA C 85 42.11 -36.99 -29.94
C ALA C 85 42.71 -37.19 -28.56
N ALA C 86 41.96 -36.78 -27.53
CA ALA C 86 42.41 -36.77 -26.15
C ALA C 86 41.21 -36.43 -25.29
N THR C 87 41.44 -36.31 -23.98
CA THR C 87 40.37 -36.01 -23.03
C THR C 87 40.39 -34.52 -22.69
N TYR C 88 39.32 -33.81 -23.00
CA TYR C 88 39.21 -32.38 -22.84
C TYR C 88 38.36 -32.05 -21.62
N TYR C 89 38.73 -30.98 -20.92
CA TYR C 89 38.06 -30.59 -19.68
C TYR C 89 37.78 -29.09 -19.68
N CYS C 90 36.64 -28.69 -19.11
CA CYS C 90 36.34 -27.28 -18.88
C CYS C 90 36.57 -26.98 -17.40
N LEU C 91 37.49 -26.07 -17.11
CA LEU C 91 37.70 -25.58 -15.76
C LEU C 91 37.10 -24.18 -15.69
N GLY C 92 35.95 -24.08 -15.05
CA GLY C 92 35.29 -22.81 -14.82
C GLY C 92 35.63 -22.30 -13.44
N SER C 93 35.60 -20.99 -13.27
CA SER C 93 35.86 -20.36 -11.99
C SER C 93 34.78 -19.32 -11.72
N ASP C 94 33.96 -19.58 -10.70
CA ASP C 94 33.11 -18.53 -10.16
C ASP C 94 33.95 -17.64 -9.23
N THR C 95 34.49 -18.24 -8.17
CA THR C 95 35.54 -17.62 -7.37
C THR C 95 36.69 -18.61 -7.20
N SER C 96 37.67 -18.28 -6.36
CA SER C 96 38.78 -19.21 -6.12
C SER C 96 38.37 -20.38 -5.24
N THR C 97 37.24 -20.27 -4.55
CA THR C 97 36.64 -21.37 -3.79
C THR C 97 35.65 -22.15 -4.63
N ASP C 98 34.65 -21.48 -5.19
CA ASP C 98 33.85 -22.20 -6.19
C ASP C 98 34.64 -22.06 -7.49
N THR C 99 35.43 -23.09 -7.75
CA THR C 99 36.21 -23.25 -8.97
C THR C 99 36.14 -24.74 -9.27
N ALA C 100 35.65 -25.09 -10.44
CA ALA C 100 35.32 -26.49 -10.68
C ALA C 100 35.74 -26.92 -12.08
N PHE C 101 36.31 -28.11 -12.17
CA PHE C 101 36.59 -28.74 -13.44
C PHE C 101 35.30 -29.31 -14.05
N GLY C 102 35.34 -29.54 -15.36
CA GLY C 102 34.28 -30.25 -16.01
C GLY C 102 34.44 -31.75 -15.90
N GLY C 103 33.40 -32.47 -16.28
CA GLY C 103 33.43 -33.92 -16.16
C GLY C 103 34.44 -34.57 -17.08
N GLY C 104 34.78 -33.91 -18.17
CA GLY C 104 35.69 -34.43 -19.16
C GLY C 104 34.96 -35.06 -20.34
N THR C 105 35.58 -34.97 -21.52
CA THR C 105 35.09 -35.63 -22.72
C THR C 105 36.29 -36.16 -23.50
N GLU C 106 36.33 -37.46 -23.76
CA GLU C 106 37.39 -38.03 -24.59
C GLU C 106 36.93 -38.00 -26.04
N VAL C 107 37.58 -37.18 -26.85
CA VAL C 107 37.35 -37.15 -28.29
C VAL C 107 38.36 -38.10 -28.94
N VAL C 108 37.84 -39.10 -29.64
CA VAL C 108 38.66 -40.12 -30.29
C VAL C 108 38.41 -40.03 -31.79
N VAL C 109 39.49 -39.89 -32.54
CA VAL C 109 39.43 -39.65 -33.99
C VAL C 109 40.23 -40.74 -34.69
N LYS C 110 39.72 -41.19 -35.85
CA LYS C 110 40.37 -42.20 -36.66
C LYS C 110 40.57 -41.67 -38.09
N GLY C 111 41.74 -41.94 -38.65
CA GLY C 111 42.02 -41.59 -40.04
C GLY C 111 43.28 -40.79 -40.26
N GLU C 130 59.05 -21.48 -17.25
CA GLU C 130 58.12 -22.58 -17.02
C GLU C 130 58.79 -23.88 -16.55
N GLN C 131 59.21 -23.95 -15.28
CA GLN C 131 59.66 -25.22 -14.72
C GLN C 131 59.06 -25.40 -13.34
N LEU C 132 58.25 -26.45 -13.18
CA LEU C 132 57.57 -26.76 -11.92
C LEU C 132 57.85 -28.21 -11.55
N VAL C 133 58.27 -28.43 -10.30
CA VAL C 133 58.66 -29.76 -9.82
C VAL C 133 57.74 -30.13 -8.67
N GLU C 134 56.85 -31.10 -8.89
CA GLU C 134 56.11 -31.71 -7.78
C GLU C 134 56.94 -32.83 -7.18
N SER C 135 56.93 -32.91 -5.85
CA SER C 135 57.70 -33.92 -5.14
C SER C 135 57.09 -34.12 -3.77
N GLY C 136 57.66 -35.07 -3.02
CA GLY C 136 57.18 -35.42 -1.71
C GLY C 136 56.15 -36.52 -1.68
N GLY C 137 55.45 -36.76 -2.79
CA GLY C 137 54.43 -37.79 -2.81
C GLY C 137 55.05 -39.17 -2.62
N ARG C 138 54.33 -40.01 -1.88
CA ARG C 138 54.84 -41.32 -1.51
C ARG C 138 53.66 -42.21 -1.16
N LEU C 139 53.95 -43.32 -0.48
CA LEU C 139 52.93 -44.21 0.08
C LEU C 139 52.73 -43.87 1.55
N VAL C 140 51.48 -43.61 1.94
CA VAL C 140 51.14 -43.39 3.35
C VAL C 140 49.92 -44.23 3.71
N PRO C 141 49.89 -44.85 4.89
CA PRO C 141 48.70 -45.58 5.32
C PRO C 141 47.61 -44.62 5.77
N PRO C 142 46.35 -45.06 5.76
CA PRO C 142 45.25 -44.11 6.00
C PRO C 142 45.33 -43.48 7.39
N GLY C 143 44.89 -42.22 7.47
CA GLY C 143 44.84 -41.50 8.72
C GLY C 143 46.03 -40.60 8.98
N GLY C 144 47.09 -40.69 8.18
CA GLY C 144 48.29 -39.93 8.39
C GLY C 144 48.25 -38.56 7.71
N SER C 145 49.44 -38.06 7.42
CA SER C 145 49.62 -36.74 6.84
C SER C 145 50.72 -36.79 5.78
N LEU C 146 50.66 -35.87 4.83
CA LEU C 146 51.68 -35.81 3.79
C LEU C 146 51.80 -34.39 3.25
N THR C 147 53.02 -33.98 2.90
CA THR C 147 53.27 -32.62 2.43
C THR C 147 53.94 -32.67 1.07
N LEU C 148 53.23 -32.17 0.06
CA LEU C 148 53.71 -32.06 -1.31
C LEU C 148 54.45 -30.75 -1.50
N THR C 149 55.49 -30.78 -2.34
CA THR C 149 56.27 -29.59 -2.66
C THR C 149 56.20 -29.32 -4.15
N CYS C 150 55.93 -28.05 -4.49
CA CYS C 150 56.06 -27.54 -5.85
C CYS C 150 57.26 -26.60 -5.84
N THR C 151 58.35 -27.05 -6.46
CA THR C 151 59.56 -26.25 -6.59
C THR C 151 59.45 -25.49 -7.90
N VAL C 152 59.33 -24.17 -7.80
CA VAL C 152 59.01 -23.31 -8.93
C VAL C 152 60.27 -22.62 -9.41
N SER C 153 60.53 -22.72 -10.71
CA SER C 153 61.72 -22.15 -11.34
C SER C 153 61.29 -21.35 -12.57
N GLY C 154 61.74 -20.10 -12.64
CA GLY C 154 61.45 -19.25 -13.78
C GLY C 154 60.17 -18.46 -13.67
N ILE C 155 59.50 -18.49 -12.51
CA ILE C 155 58.19 -17.85 -12.34
C ILE C 155 58.25 -16.94 -11.12
N ASP C 156 57.59 -15.79 -11.22
CA ASP C 156 57.57 -14.81 -10.14
C ASP C 156 56.38 -15.17 -9.26
N LEU C 157 56.67 -15.68 -8.05
CA LEU C 157 55.60 -16.05 -7.14
C LEU C 157 54.97 -14.83 -6.48
N SER C 158 55.55 -13.66 -6.68
CA SER C 158 54.89 -12.43 -6.25
C SER C 158 53.84 -11.96 -7.27
N SER C 159 54.01 -12.29 -8.55
CA SER C 159 53.02 -11.92 -9.55
C SER C 159 52.09 -13.05 -10.00
N ASN C 160 52.28 -14.29 -9.57
CA ASN C 160 51.51 -15.39 -10.13
C ASN C 160 50.96 -16.33 -9.07
N ALA C 161 49.80 -16.89 -9.37
CA ALA C 161 49.19 -17.89 -8.49
C ALA C 161 49.78 -19.27 -8.75
N ILE C 162 49.70 -20.14 -7.74
CA ILE C 162 50.02 -21.55 -7.89
C ILE C 162 48.82 -22.35 -7.40
N SER C 163 48.19 -23.08 -8.31
CA SER C 163 47.04 -23.92 -8.01
C SER C 163 47.45 -25.37 -7.90
N TRP C 164 46.75 -26.10 -7.04
CA TRP C 164 46.92 -27.54 -6.89
C TRP C 164 45.67 -28.24 -7.40
N VAL C 165 45.88 -29.19 -8.31
CA VAL C 165 44.85 -30.05 -8.88
C VAL C 165 45.30 -31.49 -8.67
N ARG C 166 44.35 -32.39 -8.49
CA ARG C 166 44.66 -33.81 -8.37
C ARG C 166 43.79 -34.60 -9.34
N GLN C 167 44.25 -35.81 -9.68
CA GLN C 167 43.49 -36.70 -10.52
C GLN C 167 43.66 -38.13 -10.04
N ALA C 168 42.54 -38.79 -9.76
CA ALA C 168 42.61 -40.19 -9.35
C ALA C 168 42.78 -41.08 -10.58
N PRO C 169 43.32 -42.29 -10.40
CA PRO C 169 43.49 -43.18 -11.55
C PRO C 169 42.14 -43.51 -12.18
N GLY C 170 42.05 -43.28 -13.49
CA GLY C 170 40.79 -43.43 -14.18
C GLY C 170 39.77 -42.36 -13.89
N LYS C 171 40.13 -41.32 -13.16
CA LYS C 171 39.24 -40.21 -12.86
C LYS C 171 39.74 -38.94 -13.52
N GLY C 172 38.97 -37.86 -13.36
CA GLY C 172 39.27 -36.59 -13.99
C GLY C 172 40.09 -35.68 -13.10
N LEU C 173 40.11 -34.41 -13.48
CA LEU C 173 40.84 -33.40 -12.72
C LEU C 173 39.94 -32.82 -11.64
N GLU C 174 40.51 -32.65 -10.44
CA GLU C 174 39.78 -32.15 -9.29
C GLU C 174 40.55 -30.98 -8.70
N TYR C 175 39.97 -29.79 -8.77
CA TYR C 175 40.66 -28.61 -8.30
C TYR C 175 40.75 -28.66 -6.78
N ILE C 176 41.98 -28.62 -6.27
CA ILE C 176 42.21 -28.66 -4.83
C ILE C 176 42.21 -27.22 -4.32
N GLY C 177 43.13 -26.42 -4.82
CA GLY C 177 43.20 -25.05 -4.32
C GLY C 177 44.09 -24.18 -5.18
N ILE C 178 44.40 -23.00 -4.65
CA ILE C 178 45.26 -22.04 -5.33
C ILE C 178 45.82 -21.11 -4.27
N ILE C 179 46.91 -20.44 -4.59
CA ILE C 179 47.48 -19.43 -3.70
C ILE C 179 47.98 -18.28 -4.57
N TYR C 180 47.66 -17.06 -4.18
CA TYR C 180 47.96 -15.94 -5.04
C TYR C 180 49.32 -15.35 -4.72
N GLY C 181 49.71 -14.32 -5.46
CA GLY C 181 50.94 -13.60 -5.17
C GLY C 181 50.94 -12.92 -3.82
N GLY C 182 49.75 -12.57 -3.32
CA GLY C 182 49.60 -12.05 -1.98
C GLY C 182 49.76 -13.07 -0.88
N SER C 183 50.20 -14.28 -1.21
CA SER C 183 50.40 -15.36 -0.23
C SER C 183 49.11 -15.69 0.51
N ILE C 184 47.99 -15.62 -0.21
CA ILE C 184 46.67 -15.86 0.33
C ILE C 184 46.11 -17.13 -0.31
N PRO C 185 45.98 -18.22 0.44
CA PRO C 185 45.45 -19.47 -0.12
C PRO C 185 43.92 -19.50 -0.21
N TYR C 186 43.45 -20.36 -1.12
CA TYR C 186 42.04 -20.64 -1.34
C TYR C 186 41.90 -22.13 -1.60
N TYR C 187 40.87 -22.73 -1.00
CA TYR C 187 40.59 -24.14 -1.20
C TYR C 187 39.13 -24.32 -1.56
N SER C 188 38.83 -25.36 -2.33
CA SER C 188 37.47 -25.67 -2.70
C SER C 188 36.74 -26.21 -1.48
N ARG C 189 35.49 -26.65 -1.65
CA ARG C 189 34.70 -26.98 -0.48
C ARG C 189 35.03 -28.34 0.10
N TRP C 190 35.35 -29.33 -0.74
CA TRP C 190 35.67 -30.66 -0.22
C TRP C 190 36.99 -30.65 0.54
N ALA C 191 37.96 -29.86 0.09
CA ALA C 191 39.29 -29.90 0.66
C ALA C 191 39.44 -29.08 1.93
N LYS C 192 38.40 -28.36 2.36
CA LYS C 192 38.59 -27.32 3.38
C LYS C 192 39.12 -27.92 4.67
N GLY C 193 40.26 -27.40 5.11
CA GLY C 193 40.82 -27.63 6.43
C GLY C 193 41.62 -28.92 6.46
N ARG C 194 41.22 -29.87 5.61
CA ARG C 194 41.99 -31.09 5.44
C ARG C 194 43.29 -30.80 4.70
N PHE C 195 43.22 -29.90 3.73
CA PHE C 195 44.36 -29.40 2.98
C PHE C 195 44.68 -27.98 3.42
N THR C 196 45.96 -27.64 3.39
CA THR C 196 46.40 -26.27 3.60
C THR C 196 47.57 -25.95 2.68
N ILE C 197 47.51 -24.83 1.98
CA ILE C 197 48.54 -24.43 1.04
C ILE C 197 49.44 -23.40 1.70
N SER C 198 50.74 -23.52 1.43
CA SER C 198 51.79 -22.69 2.01
C SER C 198 52.66 -22.17 0.87
N LYS C 199 53.32 -21.05 1.12
CA LYS C 199 54.22 -20.43 0.16
C LYS C 199 55.52 -20.09 0.86
N THR C 200 56.64 -20.45 0.22
CA THR C 200 57.96 -20.17 0.78
C THR C 200 58.80 -19.46 -0.27
N SER C 201 60.07 -19.23 0.06
CA SER C 201 60.95 -18.46 -0.79
C SER C 201 60.96 -19.01 -2.22
N THR C 202 61.30 -20.29 -2.37
CA THR C 202 61.35 -20.93 -3.68
C THR C 202 60.19 -21.88 -3.99
N THR C 203 59.27 -22.16 -3.05
CA THR C 203 58.40 -23.32 -3.20
C THR C 203 56.97 -23.02 -2.73
N VAL C 204 56.07 -23.95 -3.07
CA VAL C 204 54.67 -23.94 -2.64
C VAL C 204 54.32 -25.31 -2.08
N ALA C 205 53.85 -25.36 -0.83
CA ALA C 205 53.67 -26.60 -0.11
C ALA C 205 52.18 -26.91 0.07
N LEU C 206 51.75 -28.10 -0.37
CA LEU C 206 50.40 -28.57 -0.10
C LEU C 206 50.44 -29.61 1.02
N LYS C 207 49.95 -29.22 2.20
CA LYS C 207 49.86 -30.15 3.32
C LYS C 207 48.49 -30.80 3.32
N MET C 208 48.47 -32.10 3.61
CA MET C 208 47.27 -32.92 3.57
C MET C 208 47.18 -33.68 4.89
N SER C 209 46.16 -33.38 5.68
CA SER C 209 45.95 -34.05 6.95
C SER C 209 44.84 -35.09 6.82
N THR C 210 44.68 -35.90 7.88
CA THR C 210 43.68 -36.97 8.00
C THR C 210 43.47 -37.68 6.66
N LEU C 211 44.50 -38.37 6.20
CA LEU C 211 44.56 -38.88 4.83
C LEU C 211 43.69 -40.12 4.66
N THR C 212 42.77 -40.07 3.70
CA THR C 212 41.92 -41.21 3.36
C THR C 212 42.40 -41.84 2.05
N ALA C 213 41.73 -42.93 1.66
CA ALA C 213 41.94 -43.55 0.37
C ALA C 213 41.13 -42.90 -0.74
N SER C 214 40.26 -41.95 -0.39
CA SER C 214 39.63 -41.10 -1.38
C SER C 214 40.60 -40.12 -2.00
N ASP C 215 41.77 -39.92 -1.37
CA ASP C 215 42.75 -38.94 -1.81
C ASP C 215 43.91 -39.53 -2.61
N THR C 216 43.95 -40.84 -2.84
CA THR C 216 45.03 -41.40 -3.62
C THR C 216 44.88 -40.96 -5.07
N ALA C 217 45.88 -40.27 -5.58
CA ALA C 217 45.78 -39.59 -6.87
C ALA C 217 47.17 -39.10 -7.29
N THR C 218 47.18 -38.41 -8.43
CA THR C 218 48.36 -37.72 -8.97
C THR C 218 48.11 -36.23 -8.83
N TYR C 219 49.02 -35.53 -8.16
CA TYR C 219 48.83 -34.13 -7.80
C TYR C 219 49.75 -33.26 -8.65
N PHE C 220 49.15 -32.37 -9.42
CA PHE C 220 49.84 -31.35 -10.19
C PHE C 220 49.69 -29.99 -9.52
N CYS C 221 50.72 -29.17 -9.67
CA CYS C 221 50.62 -27.74 -9.45
C CYS C 221 50.74 -27.03 -10.79
N ALA C 222 50.10 -25.86 -10.90
CA ALA C 222 50.14 -25.07 -12.11
C ALA C 222 50.23 -23.59 -11.75
N ARG C 223 50.69 -22.80 -12.70
CA ARG C 223 50.80 -21.36 -12.52
C ARG C 223 49.54 -20.71 -13.06
N GLY C 224 48.76 -20.09 -12.17
CA GLY C 224 47.66 -19.26 -12.61
C GLY C 224 48.13 -17.85 -12.94
N LYS C 225 47.58 -17.31 -14.04
CA LYS C 225 47.85 -15.97 -14.52
C LYS C 225 46.58 -15.15 -14.32
N SER C 226 46.70 -14.03 -13.61
CA SER C 226 45.54 -13.36 -13.06
C SER C 226 44.71 -12.67 -14.15
N ASP C 227 43.40 -12.67 -13.93
CA ASP C 227 42.47 -11.87 -14.71
C ASP C 227 42.68 -10.39 -14.40
N GLY C 228 42.15 -9.53 -15.27
CA GLY C 228 42.20 -8.11 -15.01
C GLY C 228 41.66 -7.73 -13.65
N ASP C 229 40.60 -8.42 -13.21
CA ASP C 229 40.02 -8.25 -11.88
C ASP C 229 40.53 -9.27 -10.87
N GLY C 230 41.52 -10.08 -11.22
CA GLY C 230 42.20 -10.90 -10.24
C GLY C 230 41.78 -12.34 -10.09
N TYR C 231 41.16 -12.94 -11.10
CA TYR C 231 40.73 -14.34 -11.04
C TYR C 231 41.74 -15.17 -11.83
N ALA C 232 42.59 -15.92 -11.12
CA ALA C 232 43.57 -16.77 -11.77
C ALA C 232 43.18 -18.24 -11.80
N ALA C 233 42.09 -18.65 -11.15
CA ALA C 233 41.86 -20.07 -10.93
C ALA C 233 41.56 -20.82 -12.22
N TYR C 234 41.03 -20.15 -13.24
CA TYR C 234 40.61 -20.82 -14.46
C TYR C 234 41.65 -20.84 -15.57
N ARG C 235 42.73 -20.07 -15.45
CA ARG C 235 43.79 -20.07 -16.47
C ARG C 235 45.02 -20.64 -15.78
N LEU C 236 45.26 -21.93 -15.98
CA LEU C 236 46.35 -22.62 -15.32
C LEU C 236 47.31 -23.09 -16.40
N ASP C 237 48.41 -22.37 -16.57
CA ASP C 237 49.50 -22.83 -17.40
C ASP C 237 50.79 -22.20 -16.85
N PRO C 238 51.90 -22.93 -16.86
CA PRO C 238 52.03 -24.33 -17.27
C PRO C 238 51.72 -25.30 -16.13
N TRP C 239 51.78 -26.59 -16.41
CA TRP C 239 51.59 -27.64 -15.42
C TRP C 239 52.87 -28.43 -15.24
N GLY C 240 53.03 -29.04 -14.07
CA GLY C 240 54.11 -29.96 -13.83
C GLY C 240 53.74 -31.37 -14.27
N LEU C 241 54.67 -32.30 -14.06
CA LEU C 241 54.39 -33.70 -14.33
C LEU C 241 53.64 -34.39 -13.21
N GLY C 242 53.54 -33.76 -12.04
CA GLY C 242 52.81 -34.30 -10.92
C GLY C 242 53.69 -35.03 -9.93
N THR C 243 53.04 -35.47 -8.86
CA THR C 243 53.66 -36.36 -7.88
C THR C 243 52.57 -37.31 -7.43
N LEU C 244 52.94 -38.56 -7.16
CA LEU C 244 51.96 -39.59 -6.91
C LEU C 244 51.78 -39.77 -5.40
N VAL C 245 50.52 -39.88 -4.97
CA VAL C 245 50.20 -40.24 -3.60
C VAL C 245 49.24 -41.42 -3.64
N THR C 246 49.60 -42.50 -2.94
CA THR C 246 48.76 -43.68 -2.82
C THR C 246 48.61 -44.07 -1.35
N ILE C 247 47.39 -44.43 -0.98
CA ILE C 247 47.05 -44.77 0.40
C ILE C 247 46.39 -46.14 0.40
N SER C 248 46.81 -47.01 1.32
CA SER C 248 46.18 -48.29 1.56
C SER C 248 46.53 -48.73 2.96
N SER C 249 45.77 -49.67 3.50
CA SER C 249 46.03 -50.16 4.84
C SER C 249 46.96 -51.35 4.70
N LEU C 250 48.25 -51.13 4.96
CA LEU C 250 49.25 -52.19 4.92
C LEU C 250 50.20 -52.09 6.10
N VAL C 251 51.03 -51.04 6.10
CA VAL C 251 52.03 -50.84 7.14
C VAL C 251 52.50 -49.39 7.15
N PRO D 5 42.02 12.00 2.70
CA PRO D 5 42.46 10.73 2.11
C PRO D 5 43.68 10.18 2.84
N TYR D 6 43.69 8.91 3.27
CA TYR D 6 44.77 8.47 4.13
C TYR D 6 44.96 6.95 4.17
N LYS D 7 46.14 6.59 4.65
CA LYS D 7 46.46 5.30 5.22
C LYS D 7 47.43 5.58 6.37
N GLU D 8 47.11 5.14 7.59
CA GLU D 8 48.12 5.47 8.58
C GLU D 8 49.03 4.28 8.83
N PHE D 9 48.82 3.55 9.92
CA PHE D 9 49.44 2.24 10.14
C PHE D 9 50.94 2.17 9.89
N GLY D 10 51.50 3.16 9.21
CA GLY D 10 52.87 3.15 8.73
C GLY D 10 53.06 3.08 7.24
N ALA D 11 52.01 2.82 6.46
CA ALA D 11 52.14 2.79 5.01
C ALA D 11 51.50 4.02 4.37
N THR D 12 51.69 4.12 3.05
CA THR D 12 51.04 5.14 2.22
C THR D 12 50.56 4.47 0.93
N VAL D 13 49.64 5.15 0.26
CA VAL D 13 49.20 4.70 -1.06
C VAL D 13 50.41 4.51 -1.97
N GLU D 14 51.40 5.37 -1.81
CA GLU D 14 52.62 5.30 -2.61
C GLU D 14 53.34 3.96 -2.44
N LEU D 15 53.13 3.29 -1.30
CA LEU D 15 53.67 1.95 -1.13
C LEU D 15 52.83 0.91 -1.89
N LEU D 16 51.51 0.93 -1.71
CA LEU D 16 50.67 -0.09 -2.30
C LEU D 16 50.59 0.02 -3.82
N SER D 17 50.95 1.16 -4.39
CA SER D 17 50.90 1.36 -5.84
C SER D 17 52.10 0.74 -6.53
N PHE D 18 52.95 0.05 -5.78
CA PHE D 18 54.03 -0.77 -6.29
C PHE D 18 53.55 -2.19 -6.61
N LEU D 19 52.98 -2.88 -5.63
CA LEU D 19 52.48 -4.24 -5.84
C LEU D 19 51.61 -4.30 -7.09
N PRO D 20 51.82 -5.28 -7.97
CA PRO D 20 51.07 -5.32 -9.23
C PRO D 20 49.63 -5.75 -9.03
N SER D 21 48.81 -5.48 -10.05
CA SER D 21 47.40 -5.79 -10.02
C SER D 21 47.12 -7.30 -10.00
N ASP D 22 48.13 -8.13 -10.19
CA ASP D 22 47.98 -9.59 -10.05
C ASP D 22 48.48 -10.10 -8.71
N PHE D 23 49.08 -9.24 -7.89
CA PHE D 23 49.51 -9.61 -6.55
C PHE D 23 48.31 -9.91 -5.65
N PHE D 24 47.18 -9.32 -5.95
CA PHE D 24 45.93 -9.31 -5.22
C PHE D 24 44.94 -10.28 -5.85
N PRO D 25 44.26 -11.12 -5.05
CA PRO D 25 43.07 -11.82 -5.57
C PRO D 25 41.96 -10.84 -5.89
N SER D 26 40.80 -11.31 -6.31
CA SER D 26 39.77 -10.37 -6.72
C SER D 26 39.14 -9.71 -5.50
N VAL D 27 38.15 -8.86 -5.76
CA VAL D 27 37.38 -8.25 -4.68
C VAL D 27 36.62 -9.32 -3.90
N ARG D 28 35.83 -10.11 -4.63
CA ARG D 28 34.96 -11.10 -4.00
C ARG D 28 35.75 -12.19 -3.29
N ASP D 29 36.88 -12.60 -3.87
CA ASP D 29 37.76 -13.55 -3.21
C ASP D 29 38.20 -13.04 -1.85
N LEU D 30 38.66 -11.78 -1.80
CA LEU D 30 39.07 -11.19 -0.53
C LEU D 30 37.89 -11.02 0.42
N LEU D 31 36.68 -10.86 -0.12
CA LEU D 31 35.50 -10.88 0.75
C LEU D 31 35.32 -12.24 1.40
N ASP D 32 35.66 -13.32 0.68
CA ASP D 32 35.66 -14.64 1.31
C ASP D 32 36.80 -14.76 2.32
N THR D 33 37.95 -14.16 2.04
CA THR D 33 39.04 -14.20 3.00
C THR D 33 38.68 -13.46 4.29
N ALA D 34 37.84 -12.43 4.19
CA ALA D 34 37.40 -11.70 5.38
C ALA D 34 36.26 -12.41 6.10
N ALA D 35 35.36 -13.07 5.36
CA ALA D 35 34.30 -13.83 5.99
C ALA D 35 34.83 -15.06 6.72
N ALA D 36 36.06 -15.49 6.43
CA ALA D 36 36.71 -16.54 7.18
C ALA D 36 37.53 -16.00 8.35
N LEU D 37 37.51 -14.70 8.56
CA LEU D 37 38.21 -14.08 9.69
C LEU D 37 37.25 -13.30 10.58
N TYR D 38 36.63 -12.23 10.09
CA TYR D 38 35.67 -11.49 10.91
C TYR D 38 34.63 -12.44 11.54
N ARG D 39 34.26 -13.49 10.81
CA ARG D 39 33.38 -14.50 11.36
C ARG D 39 34.13 -15.48 12.27
N ASP D 40 35.36 -15.81 11.91
CA ASP D 40 36.16 -16.77 12.68
C ASP D 40 37.19 -16.12 13.62
N ALA D 41 37.25 -14.80 13.67
CA ALA D 41 38.23 -14.13 14.53
C ALA D 41 37.60 -13.04 15.40
N LEU D 42 36.97 -12.04 14.77
CA LEU D 42 36.56 -10.83 15.50
C LEU D 42 35.64 -11.15 16.67
N GLU D 43 34.52 -11.83 16.41
CA GLU D 43 33.65 -12.19 17.53
C GLU D 43 33.96 -13.58 18.08
N SER D 44 34.76 -14.40 17.39
CA SER D 44 35.08 -15.72 17.90
C SER D 44 36.10 -15.68 19.07
N PRO D 45 37.36 -15.24 18.90
CA PRO D 45 38.05 -14.59 20.02
C PRO D 45 37.65 -13.14 20.15
N GLU D 46 37.62 -12.65 21.38
CA GLU D 46 36.97 -11.37 21.63
C GLU D 46 37.75 -10.15 21.11
N HIS D 47 38.96 -10.33 20.56
CA HIS D 47 39.83 -9.21 20.24
C HIS D 47 39.21 -8.23 19.25
N ALA D 48 39.23 -6.95 19.62
CA ALA D 48 38.64 -5.84 18.88
C ALA D 48 39.63 -5.10 17.99
N SER D 49 40.84 -5.64 17.77
CA SER D 49 42.00 -4.94 17.23
C SER D 49 41.71 -4.13 15.97
N PRO D 50 42.45 -3.04 15.72
CA PRO D 50 42.03 -2.07 14.70
C PRO D 50 41.88 -2.63 13.28
N HIS D 51 42.57 -3.71 12.94
CA HIS D 51 42.48 -4.19 11.56
C HIS D 51 41.16 -4.88 11.27
N HIS D 52 40.50 -5.44 12.30
CA HIS D 52 39.20 -6.06 12.06
C HIS D 52 38.13 -5.00 11.82
N THR D 53 38.05 -4.00 12.69
CA THR D 53 37.10 -2.91 12.48
C THR D 53 37.44 -2.09 11.24
N ALA D 54 38.71 -2.11 10.80
CA ALA D 54 39.09 -1.45 9.55
C ALA D 54 38.63 -2.26 8.33
N LEU D 55 38.77 -3.59 8.41
CA LEU D 55 38.05 -4.45 7.48
C LEU D 55 36.59 -4.01 7.40
N ARG D 56 35.87 -4.11 8.51
CA ARG D 56 34.44 -3.80 8.50
C ARG D 56 34.14 -2.45 7.85
N GLN D 57 34.97 -1.42 8.11
CA GLN D 57 34.90 -0.20 7.30
C GLN D 57 34.82 -0.56 5.83
N ALA D 58 35.94 -1.06 5.29
CA ALA D 58 36.04 -1.25 3.84
C ALA D 58 35.00 -2.23 3.29
N ILE D 59 34.72 -3.31 4.03
CA ILE D 59 33.80 -4.34 3.57
C ILE D 59 32.41 -3.76 3.43
N LEU D 60 31.94 -3.10 4.48
CA LEU D 60 30.72 -2.32 4.44
C LEU D 60 30.69 -1.40 3.22
N CYS D 61 31.62 -0.42 3.12
CA CYS D 61 31.80 0.46 1.98
C CYS D 61 31.54 -0.22 0.66
N TRP D 62 32.34 -1.24 0.38
CA TRP D 62 32.20 -1.87 -0.92
C TRP D 62 30.78 -2.39 -1.10
N GLY D 63 30.15 -2.78 0.01
CA GLY D 63 28.70 -2.92 0.01
C GLY D 63 27.96 -1.66 -0.39
N ASP D 64 28.21 -0.52 0.28
CA ASP D 64 27.43 0.70 0.00
C ASP D 64 27.83 1.38 -1.30
N LEU D 65 28.76 0.76 -2.02
CA LEU D 65 29.25 1.12 -3.34
C LEU D 65 28.58 0.26 -4.41
N MET D 66 28.75 -1.06 -4.30
CA MET D 66 28.05 -1.95 -5.22
C MET D 66 26.54 -1.85 -5.07
N THR D 67 26.03 -1.26 -3.99
CA THR D 67 24.62 -0.86 -3.97
C THR D 67 24.32 0.06 -5.14
N LEU D 68 25.15 1.09 -5.33
CA LEU D 68 25.10 1.90 -6.54
C LEU D 68 25.31 1.04 -7.79
N ALA D 69 26.23 0.08 -7.72
CA ALA D 69 26.49 -0.74 -8.89
C ALA D 69 25.26 -1.51 -9.35
N THR D 70 24.35 -1.86 -8.43
CA THR D 70 23.06 -2.41 -8.84
C THR D 70 22.00 -1.33 -9.05
N TRP D 71 22.22 -0.11 -8.57
CA TRP D 71 21.30 1.00 -8.80
C TRP D 71 21.52 1.64 -10.17
N VAL D 72 22.53 1.21 -10.91
CA VAL D 72 22.69 1.67 -12.30
C VAL D 72 21.89 0.75 -13.22
N GLY D 73 21.09 -0.15 -12.64
CA GLY D 73 20.01 -0.84 -13.33
C GLY D 73 18.79 0.02 -13.59
N THR D 74 18.89 1.33 -13.32
CA THR D 74 17.86 2.33 -13.59
C THR D 74 18.10 3.06 -14.92
N ASN D 75 19.08 2.61 -15.71
CA ASN D 75 19.36 3.23 -17.00
C ASN D 75 18.77 2.44 -18.17
N VAL D 86 21.62 3.37 -22.61
CA VAL D 86 22.18 2.54 -21.57
C VAL D 86 23.71 2.60 -21.64
N SER D 87 24.28 3.74 -21.29
CA SER D 87 25.72 3.81 -21.19
C SER D 87 25.99 3.59 -19.71
N TYR D 88 26.19 2.33 -19.36
CA TYR D 88 26.63 1.95 -18.04
C TYR D 88 27.98 1.31 -18.30
N VAL D 89 29.03 2.09 -18.08
CA VAL D 89 30.35 1.57 -17.90
C VAL D 89 30.70 1.97 -16.47
N ASN D 90 30.51 1.05 -15.54
CA ASN D 90 30.65 1.39 -14.15
C ASN D 90 32.07 1.13 -13.74
N THR D 91 32.64 2.08 -13.02
CA THR D 91 34.08 2.09 -12.83
C THR D 91 34.42 1.02 -11.79
N ASN D 92 35.15 0.00 -12.23
CA ASN D 92 35.69 -1.03 -11.37
C ASN D 92 37.11 -0.70 -10.94
N VAL D 93 37.57 0.53 -11.21
CA VAL D 93 38.80 1.11 -10.70
C VAL D 93 38.76 1.09 -9.17
N GLY D 94 37.57 0.81 -8.62
CA GLY D 94 37.42 0.56 -7.21
C GLY D 94 38.12 -0.73 -6.79
N LEU D 95 38.86 -1.34 -7.72
CA LEU D 95 39.84 -2.35 -7.35
C LEU D 95 40.94 -1.77 -6.46
N LYS D 96 40.99 -0.45 -6.29
CA LYS D 96 41.81 0.11 -5.24
C LYS D 96 41.37 -0.38 -3.85
N PHE D 97 40.23 -1.06 -3.77
CA PHE D 97 39.83 -1.75 -2.54
C PHE D 97 40.58 -3.07 -2.37
N ARG D 98 40.83 -3.79 -3.48
CA ARG D 98 41.57 -5.06 -3.40
C ARG D 98 42.88 -4.91 -2.67
N GLN D 99 43.61 -3.83 -2.95
CA GLN D 99 44.81 -3.52 -2.18
C GLN D 99 44.46 -3.29 -0.72
N LEU D 100 43.53 -2.36 -0.47
CA LEU D 100 43.10 -2.03 0.88
C LEU D 100 42.71 -3.28 1.65
N LEU D 101 41.77 -4.05 1.08
CA LEU D 101 41.34 -5.29 1.74
C LEU D 101 42.50 -6.25 1.93
N TRP D 102 43.45 -6.28 0.99
CA TRP D 102 44.64 -7.10 1.22
C TRP D 102 45.42 -6.57 2.41
N PHE D 103 45.70 -5.26 2.42
CA PHE D 103 46.60 -4.70 3.43
C PHE D 103 46.17 -5.08 4.83
N HIS D 104 44.87 -5.02 5.12
CA HIS D 104 44.39 -5.42 6.43
C HIS D 104 44.47 -6.93 6.60
N ILE D 105 43.96 -7.68 5.63
CA ILE D 105 43.91 -9.14 5.76
C ILE D 105 45.29 -9.70 6.04
N SER D 106 46.25 -9.40 5.17
CA SER D 106 47.62 -9.82 5.41
C SER D 106 48.15 -9.28 6.73
N ALA D 107 47.86 -8.01 7.04
CA ALA D 107 48.35 -7.47 8.31
C ALA D 107 47.68 -8.09 9.52
N LEU D 108 46.57 -8.80 9.33
CA LEU D 108 45.96 -9.51 10.44
C LEU D 108 46.35 -10.99 10.47
N THR D 109 47.15 -11.45 9.52
CA THR D 109 47.72 -12.78 9.56
C THR D 109 49.22 -12.72 9.85
N PHE D 110 50.00 -12.08 8.97
CA PHE D 110 51.43 -11.91 9.22
C PHE D 110 51.70 -10.86 10.28
N GLY D 111 50.81 -9.90 10.46
CA GLY D 111 51.07 -8.80 11.35
C GLY D 111 51.52 -7.55 10.61
N ARG D 112 51.17 -6.39 11.16
CA ARG D 112 51.51 -5.12 10.53
C ARG D 112 53.02 -4.95 10.41
N GLU D 113 53.77 -5.50 11.36
CA GLU D 113 55.23 -5.54 11.27
C GLU D 113 55.70 -6.13 9.95
N THR D 114 55.41 -7.41 9.74
CA THR D 114 55.92 -8.11 8.56
C THR D 114 55.33 -7.53 7.27
N VAL D 115 54.11 -7.01 7.33
CA VAL D 115 53.48 -6.46 6.13
C VAL D 115 54.14 -5.16 5.72
N LEU D 116 54.33 -4.24 6.67
CA LEU D 116 55.00 -2.99 6.36
C LEU D 116 56.45 -3.22 5.94
N GLU D 117 57.14 -4.15 6.61
CA GLU D 117 58.49 -4.50 6.19
C GLU D 117 58.51 -5.00 4.75
N TYR D 118 57.58 -5.91 4.42
CA TYR D 118 57.50 -6.42 3.06
C TYR D 118 57.25 -5.30 2.07
N LEU D 119 56.34 -4.38 2.39
CA LEU D 119 56.06 -3.29 1.46
C LEU D 119 57.28 -2.40 1.27
N VAL D 120 58.07 -2.18 2.33
CA VAL D 120 59.25 -1.35 2.19
C VAL D 120 60.29 -2.04 1.30
N SER D 121 60.54 -3.33 1.53
CA SER D 121 61.53 -4.04 0.73
C SER D 121 61.11 -4.16 -0.73
N PHE D 122 59.82 -4.41 -0.98
CA PHE D 122 59.31 -4.47 -2.35
C PHE D 122 59.40 -3.11 -3.01
N GLY D 123 59.01 -2.04 -2.31
CA GLY D 123 59.14 -0.70 -2.85
C GLY D 123 60.58 -0.32 -3.14
N VAL D 124 61.52 -0.87 -2.37
CA VAL D 124 62.94 -0.67 -2.63
C VAL D 124 63.38 -1.44 -3.87
N TRP D 125 62.90 -2.68 -4.01
CA TRP D 125 63.29 -3.53 -5.12
C TRP D 125 62.73 -3.04 -6.45
N ILE D 126 61.56 -2.40 -6.44
CA ILE D 126 60.99 -1.89 -7.67
C ILE D 126 61.83 -0.75 -8.24
N ARG D 127 62.29 0.15 -7.37
CA ARG D 127 63.08 1.30 -7.79
C ARG D 127 64.56 0.96 -7.97
N THR D 128 64.95 -0.32 -7.81
CA THR D 128 66.30 -0.77 -8.11
C THR D 128 66.38 -1.25 -9.56
N PRO D 129 67.30 -0.73 -10.35
CA PRO D 129 67.44 -1.15 -11.75
C PRO D 129 67.70 -2.64 -11.85
N PRO D 130 67.06 -3.33 -12.79
CA PRO D 130 67.03 -4.80 -12.76
C PRO D 130 68.39 -5.47 -12.89
N ALA D 131 69.42 -4.76 -13.34
CA ALA D 131 70.73 -5.38 -13.45
C ALA D 131 71.34 -5.64 -12.08
N TYR D 132 71.00 -4.83 -11.08
CA TYR D 132 71.58 -4.93 -9.74
C TYR D 132 70.70 -5.68 -8.73
N ARG D 133 69.59 -6.26 -9.16
CA ARG D 133 68.63 -6.86 -8.25
C ARG D 133 68.33 -8.30 -8.66
N PRO D 134 67.78 -9.10 -7.74
CA PRO D 134 67.35 -10.45 -8.13
C PRO D 134 66.26 -10.38 -9.16
N PRO D 135 66.21 -11.35 -10.08
CA PRO D 135 65.16 -11.30 -11.13
C PRO D 135 63.75 -11.32 -10.58
N ASN D 136 63.53 -11.81 -9.37
CA ASN D 136 62.21 -11.87 -8.78
C ASN D 136 62.11 -10.91 -7.60
N ALA D 137 60.98 -10.19 -7.55
CA ALA D 137 60.69 -9.35 -6.41
C ALA D 137 60.59 -10.21 -5.15
N PRO D 138 60.75 -9.61 -3.98
CA PRO D 138 60.61 -10.39 -2.74
C PRO D 138 59.27 -11.10 -2.71
N ILE D 139 59.30 -12.33 -2.21
CA ILE D 139 58.09 -13.10 -1.98
C ILE D 139 57.69 -12.91 -0.54
N LEU D 140 56.39 -12.82 -0.29
CA LEU D 140 55.90 -12.77 1.09
C LEU D 140 55.64 -14.21 1.50
N SER D 141 56.50 -14.73 2.36
CA SER D 141 56.38 -16.13 2.74
C SER D 141 55.35 -16.28 3.84
N THR D 142 54.60 -17.38 3.78
CA THR D 142 53.59 -17.63 4.79
C THR D 142 54.26 -17.93 6.14
N LEU D 143 53.53 -17.66 7.19
CA LEU D 143 53.98 -18.09 8.50
C LEU D 143 53.45 -19.49 8.80
N PRO D 144 54.31 -20.44 9.16
CA PRO D 144 53.92 -21.84 9.17
C PRO D 144 53.23 -22.23 10.47
N GLU D 145 52.86 -23.51 10.55
CA GLU D 145 52.15 -24.09 11.70
C GLU D 145 52.90 -23.84 13.01
N GLU E 3 -20.87 17.78 -3.84
CA GLU E 3 -19.96 18.29 -4.86
C GLU E 3 -18.50 18.05 -4.45
N LEU E 4 -17.64 17.84 -5.45
CA LEU E 4 -16.26 17.44 -5.24
C LEU E 4 -15.31 18.41 -5.91
N VAL E 5 -14.36 18.95 -5.14
CA VAL E 5 -13.24 19.71 -5.66
C VAL E 5 -11.96 19.18 -5.03
N LEU E 6 -10.88 19.14 -5.82
CA LEU E 6 -9.60 18.59 -5.37
C LEU E 6 -8.60 19.72 -5.25
N THR E 7 -8.21 20.04 -4.01
CA THR E 7 -7.27 21.11 -3.75
C THR E 7 -5.86 20.54 -3.85
N GLN E 8 -5.11 21.01 -4.84
CA GLN E 8 -3.78 20.52 -5.15
C GLN E 8 -2.77 21.62 -4.86
N THR E 9 -1.85 21.34 -3.94
CA THR E 9 -0.85 22.33 -3.58
C THR E 9 0.55 21.78 -3.87
N PRO E 10 1.46 22.65 -4.34
CA PRO E 10 1.26 24.06 -4.70
C PRO E 10 0.89 24.27 -6.16
N SER E 11 0.86 25.53 -6.61
CA SER E 11 0.74 25.77 -8.05
C SER E 11 2.07 25.53 -8.76
N SER E 12 3.19 25.74 -8.06
CA SER E 12 4.50 25.45 -8.64
C SER E 12 5.45 24.97 -7.55
N VAL E 13 6.23 23.94 -7.88
CA VAL E 13 7.41 23.55 -7.11
C VAL E 13 8.62 23.87 -7.97
N SER E 14 9.63 24.48 -7.36
CA SER E 14 10.90 24.77 -8.03
C SER E 14 11.97 23.92 -7.38
N ALA E 15 12.41 22.88 -8.08
CA ALA E 15 13.32 21.89 -7.54
C ALA E 15 14.62 21.86 -8.33
N ALA E 16 15.69 21.45 -7.67
CA ALA E 16 16.95 21.22 -8.36
C ALA E 16 17.04 19.74 -8.75
N VAL E 17 18.10 19.40 -9.49
CA VAL E 17 18.24 18.04 -9.98
C VAL E 17 18.66 17.12 -8.84
N GLY E 18 17.97 15.99 -8.72
CA GLY E 18 18.15 15.11 -7.58
C GLY E 18 17.31 15.47 -6.38
N GLY E 19 16.73 16.66 -6.34
CA GLY E 19 15.88 17.05 -5.23
C GLY E 19 14.58 16.27 -5.21
N THR E 20 13.87 16.40 -4.10
CA THR E 20 12.62 15.69 -3.87
C THR E 20 11.44 16.65 -4.03
N VAL E 21 10.43 16.21 -4.78
CA VAL E 21 9.24 17.02 -5.06
C VAL E 21 8.03 16.33 -4.47
N THR E 22 7.25 17.07 -3.69
CA THR E 22 6.04 16.54 -3.05
C THR E 22 4.84 17.38 -3.48
N ILE E 23 3.76 16.72 -3.87
CA ILE E 23 2.54 17.37 -4.32
C ILE E 23 1.37 16.82 -3.52
N ASN E 24 0.53 17.72 -3.00
CA ASN E 24 -0.53 17.34 -2.06
C ASN E 24 -1.89 17.50 -2.72
N CYS E 25 -2.71 16.46 -2.61
CA CYS E 25 -4.05 16.43 -3.18
C CYS E 25 -5.04 16.15 -2.04
N GLN E 26 -5.98 17.08 -1.84
CA GLN E 26 -6.95 16.98 -0.76
C GLN E 26 -8.36 17.06 -1.35
N ALA E 27 -9.15 16.00 -1.15
CA ALA E 27 -10.49 15.97 -1.70
C ALA E 27 -11.49 16.58 -0.74
N SER E 28 -12.74 16.71 -1.20
CA SER E 28 -13.82 17.25 -0.38
C SER E 28 -14.66 16.18 0.31
N GLN E 29 -14.59 14.94 -0.15
CA GLN E 29 -15.23 13.80 0.48
C GLN E 29 -14.22 12.68 0.55
N SER E 30 -14.64 11.51 1.05
CA SER E 30 -13.76 10.34 1.03
C SER E 30 -14.05 9.60 -0.27
N ILE E 31 -13.10 9.68 -1.21
CA ILE E 31 -13.21 9.06 -2.51
C ILE E 31 -12.49 7.72 -2.57
N SER E 32 -12.01 7.23 -1.43
CA SER E 32 -11.26 5.96 -1.30
C SER E 32 -9.94 6.08 -2.08
N SER E 33 -9.55 5.05 -2.82
CA SER E 33 -8.31 4.98 -3.58
C SER E 33 -8.49 5.42 -5.02
N ARG E 34 -9.62 6.04 -5.32
CA ARG E 34 -10.13 6.32 -6.66
C ARG E 34 -9.46 7.53 -7.33
N LEU E 35 -8.33 8.01 -6.82
CA LEU E 35 -7.49 9.00 -7.50
C LEU E 35 -6.61 8.36 -8.57
N GLY E 36 -6.12 9.20 -9.49
CA GLY E 36 -4.92 8.87 -10.24
C GLY E 36 -4.11 10.13 -10.54
N TRP E 37 -2.81 9.93 -10.72
CA TRP E 37 -1.84 11.00 -10.87
C TRP E 37 -1.34 11.04 -12.30
N TYR E 38 -1.43 12.22 -12.92
CA TYR E 38 -1.22 12.41 -14.35
C TYR E 38 -0.16 13.47 -14.57
N GLN E 39 0.87 13.14 -15.36
CA GLN E 39 1.90 14.08 -15.73
C GLN E 39 1.71 14.50 -17.18
N GLN E 40 1.64 15.81 -17.40
CA GLN E 40 1.49 16.41 -18.72
C GLN E 40 2.69 17.33 -18.97
N LYS E 41 3.40 17.08 -20.08
CA LYS E 41 4.47 17.96 -20.53
C LYS E 41 3.93 19.02 -21.49
N PRO E 42 4.59 20.18 -21.58
CA PRO E 42 4.05 21.27 -22.41
C PRO E 42 3.93 20.87 -23.87
N GLY E 43 2.73 21.11 -24.44
CA GLY E 43 2.45 20.77 -25.81
C GLY E 43 2.05 19.33 -26.05
N GLN E 44 2.06 18.49 -25.02
CA GLN E 44 1.78 17.07 -25.10
C GLN E 44 0.50 16.73 -24.36
N PRO E 45 -0.20 15.66 -24.74
CA PRO E 45 -1.36 15.21 -23.97
C PRO E 45 -0.95 14.71 -22.60
N PRO E 46 -1.88 14.67 -21.64
CA PRO E 46 -1.53 14.17 -20.31
C PRO E 46 -1.16 12.69 -20.34
N LYS E 47 -0.24 12.32 -19.45
CA LYS E 47 0.23 10.95 -19.32
C LYS E 47 -0.01 10.47 -17.89
N LEU E 48 -0.57 9.27 -17.75
CA LEU E 48 -0.88 8.73 -16.45
C LEU E 48 0.37 8.29 -15.72
N LEU E 49 0.50 8.70 -14.46
CA LEU E 49 1.58 8.25 -13.60
C LEU E 49 1.12 7.15 -12.64
N ILE E 50 0.15 7.44 -11.77
CA ILE E 50 -0.29 6.50 -10.75
C ILE E 50 -1.79 6.30 -10.85
N TYR E 51 -2.25 5.11 -10.45
CA TYR E 51 -3.67 4.86 -10.29
C TYR E 51 -3.87 4.09 -8.99
N GLY E 52 -5.12 3.99 -8.53
CA GLY E 52 -5.38 3.34 -7.26
C GLY E 52 -4.67 3.98 -6.09
N ALA E 53 -4.13 5.18 -6.30
CA ALA E 53 -3.51 6.07 -5.33
C ALA E 53 -2.14 5.60 -4.84
N SER E 54 -1.91 4.29 -4.77
CA SER E 54 -0.56 3.77 -4.61
C SER E 54 0.01 3.08 -5.83
N THR E 55 -0.81 2.68 -6.80
CA THR E 55 -0.41 1.66 -7.75
C THR E 55 0.22 2.33 -8.96
N LEU E 56 1.52 2.08 -9.16
CA LEU E 56 2.27 2.70 -10.23
C LEU E 56 1.83 2.13 -11.57
N THR E 57 2.11 2.89 -12.63
CA THR E 57 1.74 2.47 -13.98
C THR E 57 2.87 1.67 -14.61
N SER E 58 2.62 1.21 -15.84
CA SER E 58 3.46 0.18 -16.44
C SER E 58 4.81 0.70 -16.95
N VAL E 59 4.92 1.99 -17.29
CA VAL E 59 6.21 2.57 -17.65
C VAL E 59 6.84 3.43 -16.54
N GLY E 60 6.15 3.66 -15.43
CA GLY E 60 6.58 4.63 -14.44
C GLY E 60 7.83 4.24 -13.66
N PRO E 61 8.76 5.19 -13.52
CA PRO E 61 9.99 4.90 -12.77
C PRO E 61 9.74 4.78 -11.27
N SER E 62 10.62 4.02 -10.60
CA SER E 62 10.49 3.80 -9.17
C SER E 62 10.81 5.04 -8.35
N ARG E 63 11.49 6.03 -8.95
CA ARG E 63 11.67 7.30 -8.25
C ARG E 63 10.36 8.04 -8.07
N PHE E 64 9.33 7.70 -8.83
CA PHE E 64 7.97 8.17 -8.61
C PHE E 64 7.27 7.24 -7.63
N LYS E 65 6.77 7.79 -6.52
CA LYS E 65 5.85 7.01 -5.69
C LYS E 65 4.80 7.94 -5.07
N GLY E 66 3.53 7.61 -5.25
CA GLY E 66 2.45 8.24 -4.53
C GLY E 66 1.85 7.33 -3.47
N SER E 67 1.04 7.93 -2.60
CA SER E 67 0.37 7.18 -1.56
C SER E 67 -0.75 8.04 -0.97
N GLY E 68 -1.41 7.50 0.05
CA GLY E 68 -2.57 8.12 0.65
C GLY E 68 -3.84 7.40 0.25
N SER E 69 -4.95 7.88 0.80
CA SER E 69 -6.26 7.27 0.60
C SER E 69 -7.28 8.12 1.33
N GLY E 70 -8.55 7.94 0.96
CA GLY E 70 -9.56 8.82 1.52
C GLY E 70 -9.40 10.23 1.00
N THR E 71 -9.12 11.17 1.90
CA THR E 71 -8.87 12.57 1.58
C THR E 71 -7.39 12.85 1.29
N GLU E 72 -6.52 12.57 2.26
CA GLU E 72 -5.09 12.85 2.09
C GLU E 72 -4.50 12.06 0.92
N PHE E 73 -3.83 12.77 0.02
CA PHE E 73 -3.08 12.15 -1.07
C PHE E 73 -1.74 12.86 -1.25
N THR E 74 -0.69 12.06 -1.44
CA THR E 74 0.66 12.57 -1.61
C THR E 74 1.29 11.97 -2.86
N LEU E 75 2.05 12.80 -3.58
CA LEU E 75 2.87 12.36 -4.70
C LEU E 75 4.32 12.76 -4.43
N THR E 76 5.24 11.84 -4.65
CA THR E 76 6.65 12.06 -4.36
C THR E 76 7.51 11.71 -5.55
N ILE E 77 8.41 12.63 -5.91
CA ILE E 77 9.48 12.39 -6.85
C ILE E 77 10.77 12.43 -6.04
N SER E 78 11.40 11.27 -5.85
CA SER E 78 12.62 11.19 -5.06
C SER E 78 13.80 11.76 -5.84
N GLY E 79 13.96 11.33 -7.08
CA GLY E 79 15.13 11.58 -7.89
C GLY E 79 15.00 12.60 -9.01
N VAL E 80 14.12 13.59 -8.90
CA VAL E 80 13.64 14.34 -10.06
C VAL E 80 14.80 14.79 -10.96
N GLN E 81 14.59 14.68 -12.27
CA GLN E 81 15.57 14.99 -13.30
C GLN E 81 15.08 16.14 -14.16
N ARG E 82 15.92 16.54 -15.13
CA ARG E 82 15.48 17.50 -16.14
C ARG E 82 14.28 16.96 -16.90
N ASP E 83 14.25 15.64 -17.13
CA ASP E 83 13.17 15.01 -17.88
C ASP E 83 11.81 15.34 -17.27
N ASP E 84 11.71 15.34 -15.95
CA ASP E 84 10.43 15.31 -15.24
C ASP E 84 9.87 16.69 -14.94
N ALA E 85 10.47 17.76 -15.48
CA ALA E 85 9.87 19.07 -15.33
C ALA E 85 8.65 19.16 -16.24
N ALA E 86 7.48 19.35 -15.64
CA ALA E 86 6.21 19.32 -16.36
C ALA E 86 5.12 19.76 -15.37
N THR E 87 3.87 19.73 -15.83
CA THR E 87 2.72 19.98 -14.98
C THR E 87 2.10 18.65 -14.56
N TYR E 88 1.75 18.56 -13.29
CA TYR E 88 1.17 17.36 -12.70
C TYR E 88 -0.24 17.69 -12.21
N TYR E 89 -1.17 16.76 -12.44
CA TYR E 89 -2.54 16.88 -11.97
C TYR E 89 -2.94 15.61 -11.24
N CYS E 90 -3.83 15.74 -10.26
CA CYS E 90 -4.45 14.60 -9.61
C CYS E 90 -5.94 14.60 -9.95
N LEU E 91 -6.41 13.48 -10.49
CA LEU E 91 -7.80 13.33 -10.92
C LEU E 91 -8.50 12.37 -9.98
N GLY E 92 -9.39 12.89 -9.16
CA GLY E 92 -10.21 12.10 -8.28
C GLY E 92 -11.57 11.82 -8.89
N SER E 93 -12.18 10.72 -8.45
CA SER E 93 -13.54 10.38 -8.84
C SER E 93 -14.28 9.88 -7.62
N ASP E 94 -15.33 10.60 -7.21
CA ASP E 94 -16.24 10.08 -6.19
C ASP E 94 -17.18 9.08 -6.85
N THR E 95 -18.02 9.56 -7.75
CA THR E 95 -18.70 8.74 -8.75
C THR E 95 -18.17 9.18 -10.11
N SER E 96 -18.74 8.62 -11.19
CA SER E 96 -18.36 9.10 -12.51
C SER E 96 -18.94 10.47 -12.82
N THR E 97 -19.88 10.96 -12.01
CA THR E 97 -20.44 12.30 -12.15
C THR E 97 -19.63 13.33 -11.39
N ASP E 98 -19.48 13.15 -10.07
CA ASP E 98 -18.61 14.07 -9.34
C ASP E 98 -17.21 13.50 -9.49
N THR E 99 -16.46 14.08 -10.42
CA THR E 99 -15.11 13.67 -10.76
C THR E 99 -14.35 14.92 -11.11
N ALA E 100 -13.20 15.13 -10.47
CA ALA E 100 -12.53 16.42 -10.61
C ALA E 100 -11.02 16.25 -10.66
N PHE E 101 -10.41 16.95 -11.61
CA PHE E 101 -8.96 17.12 -11.63
C PHE E 101 -8.52 18.01 -10.48
N GLY E 102 -7.24 17.92 -10.14
CA GLY E 102 -6.66 18.90 -9.27
C GLY E 102 -6.37 20.19 -9.99
N GLY E 103 -6.10 21.25 -9.21
CA GLY E 103 -5.80 22.54 -9.80
C GLY E 103 -4.57 22.53 -10.68
N GLY E 104 -3.66 21.59 -10.44
CA GLY E 104 -2.43 21.50 -11.18
C GLY E 104 -1.23 21.99 -10.37
N THR E 105 -0.06 21.53 -10.77
CA THR E 105 1.19 22.01 -10.20
C THR E 105 2.26 21.93 -11.28
N GLU E 106 3.14 22.91 -11.35
CA GLU E 106 4.22 22.86 -12.34
C GLU E 106 5.54 22.68 -11.61
N VAL E 107 6.18 21.54 -11.85
CA VAL E 107 7.50 21.26 -11.34
C VAL E 107 8.50 21.64 -12.41
N VAL E 108 9.41 22.55 -12.07
CA VAL E 108 10.46 23.02 -12.97
C VAL E 108 11.81 22.69 -12.33
N VAL E 109 12.67 22.01 -13.07
CA VAL E 109 13.92 21.47 -12.55
C VAL E 109 15.08 22.20 -13.20
N LYS E 110 16.06 22.59 -12.40
CA LYS E 110 17.24 23.30 -12.88
C LYS E 110 18.50 22.49 -12.54
N GLY E 111 19.35 22.29 -13.54
CA GLY E 111 20.60 21.57 -13.36
C GLY E 111 20.96 20.69 -14.54
N GLU E 130 -4.77 -0.08 -30.27
CA GLU E 130 -5.09 0.51 -28.97
C GLU E 130 -4.76 2.00 -28.99
N GLN E 131 -5.54 2.77 -29.75
CA GLN E 131 -5.25 4.16 -29.98
C GLN E 131 -6.55 4.90 -30.26
N LEU E 132 -6.50 6.22 -30.03
CA LEU E 132 -7.64 7.12 -30.11
C LEU E 132 -7.29 8.29 -31.01
N VAL E 133 -8.25 8.73 -31.84
CA VAL E 133 -8.04 9.87 -32.74
C VAL E 133 -9.18 10.86 -32.56
N GLU E 134 -8.90 12.00 -31.93
CA GLU E 134 -9.90 13.06 -31.82
C GLU E 134 -9.92 13.87 -33.10
N SER E 135 -11.05 14.49 -33.38
CA SER E 135 -11.22 15.23 -34.63
C SER E 135 -12.46 16.10 -34.55
N GLY E 136 -12.63 16.91 -35.60
CA GLY E 136 -13.78 17.76 -35.77
C GLY E 136 -13.61 19.18 -35.26
N GLY E 137 -12.70 19.42 -34.33
CA GLY E 137 -12.63 20.72 -33.67
C GLY E 137 -12.17 21.80 -34.62
N ARG E 138 -12.82 22.96 -34.54
CA ARG E 138 -12.62 24.04 -35.50
C ARG E 138 -12.87 25.37 -34.80
N LEU E 139 -12.98 26.43 -35.61
CA LEU E 139 -13.32 27.77 -35.14
C LEU E 139 -14.81 27.98 -35.38
N VAL E 140 -15.57 28.13 -34.30
CA VAL E 140 -17.03 28.24 -34.38
C VAL E 140 -17.46 29.50 -33.63
N PRO E 141 -18.44 30.26 -34.13
CA PRO E 141 -18.81 31.53 -33.49
C PRO E 141 -19.58 31.28 -32.20
N PRO E 142 -19.70 32.30 -31.34
CA PRO E 142 -20.44 32.12 -30.08
C PRO E 142 -21.88 31.72 -30.34
N GLY E 143 -22.45 30.98 -29.40
CA GLY E 143 -23.78 30.45 -29.58
C GLY E 143 -23.88 29.33 -30.60
N GLY E 144 -22.75 28.77 -31.02
CA GLY E 144 -22.72 27.66 -31.94
C GLY E 144 -22.75 26.32 -31.24
N SER E 145 -22.37 25.28 -31.99
CA SER E 145 -22.48 23.92 -31.49
C SER E 145 -21.23 23.09 -31.72
N LEU E 146 -20.98 22.80 -32.99
CA LEU E 146 -20.05 21.81 -33.52
C LEU E 146 -20.34 20.40 -32.98
N THR E 147 -19.41 19.47 -33.20
CA THR E 147 -19.43 18.14 -32.60
C THR E 147 -18.04 17.56 -32.77
N LEU E 148 -17.53 16.91 -31.74
CA LEU E 148 -16.20 16.32 -31.78
C LEU E 148 -16.35 14.82 -31.89
N THR E 149 -15.39 14.17 -32.55
CA THR E 149 -15.48 12.73 -32.73
C THR E 149 -14.16 12.08 -32.42
N CYS E 150 -14.24 10.98 -31.67
CA CYS E 150 -13.12 10.18 -31.22
C CYS E 150 -13.19 8.86 -31.98
N THR E 151 -12.26 8.64 -32.90
CA THR E 151 -12.18 7.39 -33.65
C THR E 151 -11.29 6.45 -32.85
N VAL E 152 -11.89 5.39 -32.31
CA VAL E 152 -11.23 4.49 -31.39
C VAL E 152 -10.94 3.20 -32.12
N SER E 153 -9.69 2.74 -32.08
CA SER E 153 -9.39 1.51 -32.76
C SER E 153 -8.33 0.73 -32.00
N GLY E 154 -8.47 -0.60 -32.01
CA GLY E 154 -7.69 -1.46 -31.15
C GLY E 154 -8.22 -1.60 -29.75
N ILE E 155 -9.43 -1.10 -29.47
CA ILE E 155 -10.00 -1.12 -28.14
C ILE E 155 -11.42 -1.65 -28.20
N ASP E 156 -11.78 -2.50 -27.23
CA ASP E 156 -13.07 -3.16 -27.21
C ASP E 156 -14.02 -2.27 -26.42
N LEU E 157 -14.98 -1.66 -27.13
CA LEU E 157 -15.91 -0.73 -26.50
C LEU E 157 -17.03 -1.43 -25.74
N SER E 158 -17.12 -2.76 -25.84
CA SER E 158 -18.00 -3.50 -24.96
C SER E 158 -17.39 -3.72 -23.58
N SER E 159 -16.06 -3.67 -23.46
CA SER E 159 -15.39 -3.86 -22.18
C SER E 159 -14.82 -2.60 -21.51
N ASN E 160 -14.88 -1.43 -22.14
CA ASN E 160 -14.04 -0.32 -21.68
C ASN E 160 -14.80 1.01 -21.68
N ALA E 161 -14.18 2.02 -21.09
CA ALA E 161 -14.77 3.34 -20.97
C ALA E 161 -14.02 4.37 -21.83
N ILE E 162 -14.74 5.42 -22.23
CA ILE E 162 -14.16 6.53 -22.97
C ILE E 162 -14.56 7.83 -22.27
N SER E 163 -13.60 8.53 -21.70
CA SER E 163 -13.83 9.81 -21.08
C SER E 163 -13.41 10.95 -22.00
N TRP E 164 -13.76 12.16 -21.56
CA TRP E 164 -13.55 13.40 -22.30
C TRP E 164 -13.04 14.44 -21.32
N VAL E 165 -11.82 14.92 -21.56
CA VAL E 165 -11.16 15.95 -20.79
C VAL E 165 -10.87 17.11 -21.73
N ARG E 166 -10.95 18.33 -21.20
CA ARG E 166 -10.62 19.52 -21.99
C ARG E 166 -9.63 20.37 -21.19
N GLN E 167 -8.82 21.15 -21.93
CA GLN E 167 -7.86 22.05 -21.30
C GLN E 167 -7.83 23.36 -22.07
N ALA E 168 -8.20 24.45 -21.42
CA ALA E 168 -8.14 25.78 -22.02
C ALA E 168 -6.69 26.26 -22.05
N PRO E 169 -6.37 27.24 -22.90
CA PRO E 169 -4.97 27.69 -22.99
C PRO E 169 -4.47 28.28 -21.68
N GLY E 170 -3.33 27.76 -21.22
CA GLY E 170 -2.74 28.19 -19.97
C GLY E 170 -3.46 27.75 -18.72
N LYS E 171 -4.61 27.08 -18.84
CA LYS E 171 -5.37 26.61 -17.71
C LYS E 171 -5.02 25.15 -17.41
N GLY E 172 -5.78 24.52 -16.53
CA GLY E 172 -5.57 23.14 -16.15
C GLY E 172 -6.47 22.19 -16.92
N LEU E 173 -6.52 20.96 -16.41
CA LEU E 173 -7.38 19.92 -16.98
C LEU E 173 -8.79 20.04 -16.42
N GLU E 174 -9.77 19.67 -17.25
CA GLU E 174 -11.17 19.72 -16.84
C GLU E 174 -11.86 18.45 -17.32
N TYR E 175 -12.45 17.70 -16.40
CA TYR E 175 -13.15 16.48 -16.75
C TYR E 175 -14.53 16.83 -17.29
N ILE E 176 -14.79 16.47 -18.55
CA ILE E 176 -16.07 16.72 -19.20
C ILE E 176 -17.00 15.55 -18.94
N GLY E 177 -16.62 14.36 -19.41
CA GLY E 177 -17.54 13.25 -19.29
C GLY E 177 -16.86 11.90 -19.40
N ILE E 178 -17.68 10.86 -19.44
CA ILE E 178 -17.21 9.50 -19.69
C ILE E 178 -18.41 8.69 -20.16
N ILE E 179 -18.15 7.57 -20.82
CA ILE E 179 -19.18 6.64 -21.26
C ILE E 179 -18.63 5.23 -21.10
N TYR E 180 -19.45 4.33 -20.56
CA TYR E 180 -18.99 3.02 -20.12
C TYR E 180 -19.25 1.95 -21.17
N GLY E 181 -18.82 0.72 -20.86
CA GLY E 181 -18.98 -0.37 -21.81
C GLY E 181 -20.43 -0.63 -22.15
N GLY E 182 -21.32 -0.52 -21.17
CA GLY E 182 -22.74 -0.66 -21.40
C GLY E 182 -23.41 0.56 -21.98
N SER E 183 -22.63 1.56 -22.38
CA SER E 183 -23.13 2.73 -23.09
C SER E 183 -24.11 3.54 -22.22
N ILE E 184 -23.71 3.79 -20.98
CA ILE E 184 -24.45 4.71 -20.12
C ILE E 184 -23.54 5.87 -19.77
N PRO E 185 -23.79 7.07 -20.32
CA PRO E 185 -22.88 8.19 -20.14
C PRO E 185 -23.05 8.89 -18.80
N TYR E 186 -21.96 9.50 -18.35
CA TYR E 186 -21.94 10.26 -17.10
C TYR E 186 -21.13 11.54 -17.28
N TYR E 187 -21.73 12.68 -16.92
CA TYR E 187 -21.10 13.99 -17.05
C TYR E 187 -20.92 14.62 -15.68
N SER E 188 -19.97 15.55 -15.62
CA SER E 188 -19.81 16.38 -14.43
C SER E 188 -20.94 17.40 -14.36
N ARG E 189 -21.14 17.96 -13.16
CA ARG E 189 -22.25 18.89 -12.96
C ARG E 189 -22.16 20.10 -13.89
N TRP E 190 -20.94 20.65 -14.07
CA TRP E 190 -20.80 21.84 -14.91
C TRP E 190 -21.14 21.55 -16.37
N ALA E 191 -21.00 20.31 -16.80
CA ALA E 191 -21.29 19.94 -18.17
C ALA E 191 -22.70 19.42 -18.37
N LYS E 192 -23.48 19.24 -17.30
CA LYS E 192 -24.74 18.49 -17.40
C LYS E 192 -25.65 19.07 -18.47
N GLY E 193 -26.03 18.21 -19.42
CA GLY E 193 -27.08 18.48 -20.37
C GLY E 193 -26.61 19.27 -21.58
N ARG E 194 -25.56 20.08 -21.39
CA ARG E 194 -25.03 20.86 -22.49
C ARG E 194 -24.12 20.03 -23.38
N PHE E 195 -23.18 19.32 -22.77
CA PHE E 195 -22.37 18.33 -23.47
C PHE E 195 -23.10 17.00 -23.43
N THR E 196 -23.18 16.33 -24.58
CA THR E 196 -23.79 15.00 -24.64
C THR E 196 -22.86 14.04 -25.36
N ILE E 197 -22.57 12.91 -24.71
CA ILE E 197 -21.74 11.87 -25.29
C ILE E 197 -22.63 10.84 -25.97
N SER E 198 -22.28 10.48 -27.20
CA SER E 198 -22.90 9.41 -27.96
C SER E 198 -21.83 8.40 -28.36
N LYS E 199 -22.26 7.22 -28.78
CA LYS E 199 -21.34 6.15 -29.15
C LYS E 199 -21.88 5.39 -30.35
N THR E 200 -20.96 4.98 -31.22
CA THR E 200 -21.27 4.03 -32.27
C THR E 200 -20.30 2.86 -32.17
N SER E 201 -20.35 1.95 -33.14
CA SER E 201 -19.54 0.74 -33.05
C SER E 201 -18.06 1.08 -32.90
N THR E 202 -17.52 1.89 -33.82
CA THR E 202 -16.10 2.21 -33.79
C THR E 202 -15.74 3.59 -33.22
N THR E 203 -16.70 4.47 -32.92
CA THR E 203 -16.35 5.84 -32.52
C THR E 203 -17.22 6.30 -31.35
N VAL E 204 -16.80 7.42 -30.76
CA VAL E 204 -17.51 8.08 -29.66
C VAL E 204 -17.53 9.58 -29.93
N ALA E 205 -18.70 10.20 -29.87
CA ALA E 205 -18.87 11.59 -30.28
C ALA E 205 -19.32 12.46 -29.11
N LEU E 206 -18.74 13.66 -29.01
CA LEU E 206 -19.08 14.64 -27.98
C LEU E 206 -19.75 15.84 -28.63
N LYS E 207 -21.03 16.05 -28.34
CA LYS E 207 -21.79 17.17 -28.87
C LYS E 207 -21.83 18.30 -27.86
N MET E 208 -21.57 19.52 -28.32
CA MET E 208 -21.48 20.70 -27.48
C MET E 208 -22.54 21.70 -27.94
N SER E 209 -23.33 22.23 -27.00
CA SER E 209 -24.32 23.23 -27.35
C SER E 209 -23.87 24.61 -26.90
N THR E 210 -24.61 25.63 -27.37
CA THR E 210 -24.53 27.04 -26.95
C THR E 210 -23.12 27.45 -26.56
N LEU E 211 -22.19 27.42 -27.52
CA LEU E 211 -20.78 27.56 -27.19
C LEU E 211 -20.41 29.01 -26.93
N THR E 212 -19.62 29.22 -25.87
CA THR E 212 -19.11 30.54 -25.51
C THR E 212 -17.60 30.49 -25.41
N ALA E 213 -16.98 31.67 -25.49
CA ALA E 213 -15.52 31.77 -25.45
C ALA E 213 -14.94 31.17 -24.17
N SER E 214 -15.75 31.00 -23.14
CA SER E 214 -15.33 30.25 -21.97
C SER E 214 -15.08 28.77 -22.29
N ASP E 215 -15.56 28.27 -23.42
CA ASP E 215 -15.35 26.90 -23.84
C ASP E 215 -14.20 26.71 -24.83
N THR E 216 -13.47 27.77 -25.17
CA THR E 216 -12.28 27.57 -26.01
C THR E 216 -11.28 26.72 -25.25
N ALA E 217 -10.92 25.57 -25.83
CA ALA E 217 -10.01 24.63 -25.16
C ALA E 217 -9.63 23.54 -26.16
N THR E 218 -8.78 22.63 -25.68
CA THR E 218 -8.39 21.43 -26.41
C THR E 218 -9.13 20.24 -25.80
N TYR E 219 -9.59 19.33 -26.66
CA TYR E 219 -10.47 18.25 -26.24
C TYR E 219 -9.81 16.91 -26.51
N PHE E 220 -9.48 16.19 -25.43
CA PHE E 220 -8.95 14.84 -25.48
C PHE E 220 -10.04 13.85 -25.10
N CYS E 221 -10.04 12.69 -25.75
CA CYS E 221 -10.70 11.50 -25.24
C CYS E 221 -9.64 10.55 -24.71
N ALA E 222 -10.00 9.81 -23.67
CA ALA E 222 -9.06 8.87 -23.07
C ALA E 222 -9.84 7.61 -22.67
N ARG E 223 -9.15 6.48 -22.61
CA ARG E 223 -9.81 5.23 -22.26
C ARG E 223 -9.78 5.06 -20.74
N GLY E 224 -10.96 4.97 -20.12
CA GLY E 224 -11.07 4.61 -18.73
C GLY E 224 -11.08 3.10 -18.52
N LYS E 225 -10.39 2.67 -17.47
CA LYS E 225 -10.19 1.26 -17.12
C LYS E 225 -10.83 1.01 -15.75
N SER E 226 -11.88 0.20 -15.72
CA SER E 226 -12.68 0.05 -14.51
C SER E 226 -11.96 -0.76 -13.45
N ASP E 227 -12.08 -0.32 -12.20
CA ASP E 227 -11.72 -1.16 -11.07
C ASP E 227 -12.80 -2.22 -10.86
N GLY E 228 -12.57 -3.11 -9.90
CA GLY E 228 -13.53 -4.18 -9.65
C GLY E 228 -14.92 -3.66 -9.33
N ASP E 229 -15.02 -2.51 -8.67
CA ASP E 229 -16.30 -1.93 -8.30
C ASP E 229 -16.84 -0.96 -9.35
N GLY E 230 -16.15 -0.77 -10.47
CA GLY E 230 -16.73 -0.12 -11.63
C GLY E 230 -16.46 1.35 -11.85
N TYR E 231 -15.42 1.93 -11.23
CA TYR E 231 -15.09 3.35 -11.38
C TYR E 231 -13.91 3.48 -12.34
N ALA E 232 -14.17 3.97 -13.55
CA ALA E 232 -13.11 4.17 -14.53
C ALA E 232 -12.56 5.58 -14.58
N ALA E 233 -13.22 6.56 -13.98
CA ALA E 233 -12.91 7.95 -14.30
C ALA E 233 -11.57 8.40 -13.78
N TYR E 234 -10.92 7.64 -12.90
CA TYR E 234 -9.61 8.02 -12.41
C TYR E 234 -8.45 7.30 -13.07
N ARG E 235 -8.70 6.29 -13.90
CA ARG E 235 -7.64 5.62 -14.63
C ARG E 235 -7.92 5.89 -16.10
N LEU E 236 -7.29 6.93 -16.65
CA LEU E 236 -7.51 7.29 -18.05
C LEU E 236 -6.18 7.13 -18.75
N ASP E 237 -6.03 6.00 -19.42
CA ASP E 237 -4.90 5.75 -20.29
C ASP E 237 -5.42 4.78 -21.34
N PRO E 238 -4.98 4.93 -22.59
CA PRO E 238 -4.16 6.01 -23.12
C PRO E 238 -4.98 7.25 -23.49
N TRP E 239 -4.32 8.30 -23.97
CA TRP E 239 -4.98 9.49 -24.49
C TRP E 239 -4.60 9.68 -25.96
N GLY E 240 -5.45 10.41 -26.66
CA GLY E 240 -5.13 10.87 -28.00
C GLY E 240 -4.43 12.22 -27.98
N LEU E 241 -4.25 12.79 -29.16
CA LEU E 241 -3.52 14.04 -29.29
C LEU E 241 -4.40 15.27 -29.08
N GLY E 242 -5.72 15.11 -29.05
CA GLY E 242 -6.62 16.23 -28.85
C GLY E 242 -7.05 16.88 -30.14
N THR E 243 -7.86 17.93 -29.98
CA THR E 243 -8.29 18.77 -31.08
C THR E 243 -8.60 20.16 -30.50
N LEU E 244 -8.47 21.18 -31.34
CA LEU E 244 -8.65 22.56 -30.91
C LEU E 244 -10.03 23.07 -31.30
N VAL E 245 -10.73 23.66 -30.32
CA VAL E 245 -11.99 24.35 -30.56
C VAL E 245 -11.78 25.79 -30.11
N THR E 246 -11.77 26.72 -31.07
CA THR E 246 -11.55 28.13 -30.82
C THR E 246 -12.83 28.89 -31.12
N ILE E 247 -13.21 29.81 -30.23
CA ILE E 247 -14.51 30.46 -30.30
C ILE E 247 -14.30 31.97 -30.32
N SER E 248 -14.61 32.58 -31.46
CA SER E 248 -14.79 34.02 -31.62
C SER E 248 -15.65 34.16 -32.86
N SER E 249 -16.21 35.35 -33.10
CA SER E 249 -17.15 35.41 -34.21
C SER E 249 -16.34 35.70 -35.47
N LEU E 250 -15.88 34.62 -36.10
CA LEU E 250 -15.38 34.65 -37.47
C LEU E 250 -16.19 33.82 -38.46
N VAL E 251 -17.17 33.04 -38.00
CA VAL E 251 -17.70 31.97 -38.84
C VAL E 251 -19.22 31.93 -38.86
N LYS F 7 -34.02 -10.86 -14.52
CA LYS F 7 -34.96 -11.75 -15.19
C LYS F 7 -36.33 -11.10 -15.40
N GLU F 8 -37.32 -12.00 -15.53
CA GLU F 8 -38.73 -11.73 -15.32
C GLU F 8 -39.39 -10.89 -16.39
N PHE F 9 -38.64 -9.96 -16.97
CA PHE F 9 -39.18 -9.03 -17.94
C PHE F 9 -38.72 -9.36 -19.37
N GLY F 10 -38.14 -10.54 -19.57
CA GLY F 10 -37.71 -10.98 -20.89
C GLY F 10 -36.23 -11.26 -21.04
N ALA F 11 -35.38 -10.96 -20.06
CA ALA F 11 -34.05 -11.56 -20.01
C ALA F 11 -34.00 -12.60 -18.90
N THR F 12 -32.85 -13.24 -18.80
CA THR F 12 -32.52 -14.10 -17.68
C THR F 12 -31.21 -13.62 -17.07
N VAL F 13 -30.96 -14.03 -15.83
CA VAL F 13 -29.71 -13.67 -15.17
C VAL F 13 -28.53 -14.27 -15.92
N GLU F 14 -28.76 -15.33 -16.69
CA GLU F 14 -27.73 -15.89 -17.57
C GLU F 14 -27.20 -14.84 -18.54
N LEU F 15 -28.08 -14.35 -19.41
CA LEU F 15 -27.71 -13.41 -20.47
C LEU F 15 -26.89 -12.24 -19.94
N LEU F 16 -27.30 -11.67 -18.80
CA LEU F 16 -26.50 -10.63 -18.18
C LEU F 16 -25.24 -11.20 -17.54
N SER F 17 -25.26 -12.46 -17.15
CA SER F 17 -24.13 -13.07 -16.48
C SER F 17 -23.04 -13.49 -17.47
N PHE F 18 -23.28 -13.29 -18.76
CA PHE F 18 -22.19 -13.42 -19.73
C PHE F 18 -21.26 -12.21 -19.71
N LEU F 19 -21.82 -11.02 -19.53
CA LEU F 19 -21.09 -9.78 -19.77
C LEU F 19 -19.94 -9.59 -18.77
N PRO F 20 -18.87 -8.93 -19.20
CA PRO F 20 -17.77 -8.62 -18.28
C PRO F 20 -18.17 -7.58 -17.26
N SER F 21 -17.34 -7.46 -16.22
CA SER F 21 -17.65 -6.54 -15.13
C SER F 21 -17.71 -5.09 -15.61
N ASP F 22 -16.69 -4.67 -16.37
CA ASP F 22 -16.56 -3.26 -16.73
C ASP F 22 -17.63 -2.80 -17.71
N PHE F 23 -18.31 -3.72 -18.40
CA PHE F 23 -19.45 -3.35 -19.22
C PHE F 23 -20.53 -2.66 -18.39
N PHE F 24 -20.54 -2.86 -17.08
CA PHE F 24 -21.42 -2.23 -16.12
C PHE F 24 -20.72 -1.09 -15.39
N PRO F 25 -21.32 0.08 -15.29
CA PRO F 25 -20.74 1.14 -14.43
C PRO F 25 -20.73 0.70 -12.98
N SER F 26 -20.29 1.59 -12.09
CA SER F 26 -20.36 1.28 -10.67
C SER F 26 -21.81 1.24 -10.19
N VAL F 27 -22.02 0.64 -9.02
CA VAL F 27 -23.37 0.61 -8.44
C VAL F 27 -23.91 2.03 -8.29
N ARG F 28 -23.11 2.91 -7.69
CA ARG F 28 -23.60 4.23 -7.33
C ARG F 28 -23.95 5.05 -8.57
N ASP F 29 -23.18 4.90 -9.65
CA ASP F 29 -23.49 5.60 -10.89
C ASP F 29 -24.83 5.14 -11.46
N LEU F 30 -25.08 3.82 -11.48
CA LEU F 30 -26.34 3.31 -11.98
C LEU F 30 -27.50 3.72 -11.09
N LEU F 31 -27.27 3.90 -9.79
CA LEU F 31 -28.33 4.42 -8.94
C LEU F 31 -28.57 5.90 -9.20
N ASP F 32 -27.52 6.63 -9.60
CA ASP F 32 -27.71 8.00 -10.07
C ASP F 32 -28.58 8.03 -11.33
N THR F 33 -28.29 7.15 -12.28
CA THR F 33 -29.07 7.11 -13.51
C THR F 33 -30.51 6.69 -13.26
N ALA F 34 -30.72 5.74 -12.35
CA ALA F 34 -32.08 5.27 -12.09
C ALA F 34 -32.87 6.30 -11.30
N ALA F 35 -32.26 6.91 -10.29
CA ALA F 35 -32.91 8.01 -9.58
C ALA F 35 -33.14 9.20 -10.48
N ALA F 36 -32.35 9.34 -11.55
CA ALA F 36 -32.57 10.40 -12.52
C ALA F 36 -33.68 10.06 -13.50
N LEU F 37 -33.84 8.77 -13.84
CA LEU F 37 -34.90 8.35 -14.75
C LEU F 37 -36.23 8.22 -14.03
N TYR F 38 -36.23 7.70 -12.80
CA TYR F 38 -37.45 7.73 -12.00
C TYR F 38 -37.87 9.15 -11.68
N ARG F 39 -36.95 10.10 -11.77
CA ARG F 39 -37.26 11.52 -11.62
C ARG F 39 -37.90 12.10 -12.88
N ASP F 40 -37.47 11.63 -14.06
CA ASP F 40 -37.89 12.19 -15.34
C ASP F 40 -39.19 11.59 -15.85
N ALA F 41 -39.85 10.74 -15.08
CA ALA F 41 -41.15 10.22 -15.46
C ALA F 41 -41.87 9.73 -14.21
N LEU F 42 -43.13 9.33 -14.40
CA LEU F 42 -43.99 8.70 -13.40
C LEU F 42 -44.34 9.64 -12.26
N GLU F 43 -43.58 10.73 -12.11
CA GLU F 43 -43.96 11.79 -11.19
C GLU F 43 -43.93 13.14 -11.91
N SER F 44 -42.76 13.53 -12.46
CA SER F 44 -42.68 14.85 -13.09
C SER F 44 -43.47 15.00 -14.40
N PRO F 45 -43.12 14.29 -15.55
CA PRO F 45 -44.15 14.03 -16.57
C PRO F 45 -44.69 12.63 -16.37
N GLU F 46 -45.63 12.16 -17.20
CA GLU F 46 -45.94 10.74 -17.16
C GLU F 46 -46.01 10.17 -18.57
N HIS F 47 -44.89 9.59 -19.00
CA HIS F 47 -44.76 8.47 -19.92
C HIS F 47 -44.48 7.17 -19.18
N ALA F 48 -44.82 7.13 -17.88
CA ALA F 48 -44.35 6.14 -16.93
C ALA F 48 -44.42 4.72 -17.46
N SER F 49 -43.39 3.96 -17.13
CA SER F 49 -43.13 2.62 -17.62
C SER F 49 -42.97 1.66 -16.45
N PRO F 50 -43.21 0.36 -16.68
CA PRO F 50 -43.01 -0.60 -15.58
C PRO F 50 -41.56 -0.70 -15.13
N HIS F 51 -40.61 -0.55 -16.06
CA HIS F 51 -39.20 -0.62 -15.69
C HIS F 51 -38.81 0.46 -14.68
N HIS F 52 -39.62 1.52 -14.53
CA HIS F 52 -39.33 2.54 -13.53
C HIS F 52 -39.58 2.02 -12.13
N THR F 53 -40.80 1.53 -11.88
CA THR F 53 -41.08 0.91 -10.59
C THR F 53 -40.16 -0.27 -10.37
N ALA F 54 -39.85 -1.01 -11.43
CA ALA F 54 -38.85 -2.08 -11.33
C ALA F 54 -37.50 -1.52 -10.90
N LEU F 55 -37.17 -0.29 -11.30
CA LEU F 55 -36.01 0.37 -10.72
C LEU F 55 -36.16 0.50 -9.22
N ARG F 56 -37.18 1.24 -8.75
CA ARG F 56 -37.27 1.45 -7.31
C ARG F 56 -37.39 0.16 -6.51
N GLN F 57 -37.76 -0.96 -7.14
CA GLN F 57 -37.61 -2.27 -6.48
C GLN F 57 -36.14 -2.57 -6.19
N ALA F 58 -35.22 -1.76 -6.72
CA ALA F 58 -33.77 -1.83 -6.55
C ALA F 58 -33.23 -0.59 -5.87
N ILE F 59 -33.53 0.60 -6.40
CA ILE F 59 -33.21 1.89 -5.78
C ILE F 59 -33.57 1.86 -4.30
N LEU F 60 -34.76 1.36 -3.98
CA LEU F 60 -35.13 1.19 -2.57
C LEU F 60 -34.39 0.00 -1.93
N CYS F 61 -34.28 -1.11 -2.66
CA CYS F 61 -33.72 -2.34 -2.10
C CYS F 61 -32.26 -2.20 -1.68
N TRP F 62 -31.53 -1.26 -2.29
CA TRP F 62 -30.12 -1.08 -1.99
C TRP F 62 -29.89 -0.24 -0.73
N GLY F 63 -30.79 0.68 -0.41
CA GLY F 63 -30.57 1.54 0.74
C GLY F 63 -30.64 0.79 2.05
N ASP F 64 -31.73 0.06 2.28
CA ASP F 64 -31.88 -0.76 3.48
C ASP F 64 -30.90 -1.92 3.50
N LEU F 65 -30.17 -2.16 2.40
CA LEU F 65 -29.21 -3.26 2.25
C LEU F 65 -27.80 -2.80 2.61
N MET F 66 -27.28 -1.80 1.90
CA MET F 66 -26.03 -1.18 2.32
C MET F 66 -26.14 -0.61 3.73
N THR F 67 -27.36 -0.33 4.21
CA THR F 67 -27.51 0.00 5.63
C THR F 67 -27.13 -1.18 6.50
N LEU F 68 -27.50 -2.39 6.09
CA LEU F 68 -27.00 -3.59 6.76
C LEU F 68 -25.48 -3.67 6.65
N ALA F 69 -24.93 -3.38 5.47
CA ALA F 69 -23.50 -3.55 5.25
C ALA F 69 -22.67 -2.59 6.08
N THR F 70 -23.16 -1.37 6.28
CA THR F 70 -22.41 -0.36 7.04
C THR F 70 -22.55 -0.54 8.54
N TRP F 71 -23.66 -1.13 9.00
CA TRP F 71 -23.86 -1.29 10.44
C TRP F 71 -23.12 -2.51 10.96
N VAL F 72 -22.33 -3.16 10.11
CA VAL F 72 -21.38 -4.19 10.49
C VAL F 72 -20.13 -3.50 11.04
N GLY F 73 -20.21 -2.18 11.20
CA GLY F 73 -19.26 -1.47 12.04
C GLY F 73 -19.49 -1.77 13.51
N THR F 74 -20.36 -2.74 13.81
CA THR F 74 -20.73 -3.14 15.16
C THR F 74 -20.00 -4.41 15.66
N ASN F 75 -19.05 -4.95 14.91
CA ASN F 75 -18.33 -6.16 15.38
C ASN F 75 -16.97 -5.85 16.00
N VAL F 86 -13.01 -11.39 13.35
CA VAL F 86 -13.03 -9.94 13.14
C VAL F 86 -12.67 -9.63 11.70
N SER F 87 -12.92 -10.59 10.83
CA SER F 87 -12.91 -10.37 9.39
C SER F 87 -14.36 -10.21 8.96
N TYR F 88 -14.74 -8.97 8.63
CA TYR F 88 -16.10 -8.71 8.16
C TYR F 88 -16.07 -8.89 6.66
N VAL F 89 -16.71 -9.95 6.18
CA VAL F 89 -16.86 -10.16 4.75
C VAL F 89 -18.29 -9.75 4.43
N ASN F 90 -18.43 -8.58 3.82
CA ASN F 90 -19.71 -8.07 3.39
C ASN F 90 -19.82 -8.25 1.89
N THR F 91 -20.95 -8.78 1.44
CA THR F 91 -21.02 -9.43 0.15
C THR F 91 -21.36 -8.39 -0.92
N ASN F 92 -20.39 -8.14 -1.80
CA ASN F 92 -20.57 -7.35 -3.01
C ASN F 92 -20.89 -8.22 -4.22
N VAL F 93 -21.23 -9.50 -3.99
CA VAL F 93 -21.95 -10.31 -4.96
C VAL F 93 -23.24 -9.60 -5.31
N GLY F 94 -23.62 -8.62 -4.48
CA GLY F 94 -24.71 -7.72 -4.79
C GLY F 94 -24.36 -6.81 -5.95
N LEU F 95 -23.23 -7.04 -6.61
CA LEU F 95 -23.01 -6.50 -7.94
C LEU F 95 -24.02 -7.04 -8.94
N LYS F 96 -24.77 -8.07 -8.57
CA LYS F 96 -25.94 -8.42 -9.37
C LYS F 96 -26.95 -7.29 -9.43
N PHE F 97 -26.85 -6.29 -8.53
CA PHE F 97 -27.58 -5.04 -8.71
C PHE F 97 -27.09 -4.29 -9.93
N ARG F 98 -25.76 -4.14 -10.07
CA ARG F 98 -25.18 -3.47 -11.23
C ARG F 98 -25.77 -3.99 -12.52
N GLN F 99 -25.94 -5.31 -12.61
CA GLN F 99 -26.59 -5.88 -13.79
C GLN F 99 -28.05 -5.47 -13.86
N LEU F 100 -28.82 -5.73 -12.80
CA LEU F 100 -30.26 -5.49 -12.82
C LEU F 100 -30.57 -4.06 -13.21
N LEU F 101 -30.01 -3.10 -12.46
CA LEU F 101 -30.18 -1.69 -12.81
C LEU F 101 -29.88 -1.47 -14.28
N TRP F 102 -28.70 -1.90 -14.74
CA TRP F 102 -28.37 -1.69 -16.14
C TRP F 102 -29.47 -2.24 -17.04
N PHE F 103 -29.91 -3.46 -16.77
CA PHE F 103 -30.89 -4.09 -17.64
C PHE F 103 -32.13 -3.22 -17.78
N HIS F 104 -32.54 -2.56 -16.69
CA HIS F 104 -33.72 -1.73 -16.75
C HIS F 104 -33.43 -0.35 -17.34
N ILE F 105 -32.22 0.16 -17.15
CA ILE F 105 -31.88 1.46 -17.72
C ILE F 105 -31.74 1.35 -19.23
N SER F 106 -30.95 0.37 -19.69
CA SER F 106 -30.75 0.18 -21.12
C SER F 106 -32.08 -0.04 -21.83
N ALA F 107 -32.87 -1.00 -21.36
CA ALA F 107 -34.19 -1.24 -21.95
C ALA F 107 -35.15 -0.09 -21.73
N LEU F 108 -34.82 0.86 -20.84
CA LEU F 108 -35.61 2.08 -20.72
C LEU F 108 -35.22 3.13 -21.75
N THR F 109 -34.01 3.06 -22.28
CA THR F 109 -33.55 3.99 -23.32
C THR F 109 -33.55 3.30 -24.68
N PHE F 110 -32.77 2.23 -24.83
CA PHE F 110 -32.65 1.50 -26.08
C PHE F 110 -33.84 0.58 -26.38
N GLY F 111 -34.70 0.33 -25.41
CA GLY F 111 -35.81 -0.58 -25.64
C GLY F 111 -35.46 -2.02 -25.35
N ARG F 112 -36.49 -2.80 -25.01
CA ARG F 112 -36.25 -4.17 -24.56
C ARG F 112 -35.96 -5.11 -25.73
N GLU F 113 -36.62 -4.89 -26.87
CA GLU F 113 -36.27 -5.62 -28.09
C GLU F 113 -34.77 -5.57 -28.35
N THR F 114 -34.25 -4.36 -28.58
CA THR F 114 -32.84 -4.17 -28.89
C THR F 114 -31.94 -4.68 -27.76
N VAL F 115 -32.33 -4.43 -26.51
CA VAL F 115 -31.46 -4.79 -25.40
C VAL F 115 -31.36 -6.31 -25.28
N LEU F 116 -32.46 -7.02 -25.47
CA LEU F 116 -32.38 -8.48 -25.44
C LEU F 116 -31.52 -8.99 -26.59
N GLU F 117 -31.78 -8.49 -27.80
CA GLU F 117 -31.05 -9.02 -28.96
C GLU F 117 -29.56 -8.73 -28.87
N TYR F 118 -29.15 -7.65 -28.22
CA TYR F 118 -27.75 -7.43 -27.91
C TYR F 118 -27.50 -7.88 -26.48
N LEU F 119 -26.58 -8.84 -26.32
CA LEU F 119 -26.41 -9.83 -25.24
C LEU F 119 -27.02 -11.18 -25.57
N VAL F 120 -27.93 -11.24 -26.54
CA VAL F 120 -28.00 -12.51 -27.26
C VAL F 120 -26.90 -12.56 -28.31
N SER F 121 -26.64 -11.43 -28.95
CA SER F 121 -25.47 -11.30 -29.83
C SER F 121 -24.19 -11.39 -29.02
N PHE F 122 -24.08 -10.60 -27.95
CA PHE F 122 -22.89 -10.67 -27.11
C PHE F 122 -22.74 -12.05 -26.49
N GLY F 123 -23.86 -12.68 -26.12
CA GLY F 123 -23.80 -14.05 -25.64
C GLY F 123 -23.21 -15.01 -26.65
N VAL F 124 -23.79 -15.04 -27.85
CA VAL F 124 -23.31 -15.92 -28.90
C VAL F 124 -21.84 -15.67 -29.17
N TRP F 125 -21.44 -14.40 -29.23
CA TRP F 125 -20.04 -14.07 -29.48
C TRP F 125 -19.14 -14.59 -28.37
N ILE F 126 -19.56 -14.45 -27.11
CA ILE F 126 -18.68 -14.81 -25.99
C ILE F 126 -18.56 -16.32 -25.82
N ARG F 127 -19.61 -17.08 -26.12
CA ARG F 127 -19.47 -18.53 -26.04
C ARG F 127 -18.90 -19.14 -27.32
N THR F 128 -18.73 -18.34 -28.36
CA THR F 128 -17.94 -18.79 -29.49
C THR F 128 -16.47 -18.81 -29.08
N PRO F 129 -15.78 -19.94 -29.20
CA PRO F 129 -14.37 -19.98 -28.83
C PRO F 129 -13.60 -18.96 -29.63
N PRO F 130 -12.51 -18.42 -29.07
CA PRO F 130 -11.71 -17.47 -29.84
C PRO F 130 -11.09 -18.15 -31.06
N ALA F 131 -11.93 -18.69 -31.92
CA ALA F 131 -11.42 -19.38 -33.10
C ALA F 131 -11.25 -18.36 -34.21
N TYR F 132 -12.33 -18.02 -34.89
CA TYR F 132 -12.36 -16.87 -35.78
C TYR F 132 -13.23 -15.71 -35.29
N ARG F 133 -13.80 -15.80 -34.09
CA ARG F 133 -14.70 -14.76 -33.64
C ARG F 133 -13.99 -13.40 -33.72
N PRO F 134 -14.68 -12.36 -34.19
CA PRO F 134 -14.02 -11.09 -34.51
C PRO F 134 -13.36 -10.49 -33.28
N PRO F 135 -12.38 -9.60 -33.48
CA PRO F 135 -11.70 -9.00 -32.32
C PRO F 135 -12.62 -8.23 -31.39
N ASN F 136 -13.70 -7.68 -31.89
CA ASN F 136 -14.63 -6.90 -31.07
C ASN F 136 -15.97 -7.60 -30.96
N ALA F 137 -16.41 -7.79 -29.72
CA ALA F 137 -17.79 -8.15 -29.44
C ALA F 137 -18.70 -7.03 -29.95
N PRO F 138 -19.97 -7.33 -30.22
CA PRO F 138 -20.88 -6.29 -30.69
C PRO F 138 -20.88 -5.10 -29.74
N ILE F 139 -21.03 -3.92 -30.32
CA ILE F 139 -21.08 -2.68 -29.57
C ILE F 139 -22.54 -2.27 -29.45
N LEU F 140 -22.94 -1.83 -28.26
CA LEU F 140 -24.28 -1.32 -28.07
C LEU F 140 -24.22 0.17 -28.37
N SER F 141 -24.79 0.57 -29.50
CA SER F 141 -24.72 1.95 -29.96
C SER F 141 -25.92 2.72 -29.45
N THR F 142 -25.68 3.97 -29.07
CA THR F 142 -26.75 4.81 -28.55
C THR F 142 -27.75 5.12 -29.65
N LEU F 143 -28.96 5.47 -29.23
CA LEU F 143 -29.99 5.85 -30.20
C LEU F 143 -29.73 7.27 -30.69
N PRO F 144 -29.63 7.49 -32.00
CA PRO F 144 -29.17 8.79 -32.51
C PRO F 144 -30.18 9.89 -32.24
N GLU F 145 -29.70 10.99 -31.67
CA GLU F 145 -30.42 12.25 -31.56
C GLU F 145 -31.89 12.11 -31.14
N GLU G 3 -49.42 -27.91 5.43
CA GLU G 3 -50.35 -28.32 6.47
C GLU G 3 -49.63 -29.08 7.58
N LEU G 4 -49.97 -28.77 8.83
CA LEU G 4 -49.32 -29.34 9.99
C LEU G 4 -50.28 -30.27 10.73
N VAL G 5 -49.80 -31.45 11.10
CA VAL G 5 -50.49 -32.36 12.00
C VAL G 5 -49.56 -32.68 13.15
N LEU G 6 -50.10 -32.65 14.36
CA LEU G 6 -49.34 -32.98 15.56
C LEU G 6 -49.82 -34.35 16.05
N THR G 7 -48.94 -35.34 15.97
CA THR G 7 -49.28 -36.72 16.32
C THR G 7 -48.90 -36.95 17.78
N GLN G 8 -49.91 -37.09 18.64
CA GLN G 8 -49.72 -37.12 20.07
C GLN G 8 -49.94 -38.54 20.58
N THR G 9 -48.88 -39.13 21.14
CA THR G 9 -48.93 -40.51 21.61
C THR G 9 -48.20 -40.61 22.95
N PRO G 10 -48.61 -41.55 23.81
CA PRO G 10 -49.72 -42.50 23.69
C PRO G 10 -51.08 -41.86 23.88
N SER G 11 -52.14 -42.54 23.44
CA SER G 11 -53.48 -41.96 23.60
C SER G 11 -53.90 -41.87 25.06
N SER G 12 -53.47 -42.82 25.88
CA SER G 12 -53.84 -42.82 27.29
C SER G 12 -52.70 -43.35 28.14
N VAL G 13 -52.47 -42.71 29.29
CA VAL G 13 -51.57 -43.19 30.32
C VAL G 13 -52.36 -43.30 31.61
N SER G 14 -52.37 -44.48 32.20
CA SER G 14 -52.91 -44.70 33.54
C SER G 14 -51.74 -45.07 34.44
N ALA G 15 -51.34 -44.13 35.29
CA ALA G 15 -50.20 -44.30 36.17
C ALA G 15 -50.65 -44.15 37.62
N ALA G 16 -49.70 -44.29 38.54
CA ALA G 16 -49.97 -44.18 39.96
C ALA G 16 -49.19 -43.01 40.53
N VAL G 17 -49.66 -42.52 41.69
CA VAL G 17 -49.00 -41.40 42.35
C VAL G 17 -47.57 -41.78 42.68
N GLY G 18 -46.66 -40.83 42.48
CA GLY G 18 -45.24 -41.09 42.56
C GLY G 18 -44.65 -41.65 41.28
N GLY G 19 -45.48 -42.21 40.39
CA GLY G 19 -45.03 -42.63 39.09
C GLY G 19 -44.79 -41.46 38.17
N THR G 20 -44.24 -41.77 37.01
CA THR G 20 -43.91 -40.76 36.00
C THR G 20 -44.78 -40.97 34.77
N VAL G 21 -45.12 -39.87 34.11
CA VAL G 21 -45.89 -39.94 32.86
C VAL G 21 -45.15 -39.16 31.79
N THR G 22 -45.05 -39.74 30.59
CA THR G 22 -44.37 -39.12 29.47
C THR G 22 -45.30 -39.05 28.27
N ILE G 23 -45.51 -37.85 27.74
CA ILE G 23 -46.34 -37.63 26.57
C ILE G 23 -45.47 -37.11 25.45
N ASN G 24 -45.62 -37.68 24.26
CA ASN G 24 -44.78 -37.38 23.11
C ASN G 24 -45.61 -36.78 21.98
N CYS G 25 -45.03 -35.78 21.31
CA CYS G 25 -45.72 -35.03 20.26
C CYS G 25 -44.80 -34.96 19.04
N GLN G 26 -45.26 -35.53 17.92
CA GLN G 26 -44.44 -35.68 16.72
C GLN G 26 -45.02 -34.85 15.58
N ALA G 27 -44.22 -33.93 15.04
CA ALA G 27 -44.78 -32.98 14.09
C ALA G 27 -44.67 -33.48 12.64
N SER G 28 -45.34 -32.76 11.74
CA SER G 28 -45.22 -32.99 10.31
C SER G 28 -44.26 -32.03 9.61
N GLN G 29 -43.89 -30.94 10.27
CA GLN G 29 -42.94 -29.97 9.77
C GLN G 29 -42.00 -29.65 10.93
N SER G 30 -40.88 -28.99 10.65
CA SER G 30 -40.08 -28.51 11.76
C SER G 30 -40.72 -27.22 12.23
N ILE G 31 -41.26 -27.25 13.45
CA ILE G 31 -41.93 -26.09 14.05
C ILE G 31 -41.02 -25.38 15.04
N SER G 32 -39.76 -25.77 15.13
CA SER G 32 -38.75 -25.14 16.00
C SER G 32 -39.19 -25.29 17.46
N SER G 33 -39.07 -24.24 18.27
CA SER G 33 -39.39 -24.24 19.69
C SER G 33 -40.79 -23.70 19.98
N ARG G 34 -41.62 -23.55 18.95
CA ARG G 34 -42.91 -22.85 18.98
C ARG G 34 -44.07 -23.70 19.51
N LEU G 35 -43.79 -24.76 20.27
CA LEU G 35 -44.77 -25.63 20.87
C LEU G 35 -45.19 -25.16 22.26
N GLY G 36 -46.40 -25.53 22.67
CA GLY G 36 -46.81 -25.38 24.05
C GLY G 36 -47.73 -26.50 24.50
N TRP G 37 -47.72 -26.74 25.81
CA TRP G 37 -48.38 -27.89 26.45
C TRP G 37 -49.51 -27.39 27.33
N TYR G 38 -50.67 -28.05 27.23
CA TYR G 38 -51.93 -27.59 27.78
C TYR G 38 -52.58 -28.68 28.61
N GLN G 39 -52.96 -28.35 29.83
CA GLN G 39 -53.69 -29.23 30.73
C GLN G 39 -55.16 -28.81 30.75
N GLN G 40 -56.06 -29.75 30.45
CA GLN G 40 -57.50 -29.47 30.45
C GLN G 40 -58.20 -30.49 31.33
N LYS G 41 -58.82 -29.99 32.40
CA LYS G 41 -59.64 -30.80 33.29
C LYS G 41 -61.06 -30.91 32.73
N PRO G 42 -61.82 -31.92 33.16
CA PRO G 42 -63.18 -32.08 32.62
C PRO G 42 -64.08 -30.90 32.98
N GLY G 43 -64.97 -30.55 32.05
CA GLY G 43 -65.94 -29.50 32.27
C GLY G 43 -65.38 -28.10 32.37
N GLN G 44 -64.07 -27.94 32.21
CA GLN G 44 -63.39 -26.66 32.32
C GLN G 44 -62.75 -26.30 30.99
N PRO G 45 -62.42 -25.04 30.77
CA PRO G 45 -61.61 -24.67 29.62
C PRO G 45 -60.19 -25.19 29.78
N PRO G 46 -59.43 -25.29 28.70
CA PRO G 46 -58.03 -25.69 28.81
C PRO G 46 -57.20 -24.63 29.50
N LYS G 47 -56.01 -25.05 29.92
CA LYS G 47 -55.07 -24.19 30.63
C LYS G 47 -53.69 -24.37 30.02
N LEU G 48 -52.90 -23.31 30.02
CA LEU G 48 -51.54 -23.39 29.51
C LEU G 48 -50.62 -23.86 30.62
N LEU G 49 -49.92 -24.96 30.37
CA LEU G 49 -48.87 -25.42 31.28
C LEU G 49 -47.53 -24.83 30.87
N ILE G 50 -47.08 -25.16 29.65
CA ILE G 50 -45.75 -24.81 29.20
C ILE G 50 -45.84 -24.12 27.85
N TYR G 51 -44.95 -23.17 27.61
CA TYR G 51 -44.85 -22.51 26.31
C TYR G 51 -43.40 -22.55 25.86
N GLY G 52 -43.17 -22.25 24.58
CA GLY G 52 -41.82 -22.31 24.05
C GLY G 52 -41.21 -23.68 24.11
N ALA G 53 -42.04 -24.74 24.08
CA ALA G 53 -41.66 -26.15 24.02
C ALA G 53 -40.98 -26.63 25.30
N SER G 54 -40.51 -25.69 26.12
CA SER G 54 -39.77 -25.99 27.34
C SER G 54 -40.26 -25.13 28.50
N THR G 55 -40.22 -23.82 28.31
CA THR G 55 -40.39 -22.84 29.39
C THR G 55 -41.79 -22.90 30.01
N LEU G 56 -41.83 -23.02 31.34
CA LEU G 56 -43.07 -23.07 32.09
C LEU G 56 -43.65 -21.69 32.35
N THR G 57 -44.98 -21.63 32.51
CA THR G 57 -45.65 -20.45 33.03
C THR G 57 -45.61 -20.52 34.56
N SER G 58 -46.14 -19.50 35.25
CA SER G 58 -45.99 -19.48 36.70
C SER G 58 -47.30 -19.94 37.34
N VAL G 59 -47.45 -21.26 37.38
CA VAL G 59 -48.26 -22.01 38.33
C VAL G 59 -47.57 -23.36 38.46
N GLY G 60 -47.33 -23.99 37.29
CA GLY G 60 -46.89 -25.35 37.15
C GLY G 60 -45.73 -25.72 38.03
N PRO G 61 -45.87 -26.85 38.72
CA PRO G 61 -44.81 -27.31 39.62
C PRO G 61 -43.62 -27.83 38.82
N SER G 62 -42.47 -27.84 39.49
CA SER G 62 -41.23 -28.30 38.87
C SER G 62 -41.28 -29.77 38.48
N ARG G 63 -42.29 -30.52 38.92
CA ARG G 63 -42.45 -31.90 38.45
C ARG G 63 -42.91 -31.95 37.01
N PHE G 64 -43.61 -30.91 36.54
CA PHE G 64 -43.86 -30.72 35.13
C PHE G 64 -42.60 -30.22 34.44
N LYS G 65 -42.19 -30.88 33.35
CA LYS G 65 -41.06 -30.40 32.58
C LYS G 65 -41.30 -30.63 31.09
N GLY G 66 -41.18 -29.56 30.30
CA GLY G 66 -41.22 -29.66 28.85
C GLY G 66 -39.83 -29.72 28.24
N SER G 67 -39.72 -30.38 27.10
CA SER G 67 -38.44 -30.53 26.42
C SER G 67 -38.68 -30.90 24.97
N GLY G 68 -37.63 -30.77 24.16
CA GLY G 68 -37.66 -31.09 22.75
C GLY G 68 -37.60 -29.85 21.87
N SER G 69 -37.34 -30.10 20.59
CA SER G 69 -37.27 -29.06 19.58
C SER G 69 -37.54 -29.69 18.22
N GLY G 70 -37.80 -28.85 17.23
CA GLY G 70 -38.02 -29.35 15.89
C GLY G 70 -39.31 -30.14 15.72
N THR G 71 -39.17 -31.41 15.35
CA THR G 71 -40.30 -32.28 15.03
C THR G 71 -40.80 -33.05 16.27
N GLU G 72 -39.92 -33.83 16.90
CA GLU G 72 -40.28 -34.59 18.09
C GLU G 72 -40.17 -33.74 19.36
N PHE G 73 -41.17 -33.85 20.22
CA PHE G 73 -41.29 -33.09 21.47
C PHE G 73 -41.73 -34.02 22.59
N THR G 74 -41.36 -33.64 23.81
CA THR G 74 -41.66 -34.46 24.99
C THR G 74 -42.09 -33.60 26.17
N LEU G 75 -43.00 -34.15 26.98
CA LEU G 75 -43.42 -33.56 28.25
C LEU G 75 -43.45 -34.66 29.30
N THR G 76 -42.85 -34.38 30.46
CA THR G 76 -42.71 -35.38 31.52
C THR G 76 -43.20 -34.85 32.86
N ILE G 77 -43.96 -35.69 33.56
CA ILE G 77 -44.42 -35.42 34.93
C ILE G 77 -43.75 -36.46 35.83
N SER G 78 -42.87 -36.01 36.71
CA SER G 78 -42.06 -36.91 37.52
C SER G 78 -42.88 -37.53 38.64
N GLY G 79 -43.44 -36.69 39.50
CA GLY G 79 -44.12 -37.08 40.73
C GLY G 79 -45.64 -37.10 40.66
N VAL G 80 -46.23 -37.42 39.50
CA VAL G 80 -47.61 -37.06 39.20
C VAL G 80 -48.54 -37.37 40.36
N GLN G 81 -49.37 -36.38 40.70
CA GLN G 81 -50.34 -36.48 41.79
C GLN G 81 -51.74 -36.67 41.24
N ARG G 82 -52.70 -36.84 42.16
CA ARG G 82 -54.09 -37.00 41.78
C ARG G 82 -54.65 -35.72 41.17
N ASP G 83 -54.15 -34.57 41.60
CA ASP G 83 -54.65 -33.31 41.06
C ASP G 83 -54.37 -33.18 39.57
N ASP G 84 -53.31 -33.84 39.08
CA ASP G 84 -52.85 -33.69 37.71
C ASP G 84 -53.61 -34.57 36.72
N ALA G 85 -54.61 -35.32 37.15
CA ALA G 85 -55.34 -36.17 36.22
C ALA G 85 -56.25 -35.31 35.36
N ALA G 86 -56.01 -35.35 34.06
CA ALA G 86 -56.70 -34.48 33.10
C ALA G 86 -56.33 -34.96 31.70
N THR G 87 -56.86 -34.26 30.69
CA THR G 87 -56.50 -34.52 29.31
C THR G 87 -55.47 -33.49 28.87
N TYR G 88 -54.40 -33.95 28.22
CA TYR G 88 -53.26 -33.11 27.88
C TYR G 88 -53.12 -32.97 26.37
N TYR G 89 -52.74 -31.76 25.93
CA TYR G 89 -52.66 -31.43 24.52
C TYR G 89 -51.36 -30.68 24.24
N CYS G 90 -50.81 -30.90 23.03
CA CYS G 90 -49.68 -30.14 22.54
C CYS G 90 -50.14 -29.33 21.34
N LEU G 91 -49.94 -28.01 21.41
CA LEU G 91 -50.27 -27.09 20.32
C LEU G 91 -48.95 -26.65 19.69
N GLY G 92 -48.74 -27.05 18.45
CA GLY G 92 -47.64 -26.53 17.66
C GLY G 92 -48.11 -25.42 16.74
N SER G 93 -47.21 -24.50 16.42
CA SER G 93 -47.50 -23.40 15.52
C SER G 93 -46.38 -23.30 14.49
N ASP G 94 -46.70 -23.63 13.24
CA ASP G 94 -45.73 -23.47 12.17
C ASP G 94 -45.71 -22.02 11.69
N THR G 95 -46.83 -21.56 11.15
CA THR G 95 -47.17 -20.15 11.02
C THR G 95 -48.50 -19.93 11.73
N SER G 96 -48.96 -18.69 11.79
CA SER G 96 -50.27 -18.44 12.39
C SER G 96 -51.41 -19.02 11.55
N THR G 97 -51.13 -19.42 10.31
CA THR G 97 -52.08 -20.15 9.48
C THR G 97 -52.00 -21.65 9.74
N ASP G 98 -50.83 -22.25 9.53
CA ASP G 98 -50.66 -23.67 9.80
C ASP G 98 -50.31 -23.77 11.28
N THR G 99 -51.31 -24.09 12.09
CA THR G 99 -51.14 -24.23 13.54
C THR G 99 -52.11 -25.31 13.98
N ALA G 100 -51.62 -26.28 14.74
CA ALA G 100 -52.44 -27.45 14.98
C ALA G 100 -52.22 -28.00 16.37
N PHE G 101 -53.29 -28.57 16.92
CA PHE G 101 -53.25 -29.35 18.15
C PHE G 101 -52.83 -30.79 17.86
N GLY G 102 -52.28 -31.42 18.90
CA GLY G 102 -52.08 -32.85 18.86
C GLY G 102 -53.40 -33.59 18.92
N GLY G 103 -53.31 -34.92 18.91
CA GLY G 103 -54.50 -35.74 19.05
C GLY G 103 -55.17 -35.59 20.40
N GLY G 104 -54.42 -35.21 21.42
CA GLY G 104 -54.90 -35.22 22.79
C GLY G 104 -54.48 -36.49 23.51
N THR G 105 -54.30 -36.37 24.82
CA THR G 105 -53.90 -37.52 25.64
C THR G 105 -54.63 -37.47 26.98
N GLU G 106 -55.24 -38.59 27.34
CA GLU G 106 -55.89 -38.70 28.65
C GLU G 106 -54.91 -39.30 29.66
N VAL G 107 -54.94 -38.76 30.87
CA VAL G 107 -54.12 -39.24 31.98
C VAL G 107 -55.02 -39.50 33.17
N VAL G 108 -55.03 -40.73 33.65
CA VAL G 108 -55.75 -41.12 34.85
C VAL G 108 -54.72 -41.37 35.94
N VAL G 109 -55.03 -40.95 37.17
CA VAL G 109 -54.11 -41.11 38.29
C VAL G 109 -54.86 -41.79 39.44
N LYS G 110 -54.17 -42.71 40.11
CA LYS G 110 -54.76 -43.56 41.15
C LYS G 110 -54.05 -43.31 42.47
N GLY G 111 -54.83 -43.09 43.52
CA GLY G 111 -54.28 -42.82 44.84
C GLY G 111 -55.31 -42.88 45.94
N GLU G 130 -58.86 -8.64 33.25
CA GLU G 130 -57.96 -9.42 32.41
C GLU G 130 -58.58 -10.79 32.08
N GLN G 131 -59.83 -10.76 31.65
CA GLN G 131 -60.63 -11.96 31.45
C GLN G 131 -61.43 -11.84 30.16
N LEU G 132 -61.74 -12.99 29.57
CA LEU G 132 -62.41 -13.09 28.27
C LEU G 132 -63.70 -13.87 28.45
N VAL G 133 -64.77 -13.45 27.75
CA VAL G 133 -66.05 -14.14 27.85
C VAL G 133 -66.65 -14.34 26.46
N GLU G 134 -66.87 -15.59 26.08
CA GLU G 134 -67.66 -15.92 24.90
C GLU G 134 -69.15 -15.89 25.26
N SER G 135 -69.97 -15.49 24.29
CA SER G 135 -71.38 -15.29 24.55
C SER G 135 -72.29 -16.00 23.54
N GLY G 136 -72.16 -15.65 22.26
CA GLY G 136 -73.21 -15.82 21.27
C GLY G 136 -73.73 -17.21 20.96
N GLY G 137 -73.18 -18.24 21.59
CA GLY G 137 -73.56 -19.60 21.26
C GLY G 137 -75.03 -19.87 21.53
N ARG G 138 -75.67 -20.57 20.59
CA ARG G 138 -77.06 -20.99 20.66
C ARG G 138 -77.22 -22.20 19.73
N LEU G 139 -78.47 -22.55 19.42
CA LEU G 139 -78.78 -23.61 18.46
C LEU G 139 -79.25 -22.98 17.16
N VAL G 140 -78.67 -23.43 16.04
CA VAL G 140 -79.14 -23.05 14.71
C VAL G 140 -79.24 -24.31 13.85
N PRO G 141 -80.30 -24.46 13.05
CA PRO G 141 -80.39 -25.64 12.17
C PRO G 141 -79.39 -25.53 11.03
N PRO G 142 -79.06 -26.65 10.38
CA PRO G 142 -78.02 -26.64 9.36
C PRO G 142 -78.30 -25.65 8.24
N GLY G 143 -77.22 -25.16 7.62
CA GLY G 143 -77.30 -24.24 6.52
C GLY G 143 -77.29 -22.77 6.90
N GLY G 144 -77.62 -22.44 8.14
CA GLY G 144 -77.65 -21.07 8.59
C GLY G 144 -76.27 -20.50 8.82
N SER G 145 -76.24 -19.34 9.47
CA SER G 145 -74.98 -18.68 9.83
C SER G 145 -75.10 -18.10 11.23
N LEU G 146 -73.98 -18.07 11.93
CA LEU G 146 -73.93 -17.70 13.34
C LEU G 146 -72.86 -16.63 13.55
N THR G 147 -73.02 -15.85 14.62
CA THR G 147 -72.02 -14.86 15.00
C THR G 147 -71.75 -14.94 16.50
N LEU G 148 -70.57 -15.44 16.86
CA LEU G 148 -70.04 -15.44 18.22
C LEU G 148 -69.34 -14.13 18.55
N THR G 149 -69.29 -13.81 19.84
CA THR G 149 -68.57 -12.64 20.34
C THR G 149 -67.72 -13.02 21.53
N CYS G 150 -66.46 -12.60 21.51
CA CYS G 150 -65.56 -12.68 22.65
C CYS G 150 -65.39 -11.26 23.18
N THR G 151 -65.96 -11.00 24.35
CA THR G 151 -65.89 -9.70 24.99
C THR G 151 -64.69 -9.71 25.94
N VAL G 152 -63.77 -8.78 25.70
CA VAL G 152 -62.48 -8.74 26.37
C VAL G 152 -62.57 -7.81 27.56
N SER G 153 -61.86 -8.15 28.63
CA SER G 153 -61.70 -7.25 29.77
C SER G 153 -60.24 -7.25 30.19
N GLY G 154 -59.80 -6.14 30.78
CA GLY G 154 -58.50 -6.05 31.42
C GLY G 154 -57.31 -6.37 30.54
N ILE G 155 -57.49 -6.38 29.22
CA ILE G 155 -56.44 -6.74 28.27
C ILE G 155 -56.42 -5.71 27.16
N ASP G 156 -55.21 -5.32 26.73
CA ASP G 156 -55.04 -4.30 25.71
C ASP G 156 -54.98 -4.99 24.35
N LEU G 157 -56.01 -4.78 23.53
CA LEU G 157 -56.06 -5.39 22.20
C LEU G 157 -55.09 -4.76 21.22
N SER G 158 -54.41 -3.69 21.62
CA SER G 158 -53.37 -3.12 20.76
C SER G 158 -52.17 -4.05 20.66
N SER G 159 -51.79 -4.68 21.77
CA SER G 159 -50.62 -5.56 21.78
C SER G 159 -50.92 -7.06 21.73
N ASN G 160 -52.17 -7.50 21.83
CA ASN G 160 -52.42 -8.92 22.06
C ASN G 160 -53.24 -9.54 20.94
N ALA G 161 -53.10 -10.86 20.83
CA ALA G 161 -53.79 -11.62 19.81
C ALA G 161 -54.97 -12.36 20.43
N ILE G 162 -56.00 -12.59 19.62
CA ILE G 162 -57.19 -13.31 20.08
C ILE G 162 -57.41 -14.49 19.15
N SER G 163 -57.40 -15.69 19.73
CA SER G 163 -57.53 -16.94 18.99
C SER G 163 -58.87 -17.59 19.31
N TRP G 164 -59.44 -18.24 18.30
CA TRP G 164 -60.66 -19.01 18.42
C TRP G 164 -60.32 -20.49 18.27
N VAL G 165 -60.66 -21.26 19.31
CA VAL G 165 -60.42 -22.70 19.41
C VAL G 165 -61.78 -23.37 19.64
N ARG G 166 -62.01 -24.52 19.04
CA ARG G 166 -63.28 -25.20 19.24
C ARG G 166 -63.04 -26.64 19.66
N GLN G 167 -63.98 -27.17 20.46
CA GLN G 167 -63.90 -28.53 20.98
C GLN G 167 -65.26 -29.18 20.86
N ALA G 168 -65.35 -30.23 20.05
CA ALA G 168 -66.60 -30.96 19.91
C ALA G 168 -66.91 -31.69 21.22
N PRO G 169 -68.16 -32.12 21.41
CA PRO G 169 -68.44 -33.03 22.53
C PRO G 169 -67.73 -34.37 22.33
N GLY G 170 -66.96 -34.79 23.33
CA GLY G 170 -66.24 -36.04 23.26
C GLY G 170 -65.03 -36.05 22.33
N LYS G 171 -64.60 -34.89 21.84
CA LYS G 171 -63.41 -34.78 21.00
C LYS G 171 -62.41 -33.83 21.65
N GLY G 172 -61.30 -33.58 20.96
CA GLY G 172 -60.24 -32.75 21.47
C GLY G 172 -60.39 -31.29 21.09
N LEU G 173 -59.31 -30.55 21.29
CA LEU G 173 -59.23 -29.16 20.89
C LEU G 173 -58.99 -29.03 19.39
N GLU G 174 -59.47 -27.95 18.81
CA GLU G 174 -59.30 -27.67 17.39
C GLU G 174 -59.07 -26.17 17.23
N TYR G 175 -58.06 -25.81 16.44
CA TYR G 175 -57.66 -24.42 16.26
C TYR G 175 -58.39 -23.82 15.06
N ILE G 176 -59.23 -22.83 15.30
CA ILE G 176 -59.92 -22.13 14.21
C ILE G 176 -59.04 -21.01 13.69
N GLY G 177 -58.75 -20.01 14.52
CA GLY G 177 -58.00 -18.89 13.99
C GLY G 177 -57.39 -18.01 15.05
N ILE G 178 -56.84 -16.89 14.60
CA ILE G 178 -56.28 -15.89 15.50
C ILE G 178 -56.29 -14.56 14.75
N ILE G 179 -56.30 -13.46 15.50
CA ILE G 179 -56.23 -12.13 14.91
C ILE G 179 -55.38 -11.24 15.82
N TYR G 180 -54.56 -10.39 15.21
CA TYR G 180 -53.56 -9.63 15.91
C TYR G 180 -54.06 -8.22 16.20
N GLY G 181 -53.18 -7.40 16.81
CA GLY G 181 -53.47 -5.99 16.97
C GLY G 181 -53.51 -5.25 15.65
N GLY G 182 -52.66 -5.64 14.70
CA GLY G 182 -52.76 -5.13 13.34
C GLY G 182 -54.01 -5.53 12.60
N SER G 183 -54.92 -6.24 13.26
CA SER G 183 -56.22 -6.62 12.68
C SER G 183 -56.04 -7.39 11.38
N ILE G 184 -55.03 -8.25 11.36
CA ILE G 184 -54.79 -9.19 10.28
C ILE G 184 -55.25 -10.57 10.75
N PRO G 185 -56.35 -11.10 10.24
CA PRO G 185 -56.83 -12.40 10.69
C PRO G 185 -56.09 -13.55 10.02
N TYR G 186 -56.15 -14.71 10.68
CA TYR G 186 -55.62 -15.95 10.14
C TYR G 186 -56.55 -17.11 10.51
N TYR G 187 -56.95 -17.86 9.48
CA TYR G 187 -57.79 -19.03 9.62
C TYR G 187 -57.04 -20.25 9.12
N SER G 188 -57.34 -21.42 9.69
CA SER G 188 -56.73 -22.66 9.27
C SER G 188 -57.31 -23.13 7.95
N ARG G 189 -56.54 -23.97 7.25
CA ARG G 189 -56.89 -24.36 5.88
C ARG G 189 -58.18 -25.17 5.80
N TRP G 190 -58.58 -25.84 6.88
CA TRP G 190 -59.89 -26.49 6.89
C TRP G 190 -61.01 -25.47 7.10
N ALA G 191 -60.71 -24.36 7.77
CA ALA G 191 -61.70 -23.36 8.13
C ALA G 191 -61.77 -22.19 7.15
N LYS G 192 -60.95 -22.18 6.11
CA LYS G 192 -60.76 -20.97 5.31
C LYS G 192 -62.06 -20.54 4.64
N GLY G 193 -62.42 -19.28 4.85
CA GLY G 193 -63.51 -18.64 4.16
C GLY G 193 -64.87 -18.86 4.80
N ARG G 194 -65.03 -19.95 5.55
CA ARG G 194 -66.28 -20.19 6.26
C ARG G 194 -66.32 -19.41 7.57
N PHE G 195 -65.20 -19.38 8.29
CA PHE G 195 -65.04 -18.57 9.48
C PHE G 195 -64.34 -17.27 9.10
N THR G 196 -64.94 -16.15 9.47
CA THR G 196 -64.29 -14.85 9.36
C THR G 196 -64.15 -14.29 10.77
N ILE G 197 -62.94 -13.87 11.13
CA ILE G 197 -62.66 -13.28 12.42
C ILE G 197 -62.62 -11.77 12.27
N SER G 198 -63.30 -11.08 13.18
CA SER G 198 -63.48 -9.64 13.13
C SER G 198 -63.05 -9.04 14.46
N LYS G 199 -62.86 -7.72 14.46
CA LYS G 199 -62.51 -7.02 15.68
C LYS G 199 -63.15 -5.64 15.65
N THR G 200 -63.69 -5.25 16.81
CA THR G 200 -64.17 -3.90 17.05
C THR G 200 -63.35 -3.31 18.19
N SER G 201 -63.76 -2.13 18.64
CA SER G 201 -63.03 -1.44 19.70
C SER G 201 -62.77 -2.36 20.89
N THR G 202 -63.84 -2.94 21.45
CA THR G 202 -63.71 -3.74 22.67
C THR G 202 -63.75 -5.26 22.48
N THR G 203 -64.03 -5.78 21.28
CA THR G 203 -64.44 -7.17 21.17
C THR G 203 -63.76 -7.87 19.99
N VAL G 204 -63.89 -9.19 19.96
CA VAL G 204 -63.47 -10.00 18.81
C VAL G 204 -64.62 -10.90 18.40
N ALA G 205 -65.00 -10.85 17.12
CA ALA G 205 -66.19 -11.53 16.63
C ALA G 205 -65.80 -12.71 15.77
N LEU G 206 -66.53 -13.82 15.90
CA LEU G 206 -66.33 -15.01 15.08
C LEU G 206 -67.60 -15.28 14.29
N LYS G 207 -67.57 -15.02 12.98
CA LYS G 207 -68.74 -15.20 12.14
C LYS G 207 -68.57 -16.45 11.28
N MET G 208 -69.59 -17.30 11.25
CA MET G 208 -69.56 -18.57 10.55
C MET G 208 -70.75 -18.66 9.61
N SER G 209 -70.54 -19.27 8.44
CA SER G 209 -71.62 -19.52 7.50
C SER G 209 -71.73 -21.02 7.22
N THR G 210 -72.78 -21.38 6.47
CA THR G 210 -73.09 -22.74 6.02
C THR G 210 -72.72 -23.78 7.09
N LEU G 211 -73.41 -23.68 8.22
CA LEU G 211 -73.07 -24.48 9.39
C LEU G 211 -73.64 -25.88 9.23
N THR G 212 -72.77 -26.89 9.27
CA THR G 212 -73.18 -28.29 9.28
C THR G 212 -73.02 -28.87 10.68
N ALA G 213 -73.44 -30.12 10.84
CA ALA G 213 -73.32 -30.80 12.13
C ALA G 213 -71.87 -31.09 12.51
N SER G 214 -70.94 -31.06 11.54
CA SER G 214 -69.52 -31.16 11.85
C SER G 214 -69.03 -30.01 12.72
N ASP G 215 -69.79 -28.94 12.84
CA ASP G 215 -69.41 -27.74 13.58
C ASP G 215 -70.07 -27.63 14.96
N THR G 216 -70.85 -28.62 15.39
CA THR G 216 -71.47 -28.55 16.70
C THR G 216 -70.40 -28.79 17.76
N ALA G 217 -70.15 -27.79 18.60
CA ALA G 217 -68.99 -27.81 19.49
C ALA G 217 -69.08 -26.66 20.48
N THR G 218 -68.04 -26.53 21.28
CA THR G 218 -67.86 -25.43 22.23
C THR G 218 -66.71 -24.55 21.78
N TYR G 219 -66.96 -23.24 21.64
CA TYR G 219 -65.99 -22.31 21.08
C TYR G 219 -65.40 -21.45 22.20
N PHE G 220 -64.09 -21.51 22.33
CA PHE G 220 -63.29 -20.70 23.24
C PHE G 220 -62.53 -19.62 22.47
N CYS G 221 -62.26 -18.52 23.16
CA CYS G 221 -61.27 -17.55 22.73
C CYS G 221 -60.16 -17.49 23.77
N ALA G 222 -58.96 -17.12 23.33
CA ALA G 222 -57.84 -16.99 24.24
C ALA G 222 -56.84 -15.98 23.70
N ARG G 223 -56.12 -15.32 24.62
CA ARG G 223 -55.12 -14.33 24.23
C ARG G 223 -53.84 -15.04 23.83
N GLY G 224 -53.46 -14.89 22.56
CA GLY G 224 -52.10 -15.17 22.16
C GLY G 224 -51.18 -14.06 22.62
N LYS G 225 -50.12 -14.43 23.34
CA LYS G 225 -49.02 -13.54 23.66
C LYS G 225 -47.91 -13.80 22.65
N SER G 226 -47.45 -12.75 21.99
CA SER G 226 -46.62 -12.90 20.80
C SER G 226 -45.17 -13.24 21.16
N ASP G 227 -44.57 -14.10 20.34
CA ASP G 227 -43.14 -14.30 20.32
C ASP G 227 -42.47 -13.04 19.76
N GLY G 228 -41.20 -12.85 20.12
CA GLY G 228 -40.44 -11.75 19.54
C GLY G 228 -40.47 -11.76 18.03
N ASP G 229 -40.52 -12.96 17.44
CA ASP G 229 -40.66 -13.13 16.00
C ASP G 229 -42.07 -12.81 15.51
N GLY G 230 -43.02 -12.53 16.40
CA GLY G 230 -44.38 -12.25 16.00
C GLY G 230 -45.32 -13.43 15.91
N TYR G 231 -45.09 -14.47 16.73
CA TYR G 231 -45.94 -15.66 16.76
C TYR G 231 -46.70 -15.68 18.09
N ALA G 232 -48.01 -15.46 18.04
CA ALA G 232 -48.84 -15.64 19.23
C ALA G 232 -49.65 -16.94 19.23
N ALA G 233 -49.65 -17.72 18.15
CA ALA G 233 -50.69 -18.71 17.98
C ALA G 233 -50.48 -19.98 18.81
N TYR G 234 -49.27 -20.22 19.30
CA TYR G 234 -49.02 -21.40 20.11
C TYR G 234 -49.03 -21.15 21.61
N ARG G 235 -49.08 -19.90 22.05
CA ARG G 235 -49.12 -19.58 23.48
C ARG G 235 -50.46 -18.89 23.70
N LEU G 236 -51.42 -19.65 24.21
CA LEU G 236 -52.81 -19.18 24.30
C LEU G 236 -53.21 -19.24 25.77
N ASP G 237 -53.38 -18.06 26.36
CA ASP G 237 -53.68 -17.93 27.77
C ASP G 237 -53.82 -16.44 28.10
N PRO G 238 -54.83 -16.08 28.90
CA PRO G 238 -55.84 -16.99 29.47
C PRO G 238 -56.97 -17.34 28.49
N TRP G 239 -57.88 -18.19 28.95
CA TRP G 239 -58.90 -18.78 28.11
C TRP G 239 -60.29 -18.37 28.58
N GLY G 240 -61.20 -18.16 27.63
CA GLY G 240 -62.60 -18.03 27.97
C GLY G 240 -63.25 -19.38 28.25
N LEU G 241 -64.41 -19.33 28.88
CA LEU G 241 -65.07 -20.53 29.39
C LEU G 241 -65.96 -21.21 28.37
N GLY G 242 -65.95 -20.76 27.12
CA GLY G 242 -66.62 -21.47 26.06
C GLY G 242 -68.10 -21.16 25.98
N THR G 243 -68.70 -21.54 24.86
CA THR G 243 -70.12 -21.34 24.64
C THR G 243 -70.66 -22.42 23.72
N LEU G 244 -71.91 -22.81 23.95
CA LEU G 244 -72.47 -24.01 23.35
C LEU G 244 -73.13 -23.67 22.03
N VAL G 245 -72.62 -24.25 20.95
CA VAL G 245 -73.14 -24.05 19.59
C VAL G 245 -73.57 -25.41 19.06
N THR G 246 -74.87 -25.58 18.83
CA THR G 246 -75.43 -26.84 18.35
C THR G 246 -76.07 -26.63 16.99
N ILE G 247 -75.71 -27.48 16.03
CA ILE G 247 -76.25 -27.44 14.67
C ILE G 247 -77.03 -28.74 14.47
N SER G 248 -78.35 -28.65 14.36
CA SER G 248 -79.23 -29.79 14.21
C SER G 248 -80.67 -29.30 14.07
N SER G 249 -81.55 -30.17 13.59
CA SER G 249 -82.95 -29.81 13.37
C SER G 249 -83.90 -30.64 14.23
N LYS H 7 -42.95 7.82 2.72
CA LYS H 7 -43.29 9.25 2.73
C LYS H 7 -44.32 9.58 1.67
N GLU H 8 -44.13 9.05 0.46
CA GLU H 8 -45.04 9.32 -0.65
C GLU H 8 -46.44 8.76 -0.41
N PHE H 9 -46.62 7.90 0.58
CA PHE H 9 -47.91 7.32 0.89
C PHE H 9 -48.66 8.07 1.99
N GLY H 10 -48.09 9.13 2.52
CA GLY H 10 -48.76 9.96 3.49
C GLY H 10 -48.29 9.80 4.92
N ALA H 11 -47.33 8.93 5.17
CA ALA H 11 -46.77 8.77 6.51
C ALA H 11 -45.32 9.22 6.50
N THR H 12 -44.73 9.21 7.69
CA THR H 12 -43.30 9.31 7.88
C THR H 12 -42.88 8.03 8.57
N VAL H 13 -41.77 7.42 8.17
CA VAL H 13 -41.40 6.15 8.80
C VAL H 13 -40.68 6.58 10.08
N GLU H 14 -41.51 6.93 11.04
CA GLU H 14 -41.26 7.45 12.38
C GLU H 14 -42.48 6.98 13.16
N LEU H 15 -43.65 7.36 12.62
CA LEU H 15 -44.95 6.98 13.17
C LEU H 15 -45.03 5.50 13.48
N LEU H 16 -44.57 4.64 12.57
CA LEU H 16 -44.69 3.21 12.79
C LEU H 16 -43.86 2.74 13.98
N SER H 17 -42.77 3.45 14.29
CA SER H 17 -41.95 3.10 15.46
C SER H 17 -42.69 3.34 16.77
N PHE H 18 -43.89 3.92 16.73
CA PHE H 18 -44.74 3.99 17.90
C PHE H 18 -45.41 2.65 18.19
N LEU H 19 -45.75 1.90 17.15
CA LEU H 19 -46.46 0.63 17.34
C LEU H 19 -45.54 -0.41 17.97
N PRO H 20 -45.98 -1.08 19.03
CA PRO H 20 -45.15 -2.12 19.65
C PRO H 20 -45.01 -3.34 18.75
N SER H 21 -44.03 -4.18 19.09
CA SER H 21 -43.63 -5.27 18.21
C SER H 21 -44.73 -6.32 18.06
N ASP H 22 -45.46 -6.62 19.14
CA ASP H 22 -46.51 -7.64 19.05
C ASP H 22 -47.72 -7.18 18.25
N PHE H 23 -47.79 -5.88 17.90
CA PHE H 23 -48.88 -5.40 17.07
C PHE H 23 -48.89 -6.08 15.71
N PHE H 24 -47.73 -6.38 15.18
CA PHE H 24 -47.52 -7.00 13.87
C PHE H 24 -47.38 -8.52 14.00
N PRO H 25 -47.97 -9.27 13.07
CA PRO H 25 -47.60 -10.68 12.95
C PRO H 25 -46.18 -10.85 12.47
N SER H 26 -45.75 -12.09 12.20
CA SER H 26 -44.39 -12.34 11.78
C SER H 26 -44.19 -11.89 10.33
N VAL H 27 -42.95 -12.02 9.84
CA VAL H 27 -42.72 -11.80 8.42
C VAL H 27 -43.33 -12.93 7.62
N ARG H 28 -43.32 -14.16 8.15
CA ARG H 28 -43.89 -15.28 7.42
C ARG H 28 -45.41 -15.19 7.38
N ASP H 29 -46.02 -14.75 8.48
CA ASP H 29 -47.45 -14.47 8.48
C ASP H 29 -47.79 -13.36 7.49
N LEU H 30 -46.97 -12.32 7.45
CA LEU H 30 -47.27 -11.19 6.58
C LEU H 30 -47.07 -11.52 5.12
N LEU H 31 -46.07 -12.37 4.81
CA LEU H 31 -45.93 -12.80 3.43
C LEU H 31 -47.04 -13.75 3.05
N ASP H 32 -47.55 -14.52 4.04
CA ASP H 32 -48.73 -15.32 3.78
C ASP H 32 -49.93 -14.43 3.47
N THR H 33 -50.03 -13.28 4.14
CA THR H 33 -51.16 -12.39 3.91
C THR H 33 -51.03 -11.66 2.58
N ALA H 34 -49.82 -11.26 2.21
CA ALA H 34 -49.61 -10.54 0.96
C ALA H 34 -49.75 -11.46 -0.24
N ALA H 35 -49.08 -12.61 -0.19
CA ALA H 35 -49.20 -13.59 -1.27
C ALA H 35 -50.62 -14.15 -1.39
N ALA H 36 -51.47 -13.93 -0.39
CA ALA H 36 -52.89 -14.26 -0.48
C ALA H 36 -53.75 -13.06 -0.85
N LEU H 37 -53.17 -11.87 -0.96
CA LEU H 37 -53.87 -10.70 -1.49
C LEU H 37 -53.58 -10.56 -2.98
N TYR H 38 -52.30 -10.44 -3.33
CA TYR H 38 -51.89 -10.53 -4.73
C TYR H 38 -52.53 -11.71 -5.44
N ARG H 39 -52.75 -12.81 -4.72
CA ARG H 39 -53.41 -13.96 -5.34
C ARG H 39 -54.93 -13.78 -5.38
N ASP H 40 -55.53 -13.20 -4.33
CA ASP H 40 -56.98 -13.08 -4.28
C ASP H 40 -57.52 -11.75 -4.80
N ALA H 41 -56.66 -10.76 -5.07
CA ALA H 41 -57.11 -9.51 -5.69
C ALA H 41 -56.79 -9.39 -7.19
N LEU H 42 -56.07 -10.35 -7.77
CA LEU H 42 -55.54 -10.21 -9.12
C LEU H 42 -56.53 -10.69 -10.18
N GLU H 43 -57.80 -10.78 -9.81
CA GLU H 43 -58.92 -11.12 -10.68
C GLU H 43 -59.08 -10.03 -11.74
N SER H 44 -60.26 -9.89 -12.34
CA SER H 44 -60.54 -8.82 -13.28
C SER H 44 -59.88 -7.51 -12.87
N PRO H 45 -59.84 -7.15 -11.56
CA PRO H 45 -59.02 -5.99 -11.14
C PRO H 45 -57.52 -6.23 -11.18
N GLU H 46 -56.89 -6.06 -12.35
CA GLU H 46 -55.43 -6.07 -12.45
C GLU H 46 -54.82 -4.71 -12.15
N HIS H 47 -55.64 -3.70 -11.87
CA HIS H 47 -55.15 -2.34 -11.72
C HIS H 47 -54.01 -2.32 -10.71
N ALA H 48 -52.88 -1.74 -11.10
CA ALA H 48 -51.68 -1.83 -10.29
C ALA H 48 -51.76 -0.69 -9.30
N SER H 49 -52.12 -1.01 -8.10
CA SER H 49 -52.37 -0.05 -7.03
C SER H 49 -51.10 0.15 -6.23
N PRO H 50 -50.83 1.39 -5.84
CA PRO H 50 -49.54 1.70 -5.21
C PRO H 50 -49.18 0.77 -4.06
N HIS H 51 -50.15 0.40 -3.22
CA HIS H 51 -49.85 -0.50 -2.10
C HIS H 51 -49.56 -1.91 -2.58
N HIS H 52 -50.30 -2.40 -3.57
CA HIS H 52 -50.05 -3.73 -4.11
C HIS H 52 -48.64 -3.81 -4.69
N THR H 53 -48.35 -2.93 -5.64
CA THR H 53 -47.07 -2.93 -6.33
C THR H 53 -45.91 -2.55 -5.42
N ALA H 54 -46.17 -1.92 -4.28
CA ALA H 54 -45.11 -1.74 -3.30
C ALA H 54 -44.91 -2.98 -2.44
N LEU H 55 -46.01 -3.64 -2.06
CA LEU H 55 -45.91 -4.92 -1.35
C LEU H 55 -44.98 -5.87 -2.07
N ARG H 56 -45.11 -5.98 -3.39
CA ARG H 56 -44.22 -6.90 -4.09
C ARG H 56 -42.76 -6.43 -4.10
N GLN H 57 -42.54 -5.12 -4.01
CA GLN H 57 -41.17 -4.62 -3.83
C GLN H 57 -40.59 -5.05 -2.48
N ALA H 58 -41.41 -5.06 -1.43
CA ALA H 58 -40.95 -5.55 -0.14
C ALA H 58 -40.78 -7.08 -0.15
N ILE H 59 -41.65 -7.80 -0.88
CA ILE H 59 -41.56 -9.25 -1.02
C ILE H 59 -40.20 -9.62 -1.61
N LEU H 60 -39.84 -8.98 -2.73
CA LEU H 60 -38.53 -9.20 -3.33
C LEU H 60 -37.41 -8.68 -2.43
N CYS H 61 -37.61 -7.53 -1.79
CA CYS H 61 -36.64 -7.02 -0.84
C CYS H 61 -36.25 -8.08 0.18
N TRP H 62 -37.24 -8.78 0.73
CA TRP H 62 -36.97 -9.84 1.69
C TRP H 62 -36.07 -10.93 1.07
N GLY H 63 -36.50 -11.57 -0.03
CA GLY H 63 -35.66 -12.60 -0.65
C GLY H 63 -34.23 -12.15 -0.89
N ASP H 64 -34.07 -10.94 -1.45
CA ASP H 64 -32.77 -10.32 -1.61
C ASP H 64 -32.08 -10.02 -0.29
N LEU H 65 -32.77 -10.23 0.83
CA LEU H 65 -32.27 -9.96 2.17
C LEU H 65 -31.95 -11.25 2.94
N MET H 66 -32.97 -12.07 3.23
CA MET H 66 -32.81 -13.39 3.83
C MET H 66 -31.95 -14.32 2.96
N THR H 67 -31.70 -13.98 1.70
CA THR H 67 -30.66 -14.69 0.97
C THR H 67 -29.28 -14.39 1.58
N LEU H 68 -28.97 -13.11 1.78
CA LEU H 68 -27.77 -12.77 2.54
C LEU H 68 -27.81 -13.39 3.93
N ALA H 69 -29.00 -13.53 4.51
CA ALA H 69 -29.11 -14.08 5.86
C ALA H 69 -28.90 -15.60 5.87
N THR H 70 -29.19 -16.30 4.78
CA THR H 70 -28.93 -17.74 4.71
C THR H 70 -27.56 -18.08 4.15
N TRP H 71 -26.83 -17.09 3.65
CA TRP H 71 -25.52 -17.26 3.04
C TRP H 71 -24.42 -17.60 4.05
N VAL H 72 -24.77 -17.63 5.33
CA VAL H 72 -23.81 -17.77 6.44
C VAL H 72 -23.55 -19.23 6.81
N GLY H 73 -23.94 -20.17 5.95
CA GLY H 73 -23.17 -21.39 5.95
C GLY H 73 -21.69 -21.18 5.69
N THR H 74 -21.32 -19.97 5.24
CA THR H 74 -19.98 -19.61 4.75
C THR H 74 -19.09 -18.94 5.82
N ASN H 75 -19.49 -18.91 7.08
CA ASN H 75 -18.58 -18.38 8.12
C ASN H 75 -17.82 -19.46 8.87
N VAL H 86 -20.18 -19.02 15.45
CA VAL H 86 -19.22 -17.98 15.85
C VAL H 86 -19.94 -16.62 15.93
N SER H 87 -19.68 -15.72 14.98
CA SER H 87 -20.20 -14.36 14.96
C SER H 87 -21.56 -14.27 14.28
N TYR H 88 -22.23 -15.41 14.11
CA TYR H 88 -23.43 -15.56 13.28
C TYR H 88 -24.56 -14.60 13.65
N VAL H 89 -24.38 -13.80 14.72
CA VAL H 89 -25.46 -12.96 15.21
C VAL H 89 -25.99 -12.16 14.03
N ASN H 90 -27.27 -12.33 13.75
CA ASN H 90 -27.89 -11.84 12.53
C ASN H 90 -28.88 -10.76 12.91
N THR H 91 -29.10 -9.81 12.02
CA THR H 91 -30.09 -8.78 12.28
C THR H 91 -31.42 -9.30 11.75
N ASN H 92 -32.28 -9.68 12.68
CA ASN H 92 -33.70 -9.84 12.45
C ASN H 92 -34.47 -8.61 12.91
N VAL H 93 -33.72 -7.55 13.25
CA VAL H 93 -34.25 -6.20 13.31
C VAL H 93 -34.76 -5.74 11.95
N GLY H 94 -34.59 -6.57 10.92
CA GLY H 94 -35.31 -6.41 9.68
C GLY H 94 -36.79 -6.68 9.91
N LEU H 95 -37.18 -6.75 11.20
CA LEU H 95 -38.58 -6.59 11.57
C LEU H 95 -39.12 -5.25 11.09
N LYS H 96 -38.25 -4.34 10.65
CA LYS H 96 -38.72 -3.18 9.90
C LYS H 96 -39.71 -3.61 8.81
N PHE H 97 -39.43 -4.72 8.14
CA PHE H 97 -40.35 -5.24 7.12
C PHE H 97 -41.70 -5.60 7.72
N ARG H 98 -41.69 -6.24 8.90
CA ARG H 98 -42.93 -6.50 9.62
C ARG H 98 -43.79 -5.24 9.72
N GLN H 99 -43.14 -4.08 9.82
CA GLN H 99 -43.88 -2.83 9.78
C GLN H 99 -44.41 -2.56 8.38
N LEU H 100 -43.50 -2.40 7.42
CA LEU H 100 -43.89 -1.99 6.06
C LEU H 100 -44.92 -2.96 5.46
N LEU H 101 -44.69 -4.26 5.64
CA LEU H 101 -45.63 -5.25 5.13
C LEU H 101 -47.03 -5.01 5.67
N TRP H 102 -47.14 -4.72 6.97
CA TRP H 102 -48.45 -4.38 7.51
C TRP H 102 -49.01 -3.13 6.84
N PHE H 103 -48.17 -2.11 6.68
CA PHE H 103 -48.65 -0.79 6.27
C PHE H 103 -49.35 -0.85 4.92
N HIS H 104 -48.82 -1.65 4.00
CA HIS H 104 -49.46 -1.79 2.69
C HIS H 104 -50.61 -2.80 2.69
N ILE H 105 -50.61 -3.76 3.61
CA ILE H 105 -51.69 -4.75 3.63
C ILE H 105 -52.95 -4.17 4.25
N SER H 106 -52.80 -3.56 5.43
CA SER H 106 -53.94 -2.90 6.06
C SER H 106 -54.51 -1.83 5.14
N ALA H 107 -53.66 -0.93 4.64
CA ALA H 107 -54.09 0.08 3.69
C ALA H 107 -54.74 -0.52 2.44
N LEU H 108 -54.47 -1.79 2.17
CA LEU H 108 -55.14 -2.47 1.06
C LEU H 108 -56.53 -2.93 1.45
N THR H 109 -56.66 -3.54 2.64
CA THR H 109 -57.95 -4.04 3.13
C THR H 109 -58.77 -2.97 3.86
N PHE H 110 -58.15 -2.17 4.73
CA PHE H 110 -58.86 -1.11 5.43
C PHE H 110 -58.98 0.16 4.59
N GLY H 111 -57.98 0.46 3.78
CA GLY H 111 -57.86 1.70 3.06
C GLY H 111 -56.83 2.64 3.68
N ARG H 112 -56.17 3.42 2.83
CA ARG H 112 -55.14 4.36 3.27
C ARG H 112 -55.72 5.47 4.15
N GLU H 113 -56.92 5.93 3.81
CA GLU H 113 -57.70 6.82 4.65
C GLU H 113 -57.71 6.35 6.10
N THR H 114 -58.33 5.19 6.33
CA THR H 114 -58.49 4.67 7.69
C THR H 114 -57.15 4.32 8.34
N VAL H 115 -56.16 3.90 7.54
CA VAL H 115 -54.88 3.47 8.10
C VAL H 115 -54.10 4.66 8.63
N LEU H 116 -53.96 5.72 7.83
CA LEU H 116 -53.34 6.94 8.34
C LEU H 116 -54.13 7.49 9.52
N GLU H 117 -55.46 7.46 9.42
CA GLU H 117 -56.29 7.92 10.52
C GLU H 117 -56.06 7.11 11.80
N TYR H 118 -55.66 5.85 11.66
CA TYR H 118 -55.34 5.04 12.84
C TYR H 118 -53.93 5.35 13.35
N LEU H 119 -52.97 5.55 12.44
CA LEU H 119 -51.61 5.83 12.86
C LEU H 119 -51.53 7.13 13.66
N VAL H 120 -52.28 8.15 13.22
CA VAL H 120 -52.23 9.41 13.95
C VAL H 120 -52.85 9.25 15.34
N SER H 121 -53.93 8.46 15.45
CA SER H 121 -54.56 8.27 16.75
C SER H 121 -53.65 7.51 17.70
N PHE H 122 -53.01 6.44 17.22
CA PHE H 122 -52.09 5.70 18.07
C PHE H 122 -50.91 6.57 18.49
N GLY H 123 -50.24 7.19 17.51
CA GLY H 123 -49.13 8.09 17.83
C GLY H 123 -49.51 9.13 18.87
N VAL H 124 -50.66 9.78 18.69
CA VAL H 124 -51.14 10.74 19.69
C VAL H 124 -51.33 10.05 21.04
N TRP H 125 -51.75 8.78 21.04
CA TRP H 125 -52.03 8.09 22.29
C TRP H 125 -50.75 7.78 23.06
N ILE H 126 -49.63 7.55 22.38
CA ILE H 126 -48.38 7.24 23.09
C ILE H 126 -47.84 8.46 23.82
N ARG H 127 -47.81 9.60 23.15
CA ARG H 127 -47.21 10.79 23.74
C ARG H 127 -48.20 11.57 24.59
N THR H 128 -49.41 11.04 24.81
CA THR H 128 -50.36 11.53 25.79
C THR H 128 -50.08 10.90 27.15
N PRO H 129 -50.04 11.68 28.23
CA PRO H 129 -49.71 11.10 29.53
C PRO H 129 -50.77 10.10 29.96
N PRO H 130 -50.40 9.11 30.76
CA PRO H 130 -51.40 8.16 31.25
C PRO H 130 -52.37 8.82 32.21
N ALA H 131 -53.55 8.19 32.33
CA ALA H 131 -54.67 8.66 33.15
C ALA H 131 -55.35 9.87 32.52
N TYR H 132 -54.76 10.44 31.48
CA TYR H 132 -55.43 11.38 30.59
C TYR H 132 -55.93 10.71 29.31
N ARG H 133 -55.74 9.40 29.20
CA ARG H 133 -56.06 8.61 28.02
C ARG H 133 -56.86 7.38 28.43
N PRO H 134 -57.57 6.77 27.49
CA PRO H 134 -58.27 5.51 27.78
C PRO H 134 -57.31 4.42 28.20
N PRO H 135 -57.79 3.39 28.93
CA PRO H 135 -56.87 2.33 29.36
C PRO H 135 -56.23 1.57 28.20
N ASN H 136 -56.97 1.38 27.11
CA ASN H 136 -56.43 0.73 25.93
C ASN H 136 -56.13 1.76 24.84
N ALA H 137 -55.07 1.49 24.08
CA ALA H 137 -54.76 2.30 22.92
C ALA H 137 -55.91 2.23 21.92
N PRO H 138 -56.02 3.22 21.03
CA PRO H 138 -57.03 3.14 19.98
C PRO H 138 -56.84 1.87 19.16
N ILE H 139 -57.95 1.20 18.88
CA ILE H 139 -57.95 -0.09 18.21
C ILE H 139 -58.48 0.09 16.81
N LEU H 140 -57.87 -0.60 15.85
CA LEU H 140 -58.30 -0.50 14.46
C LEU H 140 -59.35 -1.57 14.22
N SER H 141 -60.61 -1.14 14.13
CA SER H 141 -61.73 -2.04 13.90
C SER H 141 -61.82 -2.41 12.42
N THR H 142 -62.55 -3.49 12.16
CA THR H 142 -62.79 -3.94 10.79
C THR H 142 -63.85 -3.03 10.15
N LEU H 143 -64.34 -3.43 8.98
CA LEU H 143 -65.24 -2.59 8.20
C LEU H 143 -66.52 -3.31 7.78
#